data_6WZ8
#
_entry.id   6WZ8
#
_cell.length_a   74.149
_cell.length_b   77.520
_cell.length_c   137.126
_cell.angle_alpha   90.000
_cell.angle_beta   104.460
_cell.angle_gamma   90.000
#
_symmetry.space_group_name_H-M   'P 1 21 1'
#
loop_
_entity.id
_entity.type
_entity.pdbx_description
1 polymer Glutaminase-asparaginase
2 non-polymer 'CITRIC ACID'
3 water water
#
_entity_poly.entity_id   1
_entity_poly.type   'polypeptide(L)'
_entity_poly.pdbx_seq_one_letter_code
;KEAETQQKLANVVILATGGTIAGAGASAANSATYQAAKLGVDKLIAGVPELADIANVRGEQVMQIASESISNDDLLKLGK
RVAELAESKDVDGIVITHGTDTLEETAFFLNLVEKTDKPIVVVGSMRPGTAMSADGMLNLYNAVAVASDKQSRGKGVLVT
MNDEIQSGRDVSKAVNIKTEAFKSAWGPMGMVVEGKSYWFRLPAKRHTVNSEFDIKQISSLPQVDIAYGYGNVTDTAYKA
LAQNGAKALIHAGTGNGSVSSRVVPALQELRKNGVQIIRSSHVNQGGFVLRNAEQPDDKNDWVVAHDLNPQKARILAMVA
MTKTQDSKELQRIFWEY
;
_entity_poly.pdbx_strand_id   A,B,C,D
#
loop_
_chem_comp.id
_chem_comp.type
_chem_comp.name
_chem_comp.formula
CIT non-polymer 'CITRIC ACID' 'C6 H8 O7'
#
# COMPACT_ATOMS: atom_id res chain seq x y z
N LYS A 8 -12.14 12.72 -36.71
CA LYS A 8 -11.61 14.09 -36.41
C LYS A 8 -10.96 14.10 -35.02
N LEU A 9 -9.72 14.57 -34.91
CA LEU A 9 -8.96 14.56 -33.64
C LEU A 9 -9.33 15.78 -32.76
N ALA A 10 -9.28 15.57 -31.46
CA ALA A 10 -9.46 16.63 -30.45
C ALA A 10 -8.34 17.66 -30.59
N ASN A 11 -8.68 18.90 -30.31
CA ASN A 11 -7.73 20.03 -30.17
C ASN A 11 -7.27 20.12 -28.70
N VAL A 12 -6.03 19.76 -28.47
CA VAL A 12 -5.47 19.84 -27.09
C VAL A 12 -4.44 20.95 -27.07
N VAL A 13 -4.47 21.77 -26.02
CA VAL A 13 -3.38 22.76 -25.81
C VAL A 13 -2.53 22.30 -24.62
N ILE A 14 -1.22 22.28 -24.80
CA ILE A 14 -0.27 22.01 -23.69
C ILE A 14 0.25 23.33 -23.15
N LEU A 15 -0.03 23.62 -21.88
CA LEU A 15 0.51 24.79 -21.15
C LEU A 15 1.73 24.34 -20.33
N ALA A 16 2.91 24.73 -20.72
CA ALA A 16 4.16 24.34 -20.06
C ALA A 16 4.47 25.31 -18.90
N THR A 17 4.94 24.77 -17.76
CA THR A 17 5.28 25.61 -16.59
C THR A 17 6.71 25.31 -16.11
N GLY A 18 7.37 24.30 -16.67
CA GLY A 18 8.71 23.86 -16.28
C GLY A 18 8.69 22.44 -15.71
N GLY A 19 9.50 22.22 -14.70
CA GLY A 19 9.64 20.89 -14.09
C GLY A 19 10.69 19.99 -14.69
N THR A 20 10.85 18.84 -14.04
CA THR A 20 11.76 17.74 -14.42
C THR A 20 11.39 17.26 -15.84
N ILE A 21 10.09 17.25 -16.19
CA ILE A 21 9.59 16.78 -17.51
C ILE A 21 10.29 17.58 -18.60
N ALA A 22 10.61 18.84 -18.32
CA ALA A 22 11.32 19.77 -19.23
C ALA A 22 12.80 19.86 -18.86
N GLY A 23 13.31 18.93 -18.08
CA GLY A 23 14.64 19.03 -17.44
C GLY A 23 15.69 18.28 -18.25
N ALA A 24 16.94 18.30 -17.77
CA ALA A 24 18.09 17.57 -18.36
C ALA A 24 19.10 17.23 -17.26
N GLY A 25 19.64 16.01 -17.30
CA GLY A 25 20.79 15.55 -16.50
C GLY A 25 22.05 15.43 -17.36
N ALA A 26 23.21 15.35 -16.71
CA ALA A 26 24.55 15.33 -17.36
C ALA A 26 24.69 14.06 -18.23
N SER A 27 24.08 12.95 -17.80
CA SER A 27 24.21 11.62 -18.47
C SER A 27 22.89 10.83 -18.35
N ALA A 28 22.76 9.74 -19.11
CA ALA A 28 21.57 8.85 -19.13
C ALA A 28 21.33 8.24 -17.72
N ALA A 29 22.38 7.92 -16.92
CA ALA A 29 22.19 7.32 -15.56
C ALA A 29 21.79 8.37 -14.49
N ASN A 30 21.73 9.67 -14.84
CA ASN A 30 21.20 10.76 -13.96
C ASN A 30 19.67 10.84 -14.05
N SER A 31 18.99 9.92 -13.36
CA SER A 31 17.50 9.89 -13.25
C SER A 31 17.05 10.80 -12.11
N ALA A 32 17.96 11.20 -11.19
CA ALA A 32 17.60 11.87 -9.90
C ALA A 32 18.31 13.23 -9.69
N THR A 33 19.47 13.44 -10.30
CA THR A 33 20.28 14.69 -10.25
C THR A 33 20.25 15.33 -11.64
N TYR A 34 19.56 16.47 -11.77
CA TYR A 34 19.29 17.11 -13.09
C TYR A 34 18.95 18.59 -12.85
N GLN A 35 18.90 19.37 -13.93
CA GLN A 35 18.37 20.76 -13.91
C GLN A 35 16.98 20.73 -14.52
N ALA A 36 16.01 21.36 -13.85
CA ALA A 36 14.60 21.42 -14.26
C ALA A 36 14.43 22.59 -15.24
N ALA A 37 13.35 22.53 -16.01
CA ALA A 37 12.76 23.69 -16.70
C ALA A 37 13.79 24.24 -17.71
N LYS A 38 14.39 23.36 -18.53
CA LYS A 38 15.37 23.77 -19.58
C LYS A 38 14.77 23.77 -21.00
N LEU A 39 13.86 22.86 -21.31
CA LEU A 39 13.32 22.68 -22.69
C LEU A 39 12.02 23.44 -22.83
N GLY A 40 11.84 24.17 -23.94
CA GLY A 40 10.59 24.81 -24.30
C GLY A 40 9.54 23.78 -24.65
N VAL A 41 8.28 24.18 -24.63
CA VAL A 41 7.09 23.32 -24.88
C VAL A 41 7.19 22.72 -26.29
N ASP A 42 7.67 23.46 -27.29
CA ASP A 42 7.71 22.89 -28.65
C ASP A 42 8.69 21.71 -28.70
N LYS A 43 9.80 21.74 -27.95
CA LYS A 43 10.73 20.60 -27.90
C LYS A 43 10.09 19.43 -27.16
N LEU A 44 9.33 19.67 -26.08
CA LEU A 44 8.58 18.58 -25.40
C LEU A 44 7.63 17.91 -26.39
N ILE A 45 6.86 18.71 -27.11
CA ILE A 45 5.86 18.17 -28.07
C ILE A 45 6.58 17.38 -29.16
N ALA A 46 7.66 17.92 -29.72
CA ALA A 46 8.38 17.25 -30.84
C ALA A 46 9.06 15.97 -30.35
N GLY A 47 9.35 15.88 -29.04
CA GLY A 47 9.94 14.70 -28.38
C GLY A 47 9.01 13.50 -28.38
N VAL A 48 7.71 13.72 -28.63
CA VAL A 48 6.70 12.62 -28.62
C VAL A 48 5.92 12.68 -29.93
N PRO A 49 6.54 12.26 -31.05
CA PRO A 49 5.91 12.38 -32.36
C PRO A 49 4.58 11.64 -32.47
N GLU A 50 4.38 10.57 -31.67
CA GLU A 50 3.11 9.79 -31.65
C GLU A 50 1.96 10.65 -31.13
N LEU A 51 2.20 11.81 -30.54
CA LEU A 51 1.08 12.70 -30.16
C LEU A 51 0.17 12.97 -31.36
N ALA A 52 0.74 13.07 -32.56
CA ALA A 52 -0.06 13.46 -33.75
C ALA A 52 -1.10 12.38 -34.06
N ASP A 53 -0.87 11.16 -33.61
CA ASP A 53 -1.79 10.03 -33.84
C ASP A 53 -3.06 10.25 -33.02
N ILE A 54 -3.00 10.97 -31.90
CA ILE A 54 -4.12 10.95 -30.92
C ILE A 54 -4.79 12.31 -30.75
N ALA A 55 -4.17 13.42 -31.16
CA ALA A 55 -4.77 14.74 -31.00
C ALA A 55 -4.10 15.74 -31.92
N ASN A 56 -4.75 16.88 -32.11
CA ASN A 56 -4.13 18.10 -32.72
C ASN A 56 -3.57 18.93 -31.56
N VAL A 57 -2.25 18.96 -31.41
CA VAL A 57 -1.60 19.55 -30.21
C VAL A 57 -0.89 20.86 -30.59
N ARG A 58 -1.04 21.85 -29.73
CA ARG A 58 -0.18 23.04 -29.77
C ARG A 58 0.23 23.39 -28.34
N GLY A 59 1.37 24.03 -28.20
CA GLY A 59 1.99 24.35 -26.90
C GLY A 59 2.06 25.84 -26.65
N GLU A 60 1.97 26.23 -25.39
CA GLU A 60 2.31 27.60 -24.94
C GLU A 60 3.19 27.47 -23.73
N GLN A 61 4.23 28.31 -23.64
CA GLN A 61 5.09 28.46 -22.45
C GLN A 61 4.48 29.47 -21.50
N VAL A 62 3.82 29.03 -20.44
CA VAL A 62 3.22 29.97 -19.46
C VAL A 62 4.32 30.50 -18.55
N MET A 63 5.25 29.64 -18.17
CA MET A 63 6.38 29.99 -17.30
C MET A 63 7.36 28.84 -17.40
N GLN A 64 8.50 28.96 -16.76
CA GLN A 64 9.59 27.98 -16.92
C GLN A 64 10.28 27.92 -15.58
N ILE A 65 9.67 27.21 -14.63
CA ILE A 65 10.12 27.22 -13.21
C ILE A 65 10.32 25.80 -12.69
N ALA A 66 11.15 25.69 -11.66
CA ALA A 66 11.19 24.55 -10.74
C ALA A 66 9.99 24.75 -9.80
N SER A 67 9.12 23.75 -9.65
CA SER A 67 7.79 23.98 -9.05
C SER A 67 7.93 24.17 -7.55
N GLU A 68 9.08 23.85 -6.97
CA GLU A 68 9.26 24.12 -5.53
C GLU A 68 9.28 25.64 -5.30
N SER A 69 9.51 26.45 -6.34
CA SER A 69 9.53 27.94 -6.19
C SER A 69 8.28 28.62 -6.75
N ILE A 70 7.22 27.88 -7.05
CA ILE A 70 5.96 28.46 -7.54
C ILE A 70 5.40 29.49 -6.54
N SER A 71 4.74 30.53 -7.06
CA SER A 71 4.15 31.62 -6.26
C SER A 71 2.64 31.64 -6.50
N ASN A 72 1.93 32.35 -5.65
CA ASN A 72 0.50 32.62 -5.84
C ASN A 72 0.30 33.36 -7.17
N ASP A 73 1.17 34.30 -7.51
CA ASP A 73 1.05 35.01 -8.82
C ASP A 73 1.12 34.02 -10.00
N ASP A 74 2.02 33.03 -9.95
CA ASP A 74 2.09 31.94 -10.95
C ASP A 74 0.77 31.20 -11.03
N LEU A 75 0.19 30.81 -9.88
CA LEU A 75 -1.09 30.09 -9.88
C LEU A 75 -2.18 30.92 -10.55
N LEU A 76 -2.27 32.19 -10.24
CA LEU A 76 -3.32 33.04 -10.85
C LEU A 76 -3.04 33.15 -12.35
N LYS A 77 -1.80 33.37 -12.76
CA LYS A 77 -1.51 33.51 -14.19
C LYS A 77 -1.95 32.25 -14.93
N LEU A 78 -1.57 31.07 -14.40
CA LEU A 78 -1.93 29.79 -15.04
C LEU A 78 -3.45 29.60 -15.02
N GLY A 79 -4.11 29.84 -13.87
CA GLY A 79 -5.55 29.65 -13.73
C GLY A 79 -6.27 30.49 -14.78
N LYS A 80 -5.80 31.72 -14.98
CA LYS A 80 -6.49 32.65 -15.87
C LYS A 80 -6.27 32.19 -17.32
N ARG A 81 -5.07 31.71 -17.66
CA ARG A 81 -4.79 31.25 -19.04
C ARG A 81 -5.60 29.97 -19.27
N VAL A 82 -5.67 29.05 -18.29
CA VAL A 82 -6.55 27.87 -18.47
C VAL A 82 -8.00 28.30 -18.71
N ALA A 83 -8.50 29.33 -18.02
CA ALA A 83 -9.91 29.75 -18.16
C ALA A 83 -10.12 30.30 -19.58
N GLU A 84 -9.17 31.09 -20.10
CA GLU A 84 -9.31 31.66 -21.47
C GLU A 84 -9.37 30.53 -22.49
N LEU A 85 -8.53 29.51 -22.36
CA LEU A 85 -8.51 28.38 -23.30
C LEU A 85 -9.78 27.57 -23.18
N ALA A 86 -10.27 27.35 -21.96
CA ALA A 86 -11.46 26.51 -21.76
C ALA A 86 -12.66 27.22 -22.40
N GLU A 87 -12.67 28.54 -22.42
CA GLU A 87 -13.81 29.33 -22.97
C GLU A 87 -13.74 29.36 -24.51
N SER A 88 -12.65 28.93 -25.11
CA SER A 88 -12.46 28.90 -26.58
C SER A 88 -13.14 27.68 -27.21
N LYS A 89 -13.89 27.90 -28.29
CA LYS A 89 -14.55 26.80 -29.04
C LYS A 89 -13.51 25.96 -29.75
N ASP A 90 -12.30 26.47 -29.92
CA ASP A 90 -11.21 25.77 -30.65
C ASP A 90 -10.41 24.86 -29.71
N VAL A 91 -10.77 24.78 -28.43
CA VAL A 91 -10.00 23.94 -27.46
C VAL A 91 -10.91 22.85 -26.93
N ASP A 92 -10.49 21.59 -26.99
CA ASP A 92 -11.30 20.47 -26.49
C ASP A 92 -10.75 20.00 -25.13
N GLY A 93 -9.45 20.13 -24.93
CA GLY A 93 -8.77 19.67 -23.70
C GLY A 93 -7.49 20.41 -23.47
N ILE A 94 -7.04 20.39 -22.20
CA ILE A 94 -5.88 21.18 -21.73
C ILE A 94 -4.98 20.25 -20.94
N VAL A 95 -3.71 20.23 -21.30
CA VAL A 95 -2.67 19.51 -20.51
C VAL A 95 -1.73 20.57 -19.92
N ILE A 96 -1.32 20.43 -18.67
CA ILE A 96 -0.34 21.35 -18.06
C ILE A 96 0.86 20.52 -17.67
N THR A 97 2.02 20.79 -18.24
CA THR A 97 3.28 20.14 -17.86
C THR A 97 3.88 20.93 -16.70
N HIS A 98 4.30 20.22 -15.65
CA HIS A 98 4.53 20.80 -14.29
C HIS A 98 5.60 20.01 -13.58
N GLY A 99 6.39 20.69 -12.76
CA GLY A 99 7.29 20.02 -11.81
C GLY A 99 6.46 19.22 -10.83
N THR A 100 7.01 18.11 -10.38
CA THR A 100 6.22 17.20 -9.50
C THR A 100 6.08 17.74 -8.06
N ASP A 101 7.02 18.57 -7.59
CA ASP A 101 7.06 18.99 -6.16
C ASP A 101 5.75 19.61 -5.72
N THR A 102 5.15 20.52 -6.52
CA THR A 102 3.90 21.20 -6.13
C THR A 102 2.78 20.92 -7.13
N LEU A 103 2.95 19.94 -8.05
CA LEU A 103 1.92 19.48 -8.99
C LEU A 103 0.58 19.32 -8.26
N GLU A 104 0.60 18.68 -7.10
CA GLU A 104 -0.65 18.36 -6.36
C GLU A 104 -1.37 19.61 -5.91
N GLU A 105 -0.63 20.70 -5.68
CA GLU A 105 -1.21 21.98 -5.22
C GLU A 105 -1.88 22.64 -6.43
N THR A 106 -1.15 22.76 -7.54
CA THR A 106 -1.72 23.34 -8.79
C THR A 106 -2.96 22.55 -9.25
N ALA A 107 -2.92 21.21 -9.20
CA ALA A 107 -4.04 20.37 -9.65
C ALA A 107 -5.27 20.65 -8.81
N PHE A 108 -5.11 20.78 -7.50
CA PHE A 108 -6.27 21.01 -6.61
C PHE A 108 -6.76 22.44 -6.87
N PHE A 109 -5.85 23.41 -6.96
CA PHE A 109 -6.26 24.81 -7.26
C PHE A 109 -7.18 24.85 -8.48
N LEU A 110 -6.74 24.28 -9.59
CA LEU A 110 -7.49 24.32 -10.85
C LEU A 110 -8.80 23.57 -10.70
N ASN A 111 -8.83 22.51 -9.88
CA ASN A 111 -10.04 21.72 -9.63
C ASN A 111 -11.09 22.57 -8.92
N LEU A 112 -10.66 23.61 -8.19
CA LEU A 112 -11.58 24.45 -7.42
C LEU A 112 -12.07 25.63 -8.24
N VAL A 113 -11.24 26.18 -9.14
CA VAL A 113 -11.53 27.53 -9.71
C VAL A 113 -11.86 27.48 -11.22
N GLU A 114 -11.71 26.36 -11.90
CA GLU A 114 -11.98 26.28 -13.35
C GLU A 114 -13.41 25.72 -13.57
N LYS A 115 -14.38 26.56 -13.91
CA LYS A 115 -15.79 26.11 -14.04
C LYS A 115 -16.02 25.64 -15.49
N THR A 116 -15.40 24.54 -15.87
CA THR A 116 -15.49 23.98 -17.23
C THR A 116 -15.65 22.47 -17.08
N ASP A 117 -16.38 21.81 -17.96
CA ASP A 117 -16.29 20.34 -17.96
C ASP A 117 -15.27 19.86 -19.00
N LYS A 118 -14.53 20.75 -19.65
CA LYS A 118 -13.48 20.28 -20.58
C LYS A 118 -12.36 19.63 -19.78
N PRO A 119 -11.80 18.52 -20.27
CA PRO A 119 -10.69 17.87 -19.54
C PRO A 119 -9.51 18.82 -19.31
N ILE A 120 -9.04 18.81 -18.06
CA ILE A 120 -7.79 19.48 -17.64
C ILE A 120 -6.93 18.41 -17.00
N VAL A 121 -5.73 18.22 -17.54
CA VAL A 121 -4.82 17.15 -17.07
C VAL A 121 -3.53 17.81 -16.66
N VAL A 122 -3.03 17.52 -15.47
CA VAL A 122 -1.71 18.01 -15.02
C VAL A 122 -0.75 16.82 -15.01
N VAL A 123 0.46 17.01 -15.51
CA VAL A 123 1.40 15.87 -15.68
C VAL A 123 2.84 16.35 -15.49
N GLY A 124 3.67 15.50 -14.91
CA GLY A 124 5.11 15.70 -14.77
C GLY A 124 5.87 14.42 -14.99
N SER A 125 7.11 14.39 -14.62
CA SER A 125 7.90 13.16 -14.64
C SER A 125 8.84 13.16 -13.45
N MET A 126 9.15 11.98 -12.96
CA MET A 126 10.11 11.80 -11.83
C MET A 126 11.55 11.74 -12.32
N ARG A 127 11.76 11.45 -13.60
CA ARG A 127 13.12 11.43 -14.24
C ARG A 127 13.13 12.46 -15.37
N PRO A 128 14.26 13.16 -15.60
CA PRO A 128 14.35 14.01 -16.78
C PRO A 128 14.35 13.23 -18.10
N GLY A 129 13.97 13.87 -19.20
CA GLY A 129 13.86 13.24 -20.52
C GLY A 129 15.19 12.74 -21.05
N THR A 130 16.29 13.15 -20.46
CA THR A 130 17.65 12.71 -20.83
C THR A 130 17.95 11.36 -20.16
N ALA A 131 17.19 10.98 -19.15
CA ALA A 131 17.59 9.81 -18.33
C ALA A 131 17.20 8.52 -19.05
N MET A 132 17.98 7.46 -18.83
CA MET A 132 17.61 6.06 -19.15
C MET A 132 16.19 5.83 -18.58
N SER A 133 15.31 5.26 -19.36
CA SER A 133 13.97 4.85 -18.92
C SER A 133 13.22 6.07 -18.33
N ALA A 134 13.39 7.24 -18.93
CA ALA A 134 12.63 8.47 -18.58
C ALA A 134 11.12 8.20 -18.71
N ASP A 135 10.35 8.64 -17.71
CA ASP A 135 8.87 8.39 -17.63
C ASP A 135 8.07 9.48 -18.33
N GLY A 136 8.68 10.64 -18.59
CA GLY A 136 7.93 11.78 -19.14
C GLY A 136 7.28 11.58 -20.49
N MET A 137 7.90 10.85 -21.43
N MET A 137 7.87 10.84 -21.43
CA MET A 137 7.35 10.67 -22.80
CA MET A 137 7.29 10.73 -22.79
C MET A 137 5.98 10.02 -22.69
C MET A 137 5.95 10.00 -22.72
N LEU A 138 5.90 8.85 -22.05
CA LEU A 138 4.62 8.14 -21.91
C LEU A 138 3.64 8.91 -21.01
N ASN A 139 4.13 9.60 -19.99
CA ASN A 139 3.21 10.40 -19.16
C ASN A 139 2.56 11.50 -20.01
N LEU A 140 3.35 12.16 -20.88
CA LEU A 140 2.78 13.25 -21.73
C LEU A 140 1.79 12.67 -22.73
N TYR A 141 2.14 11.57 -23.35
CA TYR A 141 1.27 10.85 -24.30
C TYR A 141 -0.05 10.52 -23.59
N ASN A 142 0.04 9.93 -22.41
CA ASN A 142 -1.15 9.58 -21.62
C ASN A 142 -1.95 10.82 -21.27
N ALA A 143 -1.30 11.90 -20.90
CA ALA A 143 -2.03 13.13 -20.53
C ALA A 143 -2.84 13.62 -21.74
N VAL A 144 -2.21 13.63 -22.92
CA VAL A 144 -2.93 14.10 -24.13
C VAL A 144 -4.05 13.13 -24.48
N ALA A 145 -3.83 11.83 -24.31
CA ALA A 145 -4.87 10.82 -24.59
C ALA A 145 -6.05 11.09 -23.66
N VAL A 146 -5.80 11.33 -22.37
CA VAL A 146 -6.90 11.55 -21.40
C VAL A 146 -7.59 12.90 -21.67
N ALA A 147 -6.82 13.91 -22.04
CA ALA A 147 -7.39 15.25 -22.32
C ALA A 147 -8.25 15.19 -23.58
N SER A 148 -8.05 14.19 -24.43
CA SER A 148 -8.78 14.08 -25.72
CA SER A 148 -8.71 13.98 -25.74
C SER A 148 -9.92 13.06 -25.61
N ASP A 149 -10.15 12.49 -24.41
CA ASP A 149 -11.16 11.43 -24.22
C ASP A 149 -12.48 12.01 -23.70
N LYS A 150 -13.59 11.71 -24.35
CA LYS A 150 -14.95 12.08 -23.89
C LYS A 150 -15.22 11.57 -22.48
N GLN A 151 -14.56 10.49 -22.10
CA GLN A 151 -14.75 9.90 -20.75
C GLN A 151 -14.23 10.87 -19.69
N SER A 152 -13.29 11.75 -20.04
CA SER A 152 -12.63 12.70 -19.10
C SER A 152 -13.54 13.91 -18.82
N ARG A 153 -14.56 14.16 -19.64
CA ARG A 153 -15.40 15.37 -19.46
C ARG A 153 -16.17 15.26 -18.14
N GLY A 154 -16.13 16.33 -17.36
CA GLY A 154 -16.93 16.40 -16.13
C GLY A 154 -16.31 15.69 -14.93
N LYS A 155 -15.09 15.15 -15.07
CA LYS A 155 -14.44 14.32 -14.03
C LYS A 155 -13.60 15.20 -13.10
N GLY A 156 -13.50 16.50 -13.39
CA GLY A 156 -12.59 17.39 -12.65
C GLY A 156 -11.16 17.26 -13.15
N VAL A 157 -10.24 17.96 -12.52
CA VAL A 157 -8.83 17.93 -12.95
C VAL A 157 -8.25 16.54 -12.68
N LEU A 158 -7.49 16.04 -13.62
CA LEU A 158 -6.91 14.70 -13.56
C LEU A 158 -5.39 14.82 -13.59
N VAL A 159 -4.73 13.80 -13.10
CA VAL A 159 -3.26 13.66 -13.09
C VAL A 159 -2.95 12.29 -13.66
N THR A 160 -2.10 12.22 -14.69
CA THR A 160 -1.91 10.97 -15.46
C THR A 160 -0.46 10.51 -15.42
N MET A 161 -0.01 10.11 -14.26
CA MET A 161 1.33 9.53 -14.16
C MET A 161 1.24 8.04 -13.83
N ASN A 162 2.25 7.27 -14.19
CA ASN A 162 2.41 5.86 -13.72
C ASN A 162 1.25 5.04 -14.31
N ASP A 163 0.75 5.40 -15.50
CA ASP A 163 -0.38 4.69 -16.18
C ASP A 163 -1.72 4.88 -15.42
N GLU A 164 -1.79 5.80 -14.44
CA GLU A 164 -3.01 5.96 -13.60
C GLU A 164 -3.73 7.24 -13.97
N ILE A 165 -5.02 7.22 -13.78
CA ILE A 165 -5.85 8.42 -13.76
C ILE A 165 -6.20 8.73 -12.30
N GLN A 166 -5.56 9.77 -11.78
CA GLN A 166 -5.74 10.21 -10.39
C GLN A 166 -6.52 11.51 -10.36
N SER A 167 -7.34 11.68 -9.33
CA SER A 167 -8.05 12.94 -9.10
C SER A 167 -7.03 13.98 -8.65
N GLY A 168 -7.10 15.16 -9.27
CA GLY A 168 -6.25 16.30 -8.86
C GLY A 168 -6.63 16.76 -7.46
N ARG A 169 -7.86 16.46 -6.99
CA ARG A 169 -8.23 16.80 -5.59
C ARG A 169 -7.24 16.21 -4.61
N ASP A 170 -7.10 14.87 -4.59
CA ASP A 170 -6.49 14.22 -3.41
C ASP A 170 -5.31 13.38 -3.80
N VAL A 171 -4.85 13.45 -5.05
CA VAL A 171 -3.54 12.85 -5.32
C VAL A 171 -2.44 13.72 -4.71
N SER A 172 -1.41 13.06 -4.24
CA SER A 172 -0.29 13.71 -3.52
C SER A 172 1.01 13.05 -3.90
N LYS A 173 2.10 13.81 -3.86
CA LYS A 173 3.42 13.21 -4.07
C LYS A 173 3.80 12.57 -2.75
N ALA A 174 3.80 11.23 -2.74
CA ALA A 174 3.86 10.40 -1.52
C ALA A 174 5.14 9.59 -1.48
N VAL A 175 5.76 9.31 -2.63
CA VAL A 175 6.96 8.45 -2.73
C VAL A 175 8.03 9.24 -3.48
N ASN A 176 9.18 9.41 -2.89
CA ASN A 176 10.34 10.06 -3.55
C ASN A 176 11.01 9.08 -4.49
N ILE A 177 11.65 9.64 -5.52
CA ILE A 177 12.54 8.97 -6.49
C ILE A 177 11.73 8.17 -7.52
N LYS A 178 10.85 7.30 -7.06
CA LYS A 178 10.20 6.35 -7.96
C LYS A 178 9.12 6.96 -8.83
N THR A 179 8.85 6.31 -9.96
CA THR A 179 7.84 6.79 -10.91
C THR A 179 6.42 6.66 -10.36
N GLU A 180 6.22 5.83 -9.34
CA GLU A 180 4.87 5.69 -8.70
C GLU A 180 4.71 6.71 -7.58
N ALA A 181 5.36 7.87 -7.69
CA ALA A 181 5.35 8.93 -6.68
C ALA A 181 3.93 9.35 -6.26
N PHE A 182 2.99 9.45 -7.18
CA PHE A 182 1.69 10.09 -6.91
C PHE A 182 0.68 9.02 -6.47
N LYS A 183 0.13 9.22 -5.30
CA LYS A 183 -0.88 8.32 -4.74
C LYS A 183 -2.01 9.12 -4.13
N SER A 184 -3.18 8.47 -4.04
CA SER A 184 -4.32 9.00 -3.32
C SER A 184 -4.72 8.00 -2.23
N ALA A 185 -5.14 8.48 -1.08
CA ALA A 185 -5.75 7.63 -0.01
C ALA A 185 -6.97 6.91 -0.56
N TRP A 186 -7.67 7.52 -1.53
CA TRP A 186 -8.97 7.00 -2.03
C TRP A 186 -8.77 6.27 -3.35
N GLY A 187 -7.54 5.95 -3.72
CA GLY A 187 -7.26 5.16 -4.92
C GLY A 187 -7.19 6.00 -6.19
N PRO A 188 -6.58 5.42 -7.23
CA PRO A 188 -6.70 5.96 -8.58
C PRO A 188 -8.16 5.80 -8.99
N MET A 189 -8.65 6.65 -9.87
CA MET A 189 -10.03 6.50 -10.39
C MET A 189 -10.04 5.64 -11.65
N GLY A 190 -8.90 5.53 -12.30
CA GLY A 190 -8.77 4.74 -13.53
C GLY A 190 -7.35 4.48 -13.93
N MET A 191 -7.18 3.93 -15.12
CA MET A 191 -5.84 3.73 -15.70
C MET A 191 -5.88 4.13 -17.17
N VAL A 192 -4.74 4.54 -17.69
CA VAL A 192 -4.62 4.86 -19.15
C VAL A 192 -3.51 3.95 -19.69
N VAL A 193 -3.88 3.12 -20.65
CA VAL A 193 -3.01 2.09 -21.26
C VAL A 193 -3.19 2.13 -22.79
N GLU A 194 -2.07 2.26 -23.49
CA GLU A 194 -1.99 2.29 -24.99
C GLU A 194 -3.04 3.28 -25.49
N GLY A 195 -3.01 4.46 -24.92
CA GLY A 195 -3.93 5.54 -25.35
C GLY A 195 -5.36 5.45 -24.82
N LYS A 196 -5.77 4.34 -24.18
CA LYS A 196 -7.19 4.13 -23.81
C LYS A 196 -7.38 4.31 -22.29
N SER A 197 -8.48 4.92 -21.92
CA SER A 197 -8.86 5.20 -20.53
C SER A 197 -9.83 4.14 -20.01
N TYR A 198 -9.55 3.61 -18.83
CA TYR A 198 -10.39 2.60 -18.17
C TYR A 198 -10.76 3.17 -16.80
N TRP A 199 -12.03 3.34 -16.52
CA TRP A 199 -12.54 4.03 -15.30
C TRP A 199 -13.14 2.99 -14.32
N PHE A 200 -12.87 3.19 -13.02
CA PHE A 200 -13.33 2.27 -11.95
C PHE A 200 -14.06 3.02 -10.86
N ARG A 201 -13.82 4.34 -10.74
CA ARG A 201 -14.41 5.18 -9.71
C ARG A 201 -14.72 6.57 -10.27
N LEU A 202 -15.67 7.24 -9.64
CA LEU A 202 -16.01 8.62 -9.96
C LEU A 202 -15.70 9.48 -8.76
N PRO A 203 -15.41 10.78 -8.98
CA PRO A 203 -15.34 11.73 -7.88
C PRO A 203 -16.66 11.89 -7.13
N ALA A 204 -16.56 12.12 -5.82
CA ALA A 204 -17.73 12.43 -5.00
C ALA A 204 -17.75 13.90 -4.57
N LYS A 205 -16.61 14.56 -4.54
CA LYS A 205 -16.50 15.93 -3.99
C LYS A 205 -16.80 16.96 -5.08
N ARG A 206 -17.11 18.18 -4.67
CA ARG A 206 -17.40 19.31 -5.57
C ARG A 206 -16.12 19.70 -6.29
N HIS A 207 -16.30 20.02 -7.56
CA HIS A 207 -15.21 20.45 -8.43
C HIS A 207 -15.76 21.20 -9.65
N THR A 208 -14.83 21.87 -10.33
CA THR A 208 -14.99 22.54 -11.66
C THR A 208 -16.42 23.08 -11.83
N VAL A 209 -17.25 22.46 -12.69
CA VAL A 209 -18.55 23.09 -13.04
C VAL A 209 -19.49 23.22 -11.84
N ASN A 210 -19.31 22.43 -10.79
CA ASN A 210 -20.20 22.45 -9.60
C ASN A 210 -19.54 23.22 -8.45
N SER A 211 -18.43 23.87 -8.70
CA SER A 211 -17.70 24.69 -7.70
C SER A 211 -18.35 26.05 -7.50
N GLU A 212 -18.37 26.54 -6.27
CA GLU A 212 -18.88 27.89 -5.97
C GLU A 212 -17.78 28.93 -6.28
N PHE A 213 -16.55 28.49 -6.56
CA PHE A 213 -15.42 29.42 -6.86
C PHE A 213 -15.23 29.54 -8.36
N ASP A 214 -14.70 30.68 -8.82
CA ASP A 214 -14.44 30.89 -10.25
C ASP A 214 -13.23 31.81 -10.39
N ILE A 215 -12.22 31.35 -11.09
CA ILE A 215 -10.96 32.10 -11.33
C ILE A 215 -11.31 33.44 -11.97
N LYS A 216 -12.39 33.51 -12.74
CA LYS A 216 -12.76 34.77 -13.45
C LYS A 216 -13.07 35.88 -12.45
N GLN A 217 -13.49 35.54 -11.23
CA GLN A 217 -13.83 36.49 -10.14
C GLN A 217 -12.67 36.64 -9.14
N ILE A 218 -11.50 36.04 -9.36
CA ILE A 218 -10.39 36.07 -8.36
C ILE A 218 -9.22 36.84 -8.98
N SER A 219 -8.82 37.95 -8.40
CA SER A 219 -7.64 38.69 -8.91
C SER A 219 -6.58 38.70 -7.82
N SER A 220 -6.91 38.25 -6.59
CA SER A 220 -5.85 38.09 -5.55
C SER A 220 -6.19 36.93 -4.63
N LEU A 221 -5.16 36.37 -4.06
CA LEU A 221 -5.31 35.24 -3.11
C LEU A 221 -4.78 35.66 -1.74
N PRO A 222 -5.56 35.35 -0.70
CA PRO A 222 -5.14 35.59 0.67
C PRO A 222 -3.87 34.80 0.99
N GLN A 223 -3.01 35.40 1.79
CA GLN A 223 -1.77 34.73 2.22
C GLN A 223 -2.14 33.66 3.24
N VAL A 224 -1.69 32.42 3.00
CA VAL A 224 -1.92 31.28 3.93
C VAL A 224 -0.60 30.57 4.14
N ASP A 225 -0.29 30.26 5.37
CA ASP A 225 1.01 29.65 5.70
C ASP A 225 0.77 28.37 6.49
N ILE A 226 1.84 27.57 6.64
CA ILE A 226 1.78 26.21 7.22
C ILE A 226 2.83 26.07 8.33
N ALA A 227 2.40 25.62 9.52
CA ALA A 227 3.33 25.33 10.63
C ALA A 227 3.22 23.85 10.99
N TYR A 228 4.32 23.24 11.40
CA TYR A 228 4.45 21.80 11.68
C TYR A 228 4.32 21.54 13.18
N GLY A 229 3.64 20.44 13.50
CA GLY A 229 3.51 19.95 14.86
C GLY A 229 4.39 18.75 15.12
N TYR A 230 4.99 18.70 16.31
CA TYR A 230 6.00 17.68 16.66
C TYR A 230 6.28 17.73 18.17
N GLY A 231 7.02 16.79 18.73
CA GLY A 231 7.39 16.85 20.16
C GLY A 231 8.14 18.12 20.48
N ASN A 232 7.74 18.77 21.57
CA ASN A 232 8.43 19.99 22.05
C ASN A 232 8.25 21.18 21.07
N VAL A 233 7.30 21.14 20.15
CA VAL A 233 6.99 22.32 19.32
C VAL A 233 6.52 23.45 20.24
N THR A 234 6.84 24.66 19.80
CA THR A 234 6.41 25.91 20.48
C THR A 234 5.52 26.72 19.53
N ASP A 235 5.04 27.83 20.02
CA ASP A 235 4.13 28.70 19.25
C ASP A 235 4.90 29.63 18.33
N THR A 236 6.24 29.53 18.27
CA THR A 236 7.07 30.50 17.53
C THR A 236 6.70 30.61 16.04
N ALA A 237 6.59 29.51 15.33
CA ALA A 237 6.41 29.57 13.88
C ALA A 237 5.01 30.14 13.60
N TYR A 238 4.03 29.75 14.40
CA TYR A 238 2.61 30.20 14.27
C TYR A 238 2.54 31.72 14.42
N LYS A 239 3.13 32.26 15.48
CA LYS A 239 3.08 33.72 15.69
C LYS A 239 3.86 34.47 14.59
N ALA A 240 5.04 34.01 14.25
CA ALA A 240 5.88 34.67 13.24
C ALA A 240 5.16 34.73 11.88
N LEU A 241 4.50 33.62 11.50
CA LEU A 241 3.83 33.52 10.19
C LEU A 241 2.69 34.55 10.17
N ALA A 242 1.92 34.65 11.24
CA ALA A 242 0.80 35.62 11.32
C ALA A 242 1.35 37.06 11.32
N GLN A 243 2.44 37.30 12.02
CA GLN A 243 3.03 38.68 12.13
C GLN A 243 3.49 39.11 10.76
N ASN A 244 3.77 38.16 9.88
CA ASN A 244 4.26 38.46 8.52
C ASN A 244 3.17 38.26 7.47
N GLY A 245 1.91 38.21 7.90
CA GLY A 245 0.75 38.45 7.00
C GLY A 245 -0.14 37.24 6.81
N ALA A 246 0.07 36.10 7.47
CA ALA A 246 -0.80 34.92 7.23
C ALA A 246 -2.24 35.21 7.68
N LYS A 247 -3.20 35.04 6.78
CA LYS A 247 -4.65 35.21 7.09
C LYS A 247 -5.26 33.93 7.64
N ALA A 248 -4.63 32.79 7.32
CA ALA A 248 -4.96 31.48 7.89
C ALA A 248 -3.62 30.78 8.12
N LEU A 249 -3.65 29.96 9.13
CA LEU A 249 -2.55 29.02 9.44
C LEU A 249 -3.11 27.61 9.28
N ILE A 250 -2.42 26.84 8.48
CA ILE A 250 -2.62 25.36 8.43
C ILE A 250 -1.69 24.75 9.45
N HIS A 251 -2.27 24.11 10.45
CA HIS A 251 -1.56 23.36 11.50
C HIS A 251 -1.37 21.95 10.95
N ALA A 252 -0.12 21.55 10.70
CA ALA A 252 0.27 20.20 10.26
C ALA A 252 0.54 19.39 11.52
N GLY A 253 -0.53 19.02 12.23
CA GLY A 253 -0.44 18.41 13.54
C GLY A 253 0.06 16.97 13.50
N THR A 254 0.51 16.49 14.64
CA THR A 254 0.61 15.06 14.91
C THR A 254 -0.79 14.45 14.89
N GLY A 255 -0.91 13.16 14.58
CA GLY A 255 -2.16 12.41 14.79
C GLY A 255 -3.35 13.10 14.17
N ASN A 256 -4.46 13.15 14.89
CA ASN A 256 -5.75 13.65 14.34
C ASN A 256 -5.81 15.17 14.49
N GLY A 257 -4.85 15.87 13.85
CA GLY A 257 -4.77 17.33 13.92
C GLY A 257 -4.49 17.85 15.32
N SER A 258 -3.78 17.06 16.15
CA SER A 258 -3.61 17.35 17.59
C SER A 258 -2.75 18.59 17.78
N VAL A 259 -3.00 19.35 18.83
CA VAL A 259 -2.28 20.61 19.12
C VAL A 259 -1.65 20.47 20.50
N SER A 260 -0.38 20.77 20.58
CA SER A 260 0.33 20.82 21.87
C SER A 260 -0.35 21.82 22.81
N SER A 261 -0.37 21.48 24.09
CA SER A 261 -0.73 22.44 25.17
C SER A 261 0.19 23.68 25.12
N ARG A 262 1.39 23.61 24.57
CA ARG A 262 2.28 24.81 24.41
C ARG A 262 1.79 25.76 23.32
N VAL A 263 0.91 25.29 22.45
CA VAL A 263 0.56 26.04 21.23
C VAL A 263 -0.90 26.48 21.29
N VAL A 264 -1.78 25.75 21.98
CA VAL A 264 -3.24 26.11 22.04
C VAL A 264 -3.42 27.58 22.39
N PRO A 265 -2.76 28.14 23.44
CA PRO A 265 -3.08 29.51 23.83
C PRO A 265 -2.76 30.48 22.70
N ALA A 266 -1.64 30.30 22.00
CA ALA A 266 -1.31 31.16 20.84
C ALA A 266 -2.39 31.05 19.78
N LEU A 267 -2.88 29.85 19.49
CA LEU A 267 -3.87 29.68 18.42
C LEU A 267 -5.18 30.34 18.83
N GLN A 268 -5.51 30.33 20.10
CA GLN A 268 -6.72 31.03 20.58
C GLN A 268 -6.54 32.55 20.39
N GLU A 269 -5.40 33.10 20.77
CA GLU A 269 -5.14 34.55 20.58
C GLU A 269 -5.21 34.89 19.10
N LEU A 270 -4.58 34.07 18.26
CA LEU A 270 -4.52 34.33 16.80
C LEU A 270 -5.93 34.28 16.23
N ARG A 271 -6.75 33.31 16.63
CA ARG A 271 -8.13 33.24 16.10
C ARG A 271 -8.90 34.50 16.51
N LYS A 272 -8.73 34.97 17.75
CA LYS A 272 -9.44 36.21 18.21
C LYS A 272 -8.98 37.39 17.37
N ASN A 273 -7.71 37.41 16.98
CA ASN A 273 -7.13 38.43 16.07
C ASN A 273 -7.47 38.21 14.60
N GLY A 274 -8.30 37.22 14.28
CA GLY A 274 -8.87 37.03 12.94
C GLY A 274 -8.12 36.09 12.08
N VAL A 275 -7.13 35.33 12.62
CA VAL A 275 -6.40 34.35 11.78
C VAL A 275 -7.18 33.07 11.83
N GLN A 276 -7.56 32.56 10.66
CA GLN A 276 -8.25 31.25 10.64
C GLN A 276 -7.25 30.16 11.06
N ILE A 277 -7.74 29.21 11.84
CA ILE A 277 -6.91 28.09 12.34
C ILE A 277 -7.50 26.80 11.79
N ILE A 278 -6.77 26.17 10.88
CA ILE A 278 -7.20 24.97 10.16
C ILE A 278 -6.33 23.77 10.54
N ARG A 279 -6.94 22.75 11.17
CA ARG A 279 -6.22 21.57 11.71
C ARG A 279 -6.13 20.53 10.62
N SER A 280 -4.93 20.38 10.07
CA SER A 280 -4.53 19.29 9.16
C SER A 280 -3.56 18.41 9.96
N SER A 281 -2.82 17.62 9.27
CA SER A 281 -1.90 16.65 9.94
C SER A 281 -0.78 16.24 9.01
N HIS A 282 0.26 15.64 9.59
CA HIS A 282 1.33 14.96 8.83
C HIS A 282 1.12 13.44 8.85
N VAL A 283 -0.13 13.04 8.83
CA VAL A 283 -0.55 11.62 8.83
C VAL A 283 -1.33 11.47 7.53
N ASN A 284 -0.62 11.17 6.44
CA ASN A 284 -1.11 11.57 5.11
C ASN A 284 -1.44 10.35 4.25
N GLN A 285 -1.31 9.12 4.75
CA GLN A 285 -1.60 7.93 3.92
CA GLN A 285 -1.59 7.95 3.90
C GLN A 285 -3.08 7.59 3.93
N GLY A 286 -3.83 7.96 4.97
CA GLY A 286 -5.26 7.61 5.04
C GLY A 286 -5.91 8.25 6.24
N GLY A 287 -7.21 8.14 6.31
CA GLY A 287 -8.01 8.71 7.39
C GLY A 287 -8.28 10.19 7.20
N PHE A 288 -8.77 10.83 8.24
CA PHE A 288 -9.03 12.28 8.19
C PHE A 288 -9.08 12.85 9.60
N VAL A 289 -9.06 14.16 9.68
CA VAL A 289 -9.09 14.90 10.95
C VAL A 289 -10.57 15.19 11.26
N LEU A 290 -11.02 14.73 12.42
CA LEU A 290 -12.41 14.73 12.92
C LEU A 290 -12.68 15.99 13.76
N ARG A 291 -13.71 16.74 13.40
CA ARG A 291 -14.05 17.96 14.16
C ARG A 291 -14.40 17.60 15.62
N ASN A 292 -13.93 18.43 16.55
CA ASN A 292 -14.24 18.34 18.00
C ASN A 292 -13.63 17.12 18.67
N ALA A 293 -12.77 16.35 18.02
CA ALA A 293 -12.19 15.13 18.62
C ALA A 293 -10.95 15.54 19.42
N GLU A 294 -9.86 15.98 18.80
CA GLU A 294 -8.61 16.30 19.55
C GLU A 294 -8.67 17.70 20.15
N GLN A 295 -9.48 18.60 19.63
CA GLN A 295 -9.58 19.98 20.12
C GLN A 295 -11.03 20.43 20.05
N PRO A 296 -11.45 21.38 20.90
CA PRO A 296 -12.85 21.86 20.89
C PRO A 296 -13.00 22.97 19.84
N ASP A 297 -13.16 22.54 18.60
CA ASP A 297 -13.17 23.41 17.41
C ASP A 297 -14.36 24.36 17.51
N ASP A 298 -15.53 23.89 17.97
CA ASP A 298 -16.73 24.78 18.14
C ASP A 298 -16.38 25.90 19.12
N LYS A 299 -15.85 25.56 20.29
CA LYS A 299 -15.55 26.57 21.33
C LYS A 299 -14.53 27.58 20.78
N ASN A 300 -13.49 27.12 20.10
CA ASN A 300 -12.36 27.95 19.61
C ASN A 300 -12.65 28.58 18.23
N ASP A 301 -13.76 28.23 17.53
CA ASP A 301 -14.04 28.65 16.13
C ASP A 301 -12.88 28.36 15.19
N TRP A 302 -12.39 27.13 15.31
CA TRP A 302 -11.39 26.52 14.42
C TRP A 302 -12.05 25.63 13.39
N VAL A 303 -11.27 25.21 12.41
CA VAL A 303 -11.74 24.42 11.26
C VAL A 303 -10.85 23.17 11.18
N VAL A 304 -11.41 22.03 10.85
CA VAL A 304 -10.62 20.80 10.52
C VAL A 304 -10.51 20.64 9.01
N ALA A 305 -9.36 20.18 8.53
CA ALA A 305 -9.08 20.05 7.10
C ALA A 305 -9.60 18.73 6.53
N HIS A 306 -10.33 17.93 7.31
CA HIS A 306 -10.89 16.66 6.80
C HIS A 306 -9.73 15.78 6.36
N ASP A 307 -9.73 15.24 5.15
CA ASP A 307 -8.66 14.30 4.70
C ASP A 307 -7.52 15.07 4.05
N LEU A 308 -7.64 16.39 3.93
CA LEU A 308 -6.67 17.15 3.09
C LEU A 308 -5.37 17.35 3.83
N ASN A 309 -4.26 17.02 3.17
CA ASN A 309 -2.89 17.23 3.68
C ASN A 309 -2.61 18.72 3.78
N PRO A 310 -1.55 19.12 4.47
CA PRO A 310 -1.38 20.55 4.80
C PRO A 310 -1.32 21.47 3.58
N GLN A 311 -0.56 21.06 2.57
CA GLN A 311 -0.36 21.89 1.34
C GLN A 311 -1.66 21.94 0.50
N LYS A 312 -2.47 20.87 0.53
CA LYS A 312 -3.81 20.93 -0.08
C LYS A 312 -4.72 21.85 0.72
N ALA A 313 -4.71 21.71 2.04
CA ALA A 313 -5.59 22.52 2.91
C ALA A 313 -5.25 24.00 2.72
N ARG A 314 -3.98 24.32 2.47
CA ARG A 314 -3.58 25.71 2.22
C ARG A 314 -4.31 26.21 0.97
N ILE A 315 -4.32 25.39 -0.08
CA ILE A 315 -4.92 25.78 -1.39
C ILE A 315 -6.42 26.04 -1.16
N LEU A 316 -7.11 25.11 -0.56
CA LEU A 316 -8.55 25.28 -0.31
C LEU A 316 -8.83 26.50 0.56
N ALA A 317 -8.04 26.71 1.62
CA ALA A 317 -8.24 27.84 2.54
C ALA A 317 -8.08 29.14 1.75
N MET A 318 -7.05 29.27 0.92
CA MET A 318 -6.80 30.52 0.17
CA MET A 318 -6.80 30.50 0.15
C MET A 318 -7.99 30.78 -0.77
N VAL A 319 -8.44 29.78 -1.51
CA VAL A 319 -9.55 29.94 -2.46
C VAL A 319 -10.81 30.28 -1.67
N ALA A 320 -11.10 29.56 -0.59
CA ALA A 320 -12.31 29.80 0.22
C ALA A 320 -12.35 31.23 0.74
N MET A 321 -11.22 31.74 1.19
CA MET A 321 -11.15 33.04 1.87
C MET A 321 -11.22 34.15 0.82
N THR A 322 -11.27 33.85 -0.46
CA THR A 322 -11.64 34.92 -1.45
C THR A 322 -13.12 35.28 -1.29
N LYS A 323 -13.92 34.40 -0.70
CA LYS A 323 -15.38 34.54 -0.62
C LYS A 323 -15.87 34.69 0.83
N THR A 324 -15.25 34.02 1.80
CA THR A 324 -15.79 34.06 3.18
C THR A 324 -14.67 34.06 4.24
N GLN A 325 -14.99 34.61 5.41
CA GLN A 325 -14.16 34.50 6.64
C GLN A 325 -15.02 33.92 7.76
N ASP A 326 -16.19 33.35 7.42
CA ASP A 326 -17.08 32.70 8.39
C ASP A 326 -16.57 31.29 8.59
N SER A 327 -16.07 30.98 9.78
CA SER A 327 -15.39 29.68 10.04
C SER A 327 -16.40 28.54 9.84
N LYS A 328 -17.71 28.74 10.03
CA LYS A 328 -18.69 27.66 9.73
C LYS A 328 -18.79 27.43 8.22
N GLU A 329 -18.67 28.46 7.41
CA GLU A 329 -18.67 28.30 5.94
C GLU A 329 -17.36 27.64 5.55
N LEU A 330 -16.24 28.05 6.12
CA LEU A 330 -14.96 27.38 5.78
C LEU A 330 -15.09 25.90 6.13
N GLN A 331 -15.72 25.54 7.25
CA GLN A 331 -15.82 24.11 7.60
C GLN A 331 -16.70 23.37 6.58
N ARG A 332 -17.78 23.98 6.13
CA ARG A 332 -18.60 23.33 5.10
C ARG A 332 -17.75 23.12 3.85
N ILE A 333 -16.99 24.11 3.47
CA ILE A 333 -16.12 24.01 2.27
C ILE A 333 -15.15 22.83 2.45
N PHE A 334 -14.54 22.72 3.62
CA PHE A 334 -13.57 21.62 3.89
C PHE A 334 -14.29 20.26 3.92
N TRP A 335 -15.60 20.24 4.06
CA TRP A 335 -16.40 19.00 4.01
C TRP A 335 -17.00 18.70 2.64
N GLU A 336 -16.99 19.63 1.67
CA GLU A 336 -17.65 19.46 0.35
C GLU A 336 -16.65 19.38 -0.80
N TYR A 337 -15.46 19.92 -0.65
CA TYR A 337 -14.41 19.97 -1.70
C TYR A 337 -13.23 19.04 -1.40
N LYS B 8 10.23 -20.74 33.67
CA LYS B 8 10.11 -19.46 34.41
C LYS B 8 9.75 -18.35 33.42
N LEU B 9 8.87 -17.46 33.83
CA LEU B 9 8.43 -16.35 32.97
C LEU B 9 9.46 -15.24 33.04
N ALA B 10 9.58 -14.51 31.94
CA ALA B 10 10.37 -13.28 31.84
C ALA B 10 9.76 -12.23 32.77
N ASN B 11 10.62 -11.36 33.30
CA ASN B 11 10.22 -10.20 34.12
C ASN B 11 10.13 -8.97 33.18
N VAL B 12 8.93 -8.48 33.02
CA VAL B 12 8.66 -7.32 32.11
C VAL B 12 8.13 -6.19 32.96
N VAL B 13 8.68 -5.01 32.75
CA VAL B 13 8.21 -3.78 33.43
C VAL B 13 7.48 -2.95 32.36
N ILE B 14 6.29 -2.53 32.69
CA ILE B 14 5.47 -1.62 31.85
C ILE B 14 5.65 -0.23 32.42
N LEU B 15 6.21 0.65 31.62
CA LEU B 15 6.33 2.08 31.95
C LEU B 15 5.18 2.81 31.26
N ALA B 16 4.25 3.36 32.00
CA ALA B 16 3.08 4.06 31.42
C ALA B 16 3.41 5.54 31.27
N THR B 17 3.04 6.12 30.14
CA THR B 17 3.27 7.56 29.94
C THR B 17 1.98 8.29 29.62
N GLY B 18 0.85 7.60 29.48
CA GLY B 18 -0.44 8.21 29.11
C GLY B 18 -0.97 7.67 27.79
N GLY B 19 -1.62 8.54 27.01
CA GLY B 19 -2.09 8.13 25.67
C GLY B 19 -3.49 7.64 25.63
N THR B 20 -3.96 7.39 24.42
CA THR B 20 -5.30 6.82 24.14
C THR B 20 -5.43 5.46 24.83
N ILE B 21 -4.34 4.68 24.90
CA ILE B 21 -4.39 3.29 25.47
C ILE B 21 -4.86 3.38 26.92
N ALA B 22 -4.57 4.51 27.58
CA ALA B 22 -5.03 4.86 28.95
C ALA B 22 -6.23 5.83 28.91
N GLY B 23 -6.94 5.92 27.79
CA GLY B 23 -7.99 6.94 27.60
C GLY B 23 -9.39 6.42 27.84
N ALA B 24 -10.40 7.30 27.79
CA ALA B 24 -11.81 6.98 28.05
C ALA B 24 -12.70 7.90 27.20
N GLY B 25 -13.70 7.32 26.50
CA GLY B 25 -14.79 8.05 25.82
C GLY B 25 -16.11 7.93 26.58
N ALA B 26 -17.08 8.78 26.22
CA ALA B 26 -18.42 8.92 26.86
C ALA B 26 -19.20 7.61 26.70
N SER B 27 -19.03 6.92 25.57
CA SER B 27 -19.78 5.68 25.26
C SER B 27 -18.90 4.70 24.47
N ALA B 28 -19.38 3.45 24.36
CA ALA B 28 -18.68 2.38 23.60
C ALA B 28 -18.54 2.78 22.11
N ALA B 29 -19.47 3.55 21.51
CA ALA B 29 -19.39 4.02 20.11
C ALA B 29 -18.34 5.15 19.93
N ASN B 30 -17.71 5.66 21.01
CA ASN B 30 -16.68 6.74 20.92
C ASN B 30 -15.29 6.13 20.74
N SER B 31 -14.93 5.76 19.50
CA SER B 31 -13.62 5.14 19.17
C SER B 31 -12.61 6.24 18.84
N ALA B 32 -13.12 7.45 18.53
CA ALA B 32 -12.33 8.56 17.94
C ALA B 32 -12.37 9.85 18.77
N THR B 33 -13.42 10.06 19.57
CA THR B 33 -13.59 11.23 20.48
C THR B 33 -13.44 10.72 21.93
N TYR B 34 -12.33 11.02 22.59
CA TYR B 34 -12.04 10.50 23.94
C TYR B 34 -11.12 11.48 24.68
N GLN B 35 -10.95 11.23 25.96
CA GLN B 35 -9.94 11.90 26.83
C GLN B 35 -8.79 10.91 27.06
N ALA B 36 -7.56 11.30 26.70
CA ALA B 36 -6.35 10.45 26.87
C ALA B 36 -5.88 10.50 28.34
N ALA B 37 -5.03 9.54 28.73
CA ALA B 37 -4.19 9.62 29.94
C ALA B 37 -5.10 9.77 31.17
N LYS B 38 -6.15 8.97 31.24
CA LYS B 38 -7.11 8.95 32.38
C LYS B 38 -6.83 7.78 33.31
N LEU B 39 -6.33 6.64 32.80
CA LEU B 39 -6.16 5.40 33.59
C LEU B 39 -4.71 5.25 34.07
N GLY B 40 -4.54 4.94 35.36
CA GLY B 40 -3.27 4.50 35.97
C GLY B 40 -2.77 3.15 35.45
N VAL B 41 -1.45 2.93 35.53
CA VAL B 41 -0.80 1.69 35.03
C VAL B 41 -1.39 0.43 35.71
N ASP B 42 -1.70 0.45 37.00
CA ASP B 42 -2.20 -0.78 37.69
C ASP B 42 -3.58 -1.16 37.11
N LYS B 43 -4.42 -0.18 36.76
CA LYS B 43 -5.72 -0.42 36.08
C LYS B 43 -5.45 -0.98 34.68
N LEU B 44 -4.53 -0.39 33.88
CA LEU B 44 -4.19 -0.93 32.54
C LEU B 44 -3.88 -2.42 32.67
N ILE B 45 -3.00 -2.76 33.62
CA ILE B 45 -2.46 -4.14 33.76
C ILE B 45 -3.61 -5.06 34.15
N ALA B 46 -4.45 -4.60 35.09
CA ALA B 46 -5.62 -5.37 35.57
C ALA B 46 -6.63 -5.55 34.42
N GLY B 47 -6.64 -4.66 33.42
CA GLY B 47 -7.56 -4.76 32.26
C GLY B 47 -7.20 -5.93 31.36
N VAL B 48 -6.00 -6.53 31.53
CA VAL B 48 -5.50 -7.62 30.67
C VAL B 48 -4.96 -8.72 31.58
N PRO B 49 -5.86 -9.46 32.25
CA PRO B 49 -5.40 -10.47 33.22
C PRO B 49 -4.57 -11.58 32.56
N GLU B 50 -4.71 -11.77 31.24
CA GLU B 50 -3.94 -12.78 30.48
C GLU B 50 -2.44 -12.44 30.46
N LEU B 51 -2.03 -11.22 30.85
CA LEU B 51 -0.58 -10.89 30.90
C LEU B 51 0.10 -11.87 31.84
N ALA B 52 -0.59 -12.35 32.88
CA ALA B 52 0.07 -13.19 33.93
C ALA B 52 0.45 -14.53 33.34
N ASP B 53 -0.19 -14.93 32.22
CA ASP B 53 0.14 -16.18 31.51
C ASP B 53 1.46 -16.08 30.74
N ILE B 54 1.91 -14.89 30.31
CA ILE B 54 3.07 -14.83 29.39
C ILE B 54 4.32 -14.18 30.02
N ALA B 55 4.16 -13.43 31.11
CA ALA B 55 5.26 -12.75 31.81
C ALA B 55 4.88 -12.40 33.25
N ASN B 56 5.90 -12.15 34.06
CA ASN B 56 5.78 -11.53 35.39
C ASN B 56 5.86 -10.03 35.18
N VAL B 57 4.74 -9.36 35.27
CA VAL B 57 4.63 -7.94 34.85
C VAL B 57 4.55 -7.06 36.08
N ARG B 58 5.25 -5.93 36.10
CA ARG B 58 4.86 -4.85 37.02
C ARG B 58 4.90 -3.54 36.27
N GLY B 59 4.22 -2.58 36.84
CA GLY B 59 4.00 -1.29 36.20
C GLY B 59 4.54 -0.13 36.98
N GLU B 60 4.98 0.90 36.26
CA GLU B 60 5.34 2.20 36.86
C GLU B 60 4.67 3.29 36.03
N GLN B 61 4.20 4.35 36.69
CA GLN B 61 3.63 5.53 36.05
C GLN B 61 4.75 6.54 35.90
N VAL B 62 5.36 6.64 34.73
CA VAL B 62 6.48 7.59 34.52
C VAL B 62 5.96 9.01 34.36
N MET B 63 4.87 9.16 33.59
CA MET B 63 4.13 10.43 33.38
C MET B 63 2.72 10.07 32.92
N GLN B 64 1.85 11.06 32.74
CA GLN B 64 0.44 10.83 32.37
C GLN B 64 0.07 11.94 31.41
N ILE B 65 0.52 11.85 30.17
CA ILE B 65 0.39 12.95 29.16
C ILE B 65 -0.32 12.47 27.90
N ALA B 66 -0.95 13.42 27.24
CA ALA B 66 -1.32 13.27 25.82
C ALA B 66 -0.05 13.53 25.03
N SER B 67 0.33 12.60 24.15
CA SER B 67 1.69 12.58 23.55
C SER B 67 1.90 13.74 22.61
N GLU B 68 0.82 14.42 22.21
CA GLU B 68 1.02 15.62 21.37
C GLU B 68 1.74 16.74 22.14
N SER B 69 1.72 16.69 23.47
CA SER B 69 2.33 17.72 24.34
C SER B 69 3.65 17.25 24.94
N ILE B 70 4.23 16.17 24.46
CA ILE B 70 5.49 15.66 25.03
C ILE B 70 6.58 16.69 24.88
N SER B 71 7.49 16.72 25.85
CA SER B 71 8.65 17.62 25.80
C SER B 71 9.94 16.81 25.76
N ASN B 72 11.03 17.50 25.49
CA ASN B 72 12.41 16.97 25.61
C ASN B 72 12.66 16.49 27.06
N ASP B 73 12.17 17.20 28.08
CA ASP B 73 12.30 16.82 29.50
C ASP B 73 11.63 15.45 29.69
N ASP B 74 10.47 15.25 29.08
CA ASP B 74 9.73 13.95 29.15
C ASP B 74 10.54 12.85 28.51
N LEU B 75 11.07 13.08 27.30
CA LEU B 75 11.90 12.10 26.62
C LEU B 75 13.03 11.68 27.54
N LEU B 76 13.72 12.64 28.17
CA LEU B 76 14.94 12.32 28.95
C LEU B 76 14.51 11.55 30.20
N LYS B 77 13.38 11.92 30.81
CA LYS B 77 12.92 11.24 32.07
C LYS B 77 12.65 9.77 31.70
N LEU B 78 11.91 9.56 30.62
CA LEU B 78 11.62 8.16 30.15
C LEU B 78 12.92 7.46 29.81
N GLY B 79 13.79 8.08 29.00
CA GLY B 79 15.03 7.48 28.52
C GLY B 79 15.91 7.08 29.71
N LYS B 80 15.97 7.91 30.75
CA LYS B 80 16.85 7.60 31.91
C LYS B 80 16.25 6.42 32.73
N ARG B 81 14.93 6.38 32.88
CA ARG B 81 14.25 5.30 33.61
C ARG B 81 14.42 3.99 32.85
N VAL B 82 14.26 4.01 31.53
CA VAL B 82 14.50 2.80 30.70
C VAL B 82 15.94 2.32 30.94
N ALA B 83 16.94 3.23 30.96
CA ALA B 83 18.36 2.88 31.16
C ALA B 83 18.51 2.17 32.51
N GLU B 84 17.94 2.72 33.56
CA GLU B 84 18.08 2.17 34.95
C GLU B 84 17.50 0.75 34.96
N LEU B 85 16.34 0.55 34.33
CA LEU B 85 15.70 -0.79 34.29
C LEU B 85 16.51 -1.74 33.43
N ALA B 86 17.09 -1.30 32.33
CA ALA B 86 17.86 -2.16 31.42
C ALA B 86 19.11 -2.67 32.18
N GLU B 87 19.61 -1.88 33.11
CA GLU B 87 20.83 -2.23 33.88
C GLU B 87 20.49 -3.17 35.03
N SER B 88 19.21 -3.40 35.34
CA SER B 88 18.76 -4.26 36.46
C SER B 88 18.74 -5.74 36.04
N LYS B 89 19.40 -6.60 36.82
CA LYS B 89 19.41 -8.05 36.52
C LYS B 89 18.00 -8.63 36.68
N ASP B 90 17.12 -7.96 37.42
CA ASP B 90 15.71 -8.32 37.72
C ASP B 90 14.74 -7.98 36.55
N VAL B 91 15.25 -7.36 35.47
CA VAL B 91 14.39 -6.94 34.33
C VAL B 91 14.85 -7.66 33.08
N ASP B 92 13.94 -8.33 32.38
CA ASP B 92 14.26 -9.01 31.09
C ASP B 92 13.81 -8.19 29.89
N GLY B 93 12.74 -7.45 30.02
CA GLY B 93 12.17 -6.68 28.91
C GLY B 93 11.34 -5.51 29.43
N ILE B 94 11.16 -4.52 28.57
CA ILE B 94 10.49 -3.25 28.93
C ILE B 94 9.45 -2.91 27.86
N VAL B 95 8.28 -2.59 28.33
CA VAL B 95 7.17 -2.09 27.50
C VAL B 95 6.86 -0.68 27.94
N ILE B 96 6.68 0.22 26.99
CA ILE B 96 6.26 1.59 27.27
C ILE B 96 4.90 1.82 26.61
N THR B 97 3.88 2.16 27.38
CA THR B 97 2.53 2.51 26.88
C THR B 97 2.59 4.02 26.62
N HIS B 98 2.12 4.44 25.46
CA HIS B 98 2.39 5.81 24.95
C HIS B 98 1.23 6.25 24.06
N GLY B 99 0.95 7.56 24.06
CA GLY B 99 0.02 8.06 23.03
C GLY B 99 0.58 7.83 21.63
N THR B 100 -0.29 7.70 20.63
CA THR B 100 0.16 7.41 19.26
C THR B 100 0.74 8.62 18.55
N ASP B 101 0.41 9.82 18.93
CA ASP B 101 0.77 10.98 18.07
C ASP B 101 2.27 11.14 17.98
N THR B 102 3.03 10.96 19.08
CA THR B 102 4.49 11.09 19.05
C THR B 102 5.20 9.77 19.37
N LEU B 103 4.47 8.66 19.39
CA LEU B 103 5.03 7.32 19.70
C LEU B 103 6.27 7.12 18.83
N GLU B 104 6.19 7.48 17.57
CA GLU B 104 7.27 7.22 16.60
C GLU B 104 8.55 7.98 16.94
N GLU B 105 8.40 9.14 17.58
CA GLU B 105 9.54 10.00 17.97
C GLU B 105 10.23 9.35 19.18
N THR B 106 9.46 8.99 20.20
CA THR B 106 10.00 8.35 21.41
C THR B 106 10.69 7.04 20.96
N ALA B 107 10.04 6.24 20.11
CA ALA B 107 10.59 4.90 19.77
C ALA B 107 11.95 5.08 19.12
N PHE B 108 12.09 6.06 18.24
CA PHE B 108 13.37 6.29 17.52
C PHE B 108 14.39 6.84 18.52
N PHE B 109 13.98 7.77 19.38
CA PHE B 109 14.89 8.31 20.44
C PHE B 109 15.51 7.15 21.25
N LEU B 110 14.70 6.24 21.76
CA LEU B 110 15.14 5.09 22.58
C LEU B 110 16.05 4.18 21.76
N ASN B 111 15.77 4.01 20.48
CA ASN B 111 16.57 3.18 19.56
C ASN B 111 17.99 3.75 19.47
N LEU B 112 18.16 5.04 19.61
CA LEU B 112 19.48 5.71 19.45
C LEU B 112 20.26 5.73 20.74
N VAL B 113 19.59 5.82 21.88
CA VAL B 113 20.32 6.19 23.13
C VAL B 113 20.33 5.08 24.19
N GLU B 114 19.64 3.95 24.02
CA GLU B 114 19.60 2.85 25.01
C GLU B 114 20.59 1.75 24.60
N LYS B 115 21.71 1.69 25.28
CA LYS B 115 22.80 0.75 24.91
C LYS B 115 22.53 -0.58 25.62
N THR B 116 21.49 -1.27 25.20
CA THR B 116 21.04 -2.53 25.78
C THR B 116 20.54 -3.43 24.68
N ASP B 117 20.73 -4.73 24.86
CA ASP B 117 20.11 -5.70 23.91
C ASP B 117 18.80 -6.18 24.50
N LYS B 118 18.40 -5.74 25.68
CA LYS B 118 17.14 -6.19 26.30
C LYS B 118 16.01 -5.62 25.45
N PRO B 119 14.95 -6.40 25.19
CA PRO B 119 13.84 -5.86 24.38
C PRO B 119 13.20 -4.64 25.04
N ILE B 120 12.94 -3.67 24.17
CA ILE B 120 12.22 -2.42 24.45
C ILE B 120 11.13 -2.29 23.39
N VAL B 121 9.89 -2.32 23.85
CA VAL B 121 8.66 -2.25 23.00
C VAL B 121 7.87 -1.00 23.39
N VAL B 122 7.49 -0.20 22.40
CA VAL B 122 6.61 0.97 22.60
C VAL B 122 5.27 0.60 22.00
N VAL B 123 4.18 0.87 22.70
CA VAL B 123 2.85 0.45 22.20
C VAL B 123 1.80 1.48 22.61
N GLY B 124 0.80 1.66 21.76
CA GLY B 124 -0.35 2.50 22.02
C GLY B 124 -1.63 1.86 21.49
N SER B 125 -2.67 2.65 21.41
CA SER B 125 -3.93 2.20 20.78
C SER B 125 -4.53 3.34 19.99
N MET B 126 -5.20 3.00 18.90
CA MET B 126 -5.91 4.02 18.06
C MET B 126 -7.31 4.30 18.63
N ARG B 127 -7.87 3.35 19.37
CA ARG B 127 -9.17 3.50 20.06
C ARG B 127 -8.93 3.49 21.56
N PRO B 128 -9.72 4.24 22.38
CA PRO B 128 -9.59 4.13 23.84
C PRO B 128 -10.16 2.82 24.37
N GLY B 129 -9.74 2.38 25.57
CA GLY B 129 -10.13 1.05 26.08
C GLY B 129 -11.60 0.96 26.39
N THR B 130 -12.32 2.07 26.42
CA THR B 130 -13.78 2.12 26.68
C THR B 130 -14.55 1.86 25.40
N ALA B 131 -13.86 1.91 24.25
CA ALA B 131 -14.54 1.83 22.95
C ALA B 131 -14.86 0.38 22.65
N MET B 132 -15.96 0.20 21.95
CA MET B 132 -16.25 -1.03 21.20
C MET B 132 -15.02 -1.42 20.38
N SER B 133 -14.59 -2.68 20.45
CA SER B 133 -13.53 -3.25 19.60
C SER B 133 -12.21 -2.47 19.80
N ALA B 134 -11.99 -1.99 21.03
CA ALA B 134 -10.74 -1.31 21.37
C ALA B 134 -9.53 -2.18 21.05
N ASP B 135 -8.47 -1.59 20.49
CA ASP B 135 -7.29 -2.34 20.02
C ASP B 135 -6.24 -2.47 21.13
N GLY B 136 -6.37 -1.67 22.19
CA GLY B 136 -5.31 -1.59 23.24
C GLY B 136 -5.05 -2.90 23.94
N MET B 137 -6.07 -3.72 24.27
CA MET B 137 -5.82 -4.93 25.06
C MET B 137 -4.87 -5.88 24.34
N LEU B 138 -5.18 -6.25 23.12
CA LEU B 138 -4.30 -7.17 22.35
C LEU B 138 -3.01 -6.48 22.01
N ASN B 139 -2.97 -5.16 21.76
CA ASN B 139 -1.67 -4.51 21.52
C ASN B 139 -0.76 -4.62 22.76
N LEU B 140 -1.30 -4.43 23.96
CA LEU B 140 -0.48 -4.51 25.20
C LEU B 140 -0.04 -5.97 25.44
N TYR B 141 -0.96 -6.91 25.27
CA TYR B 141 -0.63 -8.37 25.34
C TYR B 141 0.50 -8.66 24.39
N ASN B 142 0.35 -8.26 23.13
CA ASN B 142 1.41 -8.48 22.13
C ASN B 142 2.72 -7.80 22.57
N ALA B 143 2.69 -6.59 23.10
CA ALA B 143 3.90 -5.87 23.53
C ALA B 143 4.63 -6.67 24.61
N VAL B 144 3.89 -7.17 25.60
CA VAL B 144 4.45 -8.03 26.67
C VAL B 144 5.02 -9.31 26.07
N ALA B 145 4.34 -9.95 25.13
CA ALA B 145 4.80 -11.18 24.47
C ALA B 145 6.13 -10.92 23.77
N VAL B 146 6.22 -9.84 22.98
CA VAL B 146 7.46 -9.50 22.23
C VAL B 146 8.60 -9.10 23.18
N ALA B 147 8.30 -8.39 24.26
CA ALA B 147 9.31 -7.95 25.23
C ALA B 147 9.83 -9.18 26.04
N SER B 148 9.10 -10.29 26.05
CA SER B 148 9.49 -11.50 26.82
CA SER B 148 9.41 -11.54 26.81
C SER B 148 10.11 -12.55 25.90
N ASP B 149 10.23 -12.25 24.61
CA ASP B 149 10.68 -13.23 23.60
C ASP B 149 12.18 -13.10 23.39
N LYS B 150 12.94 -14.21 23.53
CA LYS B 150 14.37 -14.20 23.19
C LYS B 150 14.62 -13.72 21.76
N GLN B 151 13.69 -13.91 20.82
CA GLN B 151 13.89 -13.47 19.43
C GLN B 151 13.97 -11.92 19.36
N SER B 152 13.48 -11.21 20.35
CA SER B 152 13.47 -9.71 20.33
C SER B 152 14.84 -9.15 20.79
N ARG B 153 15.65 -9.96 21.46
CA ARG B 153 16.98 -9.46 21.94
C ARG B 153 17.80 -8.99 20.76
N GLY B 154 18.36 -7.79 20.88
CA GLY B 154 19.28 -7.23 19.88
C GLY B 154 18.64 -6.71 18.63
N LYS B 155 17.32 -6.61 18.59
CA LYS B 155 16.59 -6.17 17.36
C LYS B 155 16.34 -4.65 17.37
N GLY B 156 16.76 -3.96 18.43
CA GLY B 156 16.43 -2.53 18.61
C GLY B 156 15.05 -2.33 19.12
N VAL B 157 14.61 -1.08 19.21
CA VAL B 157 13.29 -0.79 19.77
C VAL B 157 12.23 -1.26 18.78
N LEU B 158 11.18 -1.86 19.31
CA LEU B 158 10.08 -2.39 18.48
C LEU B 158 8.77 -1.73 18.87
N VAL B 159 7.81 -1.79 17.94
CA VAL B 159 6.45 -1.24 18.08
C VAL B 159 5.53 -2.35 17.65
N THR B 160 4.58 -2.69 18.50
CA THR B 160 3.76 -3.93 18.31
C THR B 160 2.27 -3.61 18.20
N MET B 161 1.87 -2.92 17.16
CA MET B 161 0.44 -2.62 16.94
C MET B 161 -0.04 -3.38 15.68
N ASN B 162 -1.35 -3.65 15.57
CA ASN B 162 -1.93 -4.20 14.34
C ASN B 162 -1.30 -5.57 14.07
N ASP B 163 -0.91 -6.31 15.13
CA ASP B 163 -0.35 -7.69 15.03
C ASP B 163 1.01 -7.67 14.35
N GLU B 164 1.64 -6.51 14.22
CA GLU B 164 2.90 -6.37 13.50
C GLU B 164 4.03 -6.23 14.53
N ILE B 165 5.23 -6.56 14.11
CA ILE B 165 6.49 -6.13 14.75
C ILE B 165 7.15 -5.11 13.83
N GLN B 166 7.08 -3.85 14.23
CA GLN B 166 7.67 -2.75 13.44
C GLN B 166 8.96 -2.26 14.12
N SER B 167 9.87 -1.78 13.33
CA SER B 167 11.11 -1.15 13.79
C SER B 167 10.75 0.24 14.32
N GLY B 168 11.21 0.52 15.53
CA GLY B 168 11.06 1.85 16.13
C GLY B 168 11.78 2.92 15.35
N ARG B 169 12.80 2.55 14.59
CA ARG B 169 13.50 3.54 13.73
C ARG B 169 12.55 4.22 12.77
N ASP B 170 11.87 3.47 11.91
CA ASP B 170 11.25 4.05 10.70
C ASP B 170 9.76 3.75 10.62
N VAL B 171 9.17 3.16 11.64
CA VAL B 171 7.70 3.15 11.71
C VAL B 171 7.21 4.58 11.97
N SER B 172 6.08 4.92 11.41
CA SER B 172 5.48 6.25 11.55
C SER B 172 3.98 6.13 11.65
N LYS B 173 3.34 7.08 12.31
CA LYS B 173 1.86 7.17 12.25
C LYS B 173 1.50 7.74 10.89
N ALA B 174 0.95 6.91 10.00
CA ALA B 174 0.77 7.23 8.58
C ALA B 174 -0.71 7.24 8.20
N VAL B 175 -1.58 6.60 8.97
CA VAL B 175 -3.05 6.52 8.70
C VAL B 175 -3.80 6.96 9.95
N ASN B 176 -4.62 8.00 9.84
CA ASN B 176 -5.46 8.43 10.94
C ASN B 176 -6.67 7.52 11.12
N ILE B 177 -7.13 7.46 12.35
CA ILE B 177 -8.39 6.77 12.79
C ILE B 177 -8.22 5.25 12.88
N LYS B 178 -7.73 4.60 11.84
CA LYS B 178 -7.71 3.13 11.74
C LYS B 178 -6.63 2.51 12.60
N THR B 179 -6.84 1.25 12.94
CA THR B 179 -5.90 0.55 13.83
C THR B 179 -4.59 0.19 13.11
N GLU B 180 -4.55 0.22 11.78
CA GLU B 180 -3.33 -0.01 10.98
C GLU B 180 -2.53 1.29 10.82
N ALA B 181 -2.68 2.27 11.72
CA ALA B 181 -2.03 3.59 11.65
C ALA B 181 -0.54 3.49 11.37
N PHE B 182 0.18 2.58 12.03
CA PHE B 182 1.65 2.62 12.05
C PHE B 182 2.21 1.80 10.89
N LYS B 183 2.93 2.46 10.03
CA LYS B 183 3.54 1.83 8.84
C LYS B 183 4.99 2.24 8.69
N SER B 184 5.75 1.38 8.01
CA SER B 184 7.13 1.69 7.61
C SER B 184 7.24 1.56 6.09
N ALA B 185 7.97 2.48 5.47
CA ALA B 185 8.35 2.40 4.06
C ALA B 185 9.07 1.07 3.80
N TRP B 186 9.76 0.50 4.80
CA TRP B 186 10.62 -0.69 4.60
C TRP B 186 9.93 -1.94 5.12
N GLY B 187 8.64 -1.86 5.41
CA GLY B 187 7.83 -3.02 5.80
C GLY B 187 7.92 -3.31 7.28
N PRO B 188 6.96 -4.08 7.77
CA PRO B 188 7.07 -4.67 9.09
C PRO B 188 8.19 -5.71 9.07
N MET B 189 8.87 -5.86 10.18
CA MET B 189 9.95 -6.87 10.30
C MET B 189 9.37 -8.24 10.65
N GLY B 190 8.19 -8.27 11.27
CA GLY B 190 7.58 -9.51 11.75
C GLY B 190 6.12 -9.32 12.09
N MET B 191 5.53 -10.37 12.62
CA MET B 191 4.15 -10.33 13.17
C MET B 191 4.17 -11.02 14.52
N VAL B 192 3.19 -10.70 15.34
CA VAL B 192 2.94 -11.36 16.63
C VAL B 192 1.49 -11.83 16.60
N VAL B 193 1.33 -13.14 16.71
CA VAL B 193 0.00 -13.81 16.69
C VAL B 193 -0.06 -14.88 17.81
N GLU B 194 -1.11 -14.83 18.61
CA GLU B 194 -1.38 -15.79 19.73
C GLU B 194 -0.11 -15.92 20.57
N GLY B 195 0.48 -14.76 20.85
CA GLY B 195 1.65 -14.62 21.73
C GLY B 195 2.95 -14.98 21.07
N LYS B 196 2.98 -15.46 19.83
CA LYS B 196 4.22 -15.93 19.21
C LYS B 196 4.70 -14.90 18.18
N SER B 197 5.99 -14.73 18.10
CA SER B 197 6.64 -13.79 17.17
C SER B 197 7.15 -14.54 15.95
N TYR B 198 6.90 -13.99 14.77
CA TYR B 198 7.34 -14.54 13.47
C TYR B 198 8.10 -13.47 12.71
N TRP B 199 9.38 -13.74 12.49
CA TRP B 199 10.29 -12.74 11.90
C TRP B 199 10.50 -13.00 10.41
N PHE B 200 10.64 -11.92 9.64
CA PHE B 200 10.82 -11.97 8.18
C PHE B 200 11.96 -11.08 7.70
N ARG B 201 12.34 -10.07 8.48
CA ARG B 201 13.44 -9.16 8.14
C ARG B 201 14.18 -8.79 9.42
N LEU B 202 15.41 -8.34 9.26
CA LEU B 202 16.22 -7.81 10.37
C LEU B 202 16.55 -6.34 10.07
N PRO B 203 16.82 -5.56 11.12
CA PRO B 203 17.33 -4.21 10.93
C PRO B 203 18.71 -4.20 10.24
N ALA B 204 18.94 -3.17 9.43
CA ALA B 204 20.25 -2.90 8.79
C ALA B 204 20.94 -1.69 9.42
N LYS B 205 20.22 -0.80 10.08
CA LYS B 205 20.80 0.47 10.57
C LYS B 205 21.30 0.32 12.00
N ARG B 206 22.17 1.24 12.43
CA ARG B 206 22.74 1.18 13.78
C ARG B 206 21.69 1.48 14.82
N HIS B 207 21.76 0.79 15.94
CA HIS B 207 20.81 0.93 17.05
C HIS B 207 21.41 0.39 18.34
N THR B 208 20.80 0.79 19.44
CA THR B 208 20.94 0.28 20.82
C THR B 208 22.42 -0.09 21.10
N VAL B 209 22.78 -1.37 21.22
CA VAL B 209 24.16 -1.73 21.67
C VAL B 209 25.24 -1.27 20.70
N ASN B 210 24.93 -1.08 19.42
CA ASN B 210 25.91 -0.65 18.40
C ASN B 210 25.84 0.86 18.17
N SER B 211 25.05 1.59 18.97
CA SER B 211 24.97 3.07 18.84
C SER B 211 26.20 3.72 19.49
N GLU B 212 26.65 4.80 18.91
CA GLU B 212 27.72 5.64 19.47
C GLU B 212 27.16 6.61 20.50
N PHE B 213 25.82 6.68 20.68
CA PHE B 213 25.12 7.58 21.64
C PHE B 213 24.66 6.83 22.84
N ASP B 214 24.58 7.51 23.97
CA ASP B 214 24.20 6.91 25.26
C ASP B 214 23.45 7.93 26.06
N ILE B 215 22.23 7.57 26.46
CA ILE B 215 21.38 8.42 27.33
C ILE B 215 22.15 8.77 28.62
N LYS B 216 23.07 7.91 29.08
CA LYS B 216 23.68 8.13 30.42
C LYS B 216 24.52 9.41 30.38
N GLN B 217 24.99 9.87 29.25
CA GLN B 217 25.82 11.10 29.18
C GLN B 217 25.02 12.35 28.77
N ILE B 218 23.77 12.20 28.40
CA ILE B 218 22.95 13.34 27.90
C ILE B 218 22.21 13.99 29.08
N SER B 219 22.49 15.26 29.38
CA SER B 219 21.80 16.01 30.47
C SER B 219 20.60 16.81 29.94
N SER B 220 20.72 17.29 28.72
CA SER B 220 19.62 18.02 28.05
C SER B 220 19.85 17.98 26.56
N LEU B 221 18.76 18.05 25.77
CA LEU B 221 18.91 17.94 24.31
C LEU B 221 18.97 19.31 23.65
N PRO B 222 19.65 19.42 22.53
CA PRO B 222 19.73 20.66 21.77
C PRO B 222 18.36 21.01 21.21
N GLN B 223 18.05 22.29 21.20
CA GLN B 223 16.78 22.73 20.57
C GLN B 223 16.85 22.55 19.05
N VAL B 224 15.85 21.82 18.50
CA VAL B 224 15.75 21.62 17.03
C VAL B 224 14.31 21.84 16.64
N ASP B 225 14.10 22.56 15.55
CA ASP B 225 12.73 22.88 15.10
C ASP B 225 12.55 22.51 13.63
N ILE B 226 11.30 22.54 13.17
CA ILE B 226 10.89 22.02 11.85
C ILE B 226 10.02 23.09 11.17
N ALA B 227 10.35 23.42 9.92
CA ALA B 227 9.59 24.36 9.07
C ALA B 227 9.15 23.60 7.81
N TYR B 228 7.99 23.92 7.30
CA TYR B 228 7.34 23.23 6.18
C TYR B 228 7.64 23.97 4.89
N GLY B 229 7.75 23.21 3.81
CA GLY B 229 7.86 23.75 2.45
C GLY B 229 6.65 23.48 1.63
N TYR B 230 6.23 24.47 0.85
CA TYR B 230 4.94 24.45 0.09
C TYR B 230 4.99 25.59 -0.90
N GLY B 231 4.01 25.68 -1.79
CA GLY B 231 3.96 26.82 -2.70
C GLY B 231 3.93 28.14 -1.97
N ASN B 232 4.69 29.11 -2.48
CA ASN B 232 4.69 30.50 -1.99
C ASN B 232 5.22 30.56 -0.55
N VAL B 233 5.96 29.56 -0.08
CA VAL B 233 6.56 29.62 1.25
C VAL B 233 7.64 30.70 1.25
N THR B 234 7.83 31.32 2.38
CA THR B 234 8.85 32.37 2.59
C THR B 234 9.85 31.88 3.63
N ASP B 235 10.81 32.70 3.96
CA ASP B 235 11.84 32.32 4.94
C ASP B 235 11.40 32.63 6.39
N THR B 236 10.21 33.15 6.60
CA THR B 236 9.77 33.65 7.92
C THR B 236 9.89 32.57 9.02
N ALA B 237 9.34 31.37 8.83
CA ALA B 237 9.35 30.38 9.94
C ALA B 237 10.79 30.03 10.30
N TYR B 238 11.61 29.86 9.28
CA TYR B 238 13.01 29.44 9.42
C TYR B 238 13.75 30.46 10.29
N LYS B 239 13.65 31.72 9.90
CA LYS B 239 14.34 32.81 10.65
C LYS B 239 13.76 32.91 12.05
N ALA B 240 12.44 32.80 12.25
CA ALA B 240 11.83 32.95 13.58
C ALA B 240 12.29 31.84 14.51
N LEU B 241 12.32 30.59 13.99
CA LEU B 241 12.71 29.43 14.81
C LEU B 241 14.19 29.55 15.23
N ALA B 242 15.06 29.97 14.34
CA ALA B 242 16.49 30.18 14.67
C ALA B 242 16.61 31.33 15.67
N GLN B 243 15.78 32.38 15.50
CA GLN B 243 15.87 33.57 16.38
C GLN B 243 15.44 33.16 17.79
N ASN B 244 14.62 32.12 17.95
CA ASN B 244 14.18 31.70 19.30
C ASN B 244 14.88 30.41 19.72
N GLY B 245 16.12 30.22 19.28
CA GLY B 245 17.04 29.25 19.90
C GLY B 245 17.33 27.99 19.09
N ALA B 246 16.73 27.76 17.91
CA ALA B 246 16.98 26.48 17.21
C ALA B 246 18.47 26.35 16.83
N LYS B 247 19.11 25.22 17.13
CA LYS B 247 20.53 24.94 16.75
C LYS B 247 20.60 24.17 15.43
N ALA B 248 19.45 23.61 14.99
CA ALA B 248 19.28 22.96 13.68
C ALA B 248 17.84 23.22 13.27
N LEU B 249 17.66 23.32 11.98
CA LEU B 249 16.30 23.39 11.39
C LEU B 249 16.14 22.17 10.51
N ILE B 250 15.04 21.48 10.70
CA ILE B 250 14.63 20.40 9.77
C ILE B 250 13.70 21.07 8.77
N HIS B 251 14.09 21.09 7.52
CA HIS B 251 13.30 21.60 6.38
C HIS B 251 12.43 20.44 5.92
N ALA B 252 11.12 20.58 6.06
CA ALA B 252 10.19 19.54 5.56
C ALA B 252 9.81 19.96 4.14
N GLY B 253 10.68 19.69 3.20
CA GLY B 253 10.51 20.19 1.84
C GLY B 253 9.46 19.45 1.02
N THR B 254 9.07 20.05 -0.09
CA THR B 254 8.41 19.36 -1.23
C THR B 254 9.39 18.37 -1.83
N GLY B 255 8.87 17.34 -2.48
CA GLY B 255 9.70 16.40 -3.25
C GLY B 255 10.96 15.98 -2.53
N ASN B 256 12.08 16.02 -3.24
CA ASN B 256 13.34 15.46 -2.75
C ASN B 256 14.04 16.52 -1.88
N GLY B 257 13.40 16.92 -0.80
CA GLY B 257 13.94 17.92 0.14
C GLY B 257 14.13 19.26 -0.53
N SER B 258 13.33 19.58 -1.55
CA SER B 258 13.54 20.80 -2.38
C SER B 258 13.32 22.08 -1.56
N VAL B 259 14.05 23.11 -1.93
CA VAL B 259 14.04 24.41 -1.24
C VAL B 259 13.68 25.50 -2.23
N SER B 260 12.67 26.29 -1.89
CA SER B 260 12.24 27.46 -2.68
C SER B 260 13.44 28.38 -2.89
N SER B 261 13.55 28.96 -4.07
CA SER B 261 14.51 30.08 -4.28
C SER B 261 14.24 31.22 -3.32
N ARG B 262 13.05 31.39 -2.76
CA ARG B 262 12.77 32.45 -1.75
C ARG B 262 13.38 32.11 -0.38
N VAL B 263 13.77 30.87 -0.17
CA VAL B 263 14.17 30.38 1.16
C VAL B 263 15.68 30.10 1.17
N VAL B 264 16.29 29.72 0.02
CA VAL B 264 17.73 29.31 -0.03
C VAL B 264 18.61 30.39 0.61
N PRO B 265 18.47 31.69 0.29
CA PRO B 265 19.41 32.67 0.87
C PRO B 265 19.36 32.76 2.42
N ALA B 266 18.17 32.70 3.01
CA ALA B 266 18.00 32.63 4.47
C ALA B 266 18.73 31.41 5.01
N LEU B 267 18.61 30.25 4.38
CA LEU B 267 19.24 29.01 4.92
C LEU B 267 20.75 29.08 4.79
N GLN B 268 21.26 29.74 3.76
CA GLN B 268 22.72 29.92 3.64
C GLN B 268 23.22 30.79 4.78
N GLU B 269 22.49 31.86 5.11
CA GLU B 269 22.91 32.81 6.13
C GLU B 269 22.78 32.11 7.48
N LEU B 270 21.73 31.32 7.70
CA LEU B 270 21.61 30.60 8.98
C LEU B 270 22.76 29.58 9.12
N ARG B 271 23.15 28.91 8.05
CA ARG B 271 24.24 27.92 8.19
C ARG B 271 25.54 28.66 8.51
N LYS B 272 25.79 29.76 7.81
CA LYS B 272 26.98 30.63 8.10
C LYS B 272 27.00 31.04 9.57
N ASN B 273 25.85 31.28 10.20
CA ASN B 273 25.73 31.71 11.61
C ASN B 273 25.61 30.51 12.55
N GLY B 274 25.86 29.26 12.11
CA GLY B 274 26.11 28.15 13.03
C GLY B 274 24.91 27.22 13.19
N VAL B 275 23.81 27.47 12.47
CA VAL B 275 22.59 26.62 12.53
C VAL B 275 22.70 25.50 11.48
N GLN B 276 22.57 24.25 11.90
CA GLN B 276 22.58 23.08 10.99
C GLN B 276 21.31 23.10 10.15
N ILE B 277 21.43 22.80 8.87
CA ILE B 277 20.29 22.80 7.93
C ILE B 277 20.16 21.37 7.40
N ILE B 278 19.05 20.71 7.77
CA ILE B 278 18.79 19.28 7.45
C ILE B 278 17.57 19.21 6.52
N ARG B 279 17.78 18.69 5.33
CA ARG B 279 16.72 18.59 4.29
C ARG B 279 16.03 17.24 4.44
N SER B 280 14.81 17.30 4.92
CA SER B 280 13.84 16.17 4.97
C SER B 280 12.73 16.52 3.95
N SER B 281 11.58 15.88 4.05
CA SER B 281 10.48 16.10 3.07
C SER B 281 9.16 15.71 3.72
N HIS B 282 8.09 16.16 3.11
CA HIS B 282 6.74 15.64 3.42
C HIS B 282 6.29 14.64 2.35
N VAL B 283 7.23 13.86 1.88
CA VAL B 283 6.95 12.78 0.91
C VAL B 283 7.36 11.51 1.63
N ASN B 284 6.45 10.93 2.39
CA ASN B 284 6.88 10.09 3.54
C ASN B 284 6.51 8.61 3.33
N GLN B 285 5.95 8.20 2.20
CA GLN B 285 5.53 6.79 1.98
C GLN B 285 6.67 5.94 1.42
N GLY B 286 7.69 6.53 0.80
CA GLY B 286 8.82 5.76 0.28
C GLY B 286 9.86 6.71 -0.31
N GLY B 287 10.98 6.16 -0.70
CA GLY B 287 12.13 6.92 -1.22
C GLY B 287 12.95 7.57 -0.12
N PHE B 288 13.85 8.44 -0.53
CA PHE B 288 14.69 9.21 0.42
C PHE B 288 15.19 10.44 -0.31
N VAL B 289 15.79 11.33 0.47
CA VAL B 289 16.33 12.63 0.05
C VAL B 289 17.80 12.36 -0.26
N LEU B 290 18.15 12.67 -1.49
CA LEU B 290 19.49 12.41 -2.07
C LEU B 290 20.41 13.63 -1.94
N ARG B 291 21.58 13.41 -1.35
CA ARG B 291 22.53 14.51 -1.17
C ARG B 291 22.93 15.10 -2.54
N ASN B 292 23.00 16.41 -2.66
CA ASN B 292 23.50 17.15 -3.85
C ASN B 292 22.56 17.05 -5.05
N ALA B 293 21.35 16.48 -4.91
CA ALA B 293 20.43 16.41 -6.06
C ALA B 293 19.66 17.72 -6.19
N GLU B 294 18.77 18.04 -5.25
CA GLU B 294 17.93 19.25 -5.41
C GLU B 294 18.66 20.50 -4.96
N GLN B 295 19.66 20.39 -4.11
CA GLN B 295 20.41 21.56 -3.63
C GLN B 295 21.86 21.15 -3.51
N PRO B 296 22.77 22.14 -3.59
CA PRO B 296 24.20 21.83 -3.49
C PRO B 296 24.64 21.79 -2.03
N ASP B 297 24.38 20.65 -1.38
CA ASP B 297 24.62 20.44 0.06
C ASP B 297 26.12 20.60 0.35
N ASP B 298 27.00 20.10 -0.51
CA ASP B 298 28.47 20.25 -0.23
C ASP B 298 28.84 21.71 -0.22
N LYS B 299 28.42 22.48 -1.21
CA LYS B 299 28.76 23.92 -1.29
C LYS B 299 28.20 24.66 -0.07
N ASN B 300 26.96 24.37 0.30
CA ASN B 300 26.24 25.06 1.38
C ASN B 300 26.56 24.51 2.79
N ASP B 301 27.19 23.35 2.92
CA ASP B 301 27.46 22.63 4.18
C ASP B 301 26.12 22.31 4.85
N TRP B 302 25.21 21.78 4.04
CA TRP B 302 23.93 21.24 4.53
C TRP B 302 23.96 19.71 4.64
N VAL B 303 22.91 19.16 5.24
CA VAL B 303 22.76 17.71 5.50
C VAL B 303 21.41 17.25 4.95
N VAL B 304 21.36 16.05 4.37
CA VAL B 304 20.07 15.43 3.95
C VAL B 304 19.70 14.39 4.98
N ALA B 305 18.40 14.25 5.20
CA ALA B 305 17.84 13.38 6.25
C ALA B 305 17.67 11.95 5.72
N HIS B 306 18.10 11.63 4.51
CA HIS B 306 18.01 10.27 3.98
C HIS B 306 16.52 9.92 3.91
N ASP B 307 16.10 8.82 4.50
CA ASP B 307 14.68 8.41 4.37
C ASP B 307 13.85 8.96 5.54
N LEU B 308 14.47 9.62 6.51
CA LEU B 308 13.80 9.97 7.78
C LEU B 308 12.83 11.14 7.54
N ASN B 309 11.61 10.98 8.04
CA ASN B 309 10.60 12.05 7.97
C ASN B 309 10.98 13.16 8.95
N PRO B 310 10.30 14.31 8.89
CA PRO B 310 10.82 15.49 9.60
C PRO B 310 10.98 15.29 11.10
N GLN B 311 9.97 14.73 11.74
CA GLN B 311 9.94 14.53 13.21
C GLN B 311 10.99 13.49 13.63
N LYS B 312 11.22 12.48 12.78
CA LYS B 312 12.31 11.53 13.06
C LYS B 312 13.65 12.25 12.87
N ALA B 313 13.81 13.02 11.81
CA ALA B 313 15.08 13.74 11.54
C ALA B 313 15.40 14.69 12.70
N ARG B 314 14.40 15.34 13.30
CA ARG B 314 14.60 16.21 14.47
C ARG B 314 15.22 15.37 15.59
N ILE B 315 14.68 14.18 15.87
CA ILE B 315 15.15 13.32 16.99
C ILE B 315 16.63 12.97 16.71
N LEU B 316 16.94 12.52 15.50
CA LEU B 316 18.34 12.11 15.24
C LEU B 316 19.24 13.33 15.32
N ALA B 317 18.79 14.49 14.79
CA ALA B 317 19.63 15.72 14.86
C ALA B 317 19.93 16.06 16.31
N MET B 318 18.96 16.00 17.21
CA MET B 318 19.16 16.38 18.61
C MET B 318 20.21 15.45 19.20
N VAL B 319 20.08 14.14 18.98
CA VAL B 319 21.00 13.16 19.61
C VAL B 319 22.39 13.36 19.02
N ALA B 320 22.46 13.53 17.73
CA ALA B 320 23.74 13.61 17.01
C ALA B 320 24.52 14.85 17.47
N MET B 321 23.81 15.95 17.69
CA MET B 321 24.44 17.23 18.01
C MET B 321 24.93 17.19 19.47
N THR B 322 24.61 16.18 20.26
CA THR B 322 25.29 16.08 21.58
C THR B 322 26.74 15.61 21.40
N LYS B 323 27.09 15.14 20.21
CA LYS B 323 28.45 14.60 19.95
C LYS B 323 29.20 15.48 18.97
N THR B 324 28.54 16.14 18.02
CA THR B 324 29.28 16.80 16.93
C THR B 324 28.55 18.03 16.43
N GLN B 325 29.34 19.01 15.94
CA GLN B 325 28.86 20.22 15.22
C GLN B 325 29.32 20.16 13.77
N ASP B 326 30.06 19.10 13.38
CA ASP B 326 30.63 18.92 12.02
C ASP B 326 29.55 18.34 11.09
N SER B 327 29.16 19.08 10.07
CA SER B 327 28.08 18.73 9.13
C SER B 327 28.44 17.43 8.38
N LYS B 328 29.72 17.13 8.16
CA LYS B 328 30.09 15.85 7.50
C LYS B 328 29.82 14.68 8.45
N GLU B 329 30.10 14.84 9.74
CA GLU B 329 29.79 13.83 10.77
C GLU B 329 28.27 13.68 10.88
N LEU B 330 27.54 14.80 10.92
CA LEU B 330 26.04 14.70 10.97
C LEU B 330 25.57 13.89 9.76
N GLN B 331 26.11 14.14 8.58
CA GLN B 331 25.63 13.46 7.37
C GLN B 331 25.95 11.96 7.51
N ARG B 332 27.12 11.62 8.04
CA ARG B 332 27.44 10.20 8.26
C ARG B 332 26.39 9.57 9.17
N ILE B 333 26.03 10.25 10.23
CA ILE B 333 25.05 9.74 11.22
C ILE B 333 23.69 9.56 10.51
N PHE B 334 23.27 10.53 9.70
CA PHE B 334 21.99 10.39 8.94
C PHE B 334 22.05 9.24 7.92
N TRP B 335 23.24 8.75 7.57
CA TRP B 335 23.37 7.61 6.64
C TRP B 335 23.56 6.29 7.36
N GLU B 336 23.83 6.29 8.66
CA GLU B 336 24.09 5.03 9.42
C GLU B 336 22.96 4.64 10.35
N TYR B 337 22.14 5.59 10.81
CA TYR B 337 21.12 5.38 11.86
C TYR B 337 19.71 5.50 11.24
N LYS C 8 39.88 -3.12 -11.84
CA LYS C 8 39.11 -2.12 -11.05
C LYS C 8 37.63 -2.55 -10.98
N LEU C 9 36.99 -2.80 -12.13
CA LEU C 9 35.53 -3.06 -12.27
C LEU C 9 35.23 -4.53 -11.96
N ALA C 10 34.05 -4.83 -11.41
CA ALA C 10 33.63 -6.23 -11.18
C ALA C 10 33.37 -6.91 -12.52
N ASN C 11 33.58 -8.22 -12.57
CA ASN C 11 33.22 -9.05 -13.72
C ASN C 11 31.79 -9.57 -13.49
N VAL C 12 30.87 -9.10 -14.31
CA VAL C 12 29.44 -9.50 -14.24
C VAL C 12 29.05 -10.28 -15.49
N VAL C 13 28.40 -11.43 -15.28
CA VAL C 13 27.84 -12.20 -16.40
C VAL C 13 26.33 -12.04 -16.42
N ILE C 14 25.80 -11.69 -17.59
CA ILE C 14 24.33 -11.61 -17.83
C ILE C 14 23.90 -12.88 -18.53
N LEU C 15 23.05 -13.64 -17.87
CA LEU C 15 22.39 -14.85 -18.40
C LEU C 15 21.01 -14.42 -18.90
N ALA C 16 20.78 -14.44 -20.21
CA ALA C 16 19.48 -14.08 -20.80
C ALA C 16 18.59 -15.32 -20.92
N THR C 17 17.29 -15.18 -20.56
CA THR C 17 16.32 -16.30 -20.63
C THR C 17 15.14 -15.91 -21.51
N GLY C 18 15.03 -14.66 -21.96
CA GLY C 18 13.93 -14.14 -22.76
C GLY C 18 13.17 -13.01 -22.05
N GLY C 19 11.84 -13.00 -22.18
CA GLY C 19 10.96 -12.08 -21.43
C GLY C 19 10.75 -10.78 -22.19
N THR C 20 9.88 -9.93 -21.62
CA THR C 20 9.50 -8.59 -22.15
C THR C 20 10.78 -7.73 -22.28
N ILE C 21 11.74 -7.90 -21.37
CA ILE C 21 12.96 -7.04 -21.37
C ILE C 21 13.66 -7.19 -22.72
N ALA C 22 13.53 -8.38 -23.33
CA ALA C 22 14.07 -8.75 -24.67
C ALA C 22 12.94 -8.71 -25.72
N GLY C 23 11.85 -8.00 -25.45
CA GLY C 23 10.65 -8.01 -26.31
C GLY C 23 10.60 -6.83 -27.26
N ALA C 24 9.60 -6.79 -28.13
CA ALA C 24 9.37 -5.71 -29.12
C ALA C 24 7.87 -5.58 -29.41
N GLY C 25 7.38 -4.34 -29.47
CA GLY C 25 6.02 -3.99 -29.91
C GLY C 25 5.98 -3.29 -31.27
N ALA C 26 4.79 -3.18 -31.84
CA ALA C 26 4.53 -2.64 -33.21
C ALA C 26 4.93 -1.16 -33.24
N SER C 27 4.53 -0.38 -32.23
CA SER C 27 4.82 1.08 -32.12
C SER C 27 5.44 1.44 -30.74
N ALA C 28 5.85 2.70 -30.59
CA ALA C 28 6.35 3.29 -29.33
C ALA C 28 5.25 3.30 -28.25
N ALA C 29 3.96 3.46 -28.60
CA ALA C 29 2.87 3.46 -27.60
C ALA C 29 2.37 2.03 -27.29
N ASN C 30 3.02 0.97 -27.81
CA ASN C 30 2.72 -0.44 -27.41
C ASN C 30 3.54 -0.77 -26.16
N SER C 31 3.03 -0.41 -24.98
CA SER C 31 3.75 -0.65 -23.69
C SER C 31 3.29 -2.01 -23.14
N ALA C 32 2.15 -2.52 -23.65
CA ALA C 32 1.43 -3.64 -23.00
C ALA C 32 1.16 -4.79 -23.98
N THR C 33 1.12 -4.49 -25.28
CA THR C 33 0.93 -5.48 -26.39
C THR C 33 2.25 -5.55 -27.16
N TYR C 34 2.99 -6.65 -27.00
CA TYR C 34 4.34 -6.87 -27.60
C TYR C 34 4.51 -8.38 -27.81
N GLN C 35 5.61 -8.76 -28.46
CA GLN C 35 6.14 -10.15 -28.53
C GLN C 35 7.38 -10.20 -27.63
N ALA C 36 7.42 -11.16 -26.69
CA ALA C 36 8.55 -11.37 -25.76
C ALA C 36 9.70 -12.09 -26.50
N ALA C 37 10.91 -11.99 -25.96
CA ALA C 37 12.00 -12.97 -26.18
C ALA C 37 12.44 -12.90 -27.65
N LYS C 38 12.53 -11.68 -28.19
CA LYS C 38 12.91 -11.40 -29.61
C LYS C 38 14.39 -11.00 -29.70
N LEU C 39 14.93 -10.25 -28.73
CA LEU C 39 16.29 -9.66 -28.80
C LEU C 39 17.28 -10.61 -28.12
N GLY C 40 18.45 -10.83 -28.75
CA GLY C 40 19.53 -11.66 -28.21
C GLY C 40 20.36 -10.89 -27.20
N VAL C 41 21.07 -11.60 -26.34
CA VAL C 41 21.77 -11.00 -25.17
C VAL C 41 22.75 -9.90 -25.61
N ASP C 42 23.41 -10.05 -26.77
CA ASP C 42 24.46 -9.10 -27.19
C ASP C 42 23.81 -7.78 -27.64
N LYS C 43 22.64 -7.80 -28.27
CA LYS C 43 21.84 -6.58 -28.53
C LYS C 43 21.32 -5.99 -27.21
N LEU C 44 20.81 -6.83 -26.29
CA LEU C 44 20.35 -6.32 -24.96
C LEU C 44 21.46 -5.45 -24.39
N ILE C 45 22.68 -5.98 -24.34
CA ILE C 45 23.83 -5.31 -23.66
C ILE C 45 24.21 -4.04 -24.44
N ALA C 46 24.24 -4.12 -25.76
CA ALA C 46 24.59 -2.97 -26.64
C ALA C 46 23.57 -1.84 -26.48
N GLY C 47 22.29 -2.16 -26.18
CA GLY C 47 21.21 -1.22 -25.85
C GLY C 47 21.50 -0.40 -24.59
N VAL C 48 22.43 -0.82 -23.73
CA VAL C 48 22.82 -0.07 -22.50
C VAL C 48 24.33 0.14 -22.48
N PRO C 49 24.84 1.05 -23.32
CA PRO C 49 26.28 1.29 -23.39
C PRO C 49 26.87 1.72 -22.05
N GLU C 50 26.05 2.31 -21.17
CA GLU C 50 26.54 2.77 -19.84
C GLU C 50 26.93 1.60 -18.95
N LEU C 51 26.58 0.34 -19.28
CA LEU C 51 27.03 -0.80 -18.43
C LEU C 51 28.56 -0.78 -18.30
N ALA C 52 29.26 -0.33 -19.34
CA ALA C 52 30.74 -0.42 -19.36
C ALA C 52 31.33 0.52 -18.30
N ASP C 53 30.58 1.56 -17.88
CA ASP C 53 31.00 2.46 -16.78
C ASP C 53 31.04 1.70 -15.45
N ILE C 54 30.18 0.70 -15.22
CA ILE C 54 30.00 0.18 -13.83
C ILE C 54 30.48 -1.25 -13.70
N ALA C 55 30.73 -1.95 -14.81
CA ALA C 55 31.23 -3.33 -14.78
C ALA C 55 31.81 -3.74 -16.12
N ASN C 56 32.60 -4.82 -16.04
CA ASN C 56 33.03 -5.64 -17.19
C ASN C 56 31.96 -6.71 -17.42
N VAL C 57 31.15 -6.52 -18.43
CA VAL C 57 29.96 -7.39 -18.62
C VAL C 57 30.16 -8.32 -19.82
N ARG C 58 29.74 -9.58 -19.70
CA ARG C 58 29.54 -10.39 -20.92
C ARG C 58 28.21 -11.14 -20.78
N GLY C 59 27.64 -11.49 -21.93
CA GLY C 59 26.30 -12.11 -22.04
C GLY C 59 26.40 -13.55 -22.47
N GLU C 60 25.52 -14.42 -21.95
CA GLU C 60 25.22 -15.76 -22.51
C GLU C 60 23.72 -15.87 -22.70
N GLN C 61 23.28 -16.43 -23.84
CA GLN C 61 21.87 -16.82 -24.08
C GLN C 61 21.65 -18.21 -23.48
N VAL C 62 21.00 -18.31 -22.34
CA VAL C 62 20.72 -19.63 -21.72
C VAL C 62 19.48 -20.24 -22.38
N MET C 63 18.46 -19.43 -22.64
CA MET C 63 17.23 -19.90 -23.33
C MET C 63 16.55 -18.64 -23.84
N GLN C 64 15.47 -18.76 -24.61
CA GLN C 64 14.79 -17.58 -25.20
C GLN C 64 13.29 -17.83 -25.10
N ILE C 65 12.68 -17.62 -23.92
CA ILE C 65 11.27 -18.08 -23.68
C ILE C 65 10.45 -16.94 -23.09
N ALA C 66 9.15 -17.04 -23.30
CA ALA C 66 8.16 -16.29 -22.54
C ALA C 66 8.04 -17.04 -21.21
N SER C 67 8.18 -16.34 -20.08
CA SER C 67 8.41 -17.03 -18.80
C SER C 67 7.13 -17.72 -18.35
N GLU C 68 5.99 -17.39 -18.94
CA GLU C 68 4.76 -18.14 -18.57
C GLU C 68 4.86 -19.61 -19.01
N SER C 69 5.80 -19.93 -19.88
CA SER C 69 5.96 -21.31 -20.41
C SER C 69 7.19 -22.00 -19.83
N ILE C 70 7.81 -21.45 -18.80
CA ILE C 70 9.01 -22.03 -18.18
C ILE C 70 8.69 -23.45 -17.69
N SER C 71 9.69 -24.33 -17.76
CA SER C 71 9.58 -25.71 -17.25
C SER C 71 10.59 -25.95 -16.10
N ASN C 72 10.42 -27.08 -15.41
CA ASN C 72 11.36 -27.53 -14.36
C ASN C 72 12.72 -27.81 -15.03
N ASP C 73 12.70 -28.28 -16.26
CA ASP C 73 13.99 -28.57 -16.95
C ASP C 73 14.75 -27.26 -17.19
N ASP C 74 14.03 -26.19 -17.51
CA ASP C 74 14.57 -24.83 -17.71
C ASP C 74 15.18 -24.35 -16.41
N LEU C 75 14.45 -24.52 -15.30
CA LEU C 75 14.96 -24.04 -14.02
C LEU C 75 16.28 -24.77 -13.76
N LEU C 76 16.33 -26.08 -14.01
CA LEU C 76 17.52 -26.87 -13.65
C LEU C 76 18.69 -26.44 -14.51
N LYS C 77 18.45 -26.23 -15.79
CA LYS C 77 19.53 -25.79 -16.70
C LYS C 77 20.05 -24.44 -16.22
N LEU C 78 19.16 -23.50 -15.87
CA LEU C 78 19.61 -22.14 -15.46
C LEU C 78 20.35 -22.30 -14.14
N GLY C 79 19.79 -23.07 -13.21
CA GLY C 79 20.38 -23.23 -11.87
C GLY C 79 21.80 -23.79 -11.99
N LYS C 80 21.99 -24.72 -12.93
CA LYS C 80 23.31 -25.39 -13.03
C LYS C 80 24.32 -24.46 -13.70
N ARG C 81 23.89 -23.65 -14.66
CA ARG C 81 24.76 -22.64 -15.29
C ARG C 81 25.17 -21.59 -14.25
N VAL C 82 24.23 -21.12 -13.45
CA VAL C 82 24.56 -20.15 -12.37
C VAL C 82 25.62 -20.75 -11.45
N ALA C 83 25.50 -22.03 -11.05
CA ALA C 83 26.43 -22.69 -10.12
C ALA C 83 27.82 -22.67 -10.78
N GLU C 84 27.88 -23.04 -12.05
CA GLU C 84 29.17 -23.11 -12.81
C GLU C 84 29.83 -21.74 -12.80
N LEU C 85 29.08 -20.68 -13.10
CA LEU C 85 29.63 -19.29 -13.12
C LEU C 85 30.01 -18.86 -11.72
N ALA C 86 29.20 -19.13 -10.68
CA ALA C 86 29.49 -18.80 -9.27
C ALA C 86 30.84 -19.40 -8.82
N GLU C 87 31.16 -20.61 -9.27
CA GLU C 87 32.36 -21.39 -8.88
C GLU C 87 33.61 -20.89 -9.60
N SER C 88 33.46 -20.02 -10.59
CA SER C 88 34.56 -19.45 -11.40
C SER C 88 35.18 -18.23 -10.71
N LYS C 89 36.52 -18.22 -10.55
CA LYS C 89 37.24 -17.07 -9.98
C LYS C 89 37.07 -15.82 -10.85
N ASP C 90 36.71 -15.92 -12.13
CA ASP C 90 36.62 -14.76 -13.06
C ASP C 90 35.21 -14.14 -13.08
N VAL C 91 34.33 -14.56 -12.17
CA VAL C 91 32.94 -14.03 -12.10
C VAL C 91 32.75 -13.45 -10.70
N ASP C 92 32.39 -12.19 -10.60
CA ASP C 92 32.11 -11.54 -9.29
C ASP C 92 30.59 -11.51 -9.03
N GLY C 93 29.80 -11.39 -10.09
CA GLY C 93 28.34 -11.23 -9.94
C GLY C 93 27.58 -11.71 -11.14
N ILE C 94 26.31 -12.07 -10.95
CA ILE C 94 25.50 -12.69 -12.02
C ILE C 94 24.16 -11.95 -12.09
N VAL C 95 23.77 -11.55 -13.28
CA VAL C 95 22.43 -10.99 -13.58
C VAL C 95 21.69 -11.93 -14.52
N ILE C 96 20.45 -12.21 -14.20
CA ILE C 96 19.58 -13.05 -15.07
C ILE C 96 18.47 -12.18 -15.60
N THR C 97 18.39 -12.05 -16.91
CA THR C 97 17.28 -11.32 -17.56
C THR C 97 16.17 -12.34 -17.79
N HIS C 98 14.93 -11.98 -17.45
CA HIS C 98 13.81 -12.94 -17.28
C HIS C 98 12.48 -12.26 -17.57
N GLY C 99 11.54 -13.00 -18.13
CA GLY C 99 10.17 -12.53 -18.24
C GLY C 99 9.61 -12.29 -16.83
N THR C 100 8.69 -11.37 -16.70
CA THR C 100 8.18 -11.00 -15.35
C THR C 100 7.18 -12.02 -14.83
N ASP C 101 6.49 -12.76 -15.68
CA ASP C 101 5.39 -13.63 -15.19
C ASP C 101 5.84 -14.65 -14.16
N THR C 102 7.01 -15.31 -14.34
CA THR C 102 7.49 -16.34 -13.37
C THR C 102 8.84 -15.95 -12.78
N LEU C 103 9.24 -14.68 -12.96
CA LEU C 103 10.50 -14.15 -12.36
C LEU C 103 10.56 -14.52 -10.88
N GLU C 104 9.44 -14.36 -10.16
CA GLU C 104 9.45 -14.55 -8.71
C GLU C 104 9.74 -16.03 -8.34
N GLU C 105 9.34 -16.96 -9.21
CA GLU C 105 9.55 -18.40 -9.00
C GLU C 105 11.03 -18.72 -9.21
N THR C 106 11.60 -18.31 -10.33
CA THR C 106 13.05 -18.49 -10.60
C THR C 106 13.90 -17.84 -9.50
N ALA C 107 13.56 -16.63 -9.06
CA ALA C 107 14.35 -15.93 -8.04
C ALA C 107 14.34 -16.73 -6.75
N PHE C 108 13.21 -17.28 -6.33
CA PHE C 108 13.16 -18.06 -5.08
C PHE C 108 13.92 -19.37 -5.26
N PHE C 109 13.74 -20.01 -6.40
CA PHE C 109 14.43 -21.30 -6.69
C PHE C 109 15.96 -21.09 -6.52
N LEU C 110 16.49 -20.07 -7.18
CA LEU C 110 17.96 -19.82 -7.08
C LEU C 110 18.34 -19.44 -5.65
N ASN C 111 17.44 -18.78 -4.90
CA ASN C 111 17.72 -18.42 -3.49
C ASN C 111 17.91 -19.66 -2.63
N LEU C 112 17.27 -20.77 -3.00
CA LEU C 112 17.25 -21.99 -2.18
C LEU C 112 18.42 -22.89 -2.56
N VAL C 113 18.87 -22.85 -3.81
CA VAL C 113 19.76 -23.94 -4.34
C VAL C 113 21.18 -23.46 -4.66
N GLU C 114 21.45 -22.15 -4.67
CA GLU C 114 22.78 -21.61 -5.09
C GLU C 114 23.58 -21.32 -3.82
N LYS C 115 24.54 -22.19 -3.49
CA LYS C 115 25.29 -22.07 -2.23
C LYS C 115 26.50 -21.17 -2.48
N THR C 116 26.26 -19.91 -2.79
CA THR C 116 27.31 -18.90 -3.08
C THR C 116 26.94 -17.59 -2.38
N ASP C 117 27.93 -16.81 -2.00
CA ASP C 117 27.61 -15.46 -1.47
C ASP C 117 27.84 -14.43 -2.58
N LYS C 118 28.19 -14.85 -3.81
CA LYS C 118 28.32 -13.93 -4.94
C LYS C 118 26.93 -13.40 -5.29
N PRO C 119 26.82 -12.09 -5.59
CA PRO C 119 25.52 -11.54 -5.97
C PRO C 119 24.88 -12.18 -7.21
N ILE C 120 23.61 -12.54 -7.03
CA ILE C 120 22.72 -13.06 -8.09
C ILE C 120 21.51 -12.14 -8.11
N VAL C 121 21.29 -11.54 -9.26
CA VAL C 121 20.20 -10.57 -9.46
C VAL C 121 19.35 -11.07 -10.60
N VAL C 122 18.03 -11.06 -10.41
CA VAL C 122 17.08 -11.42 -11.48
C VAL C 122 16.33 -10.16 -11.84
N VAL C 123 16.16 -9.89 -13.11
CA VAL C 123 15.56 -8.60 -13.52
C VAL C 123 14.74 -8.79 -14.79
N GLY C 124 13.64 -8.05 -14.89
CA GLY C 124 12.80 -8.00 -16.10
C GLY C 124 12.39 -6.57 -16.40
N SER C 125 11.42 -6.44 -17.26
CA SER C 125 10.76 -5.14 -17.50
C SER C 125 9.27 -5.39 -17.74
N MET C 126 8.46 -4.39 -17.39
CA MET C 126 7.00 -4.44 -17.59
C MET C 126 6.63 -3.89 -18.95
N ARG C 127 7.52 -3.12 -19.58
CA ARG C 127 7.28 -2.60 -20.95
C ARG C 127 8.39 -3.14 -21.85
N PRO C 128 8.15 -3.42 -23.13
CA PRO C 128 9.24 -3.86 -24.02
C PRO C 128 10.19 -2.70 -24.35
N GLY C 129 11.44 -3.00 -24.76
CA GLY C 129 12.46 -1.95 -24.95
C GLY C 129 12.12 -1.03 -26.10
N THR C 130 11.17 -1.40 -26.95
CA THR C 130 10.69 -0.61 -28.11
C THR C 130 9.67 0.44 -27.65
N ALA C 131 9.17 0.32 -26.42
CA ALA C 131 8.04 1.15 -25.98
C ALA C 131 8.56 2.50 -25.49
N MET C 132 7.74 3.53 -25.62
CA MET C 132 7.97 4.85 -24.99
C MET C 132 8.17 4.62 -23.50
N SER C 133 9.19 5.25 -22.90
CA SER C 133 9.47 5.20 -21.46
C SER C 133 9.60 3.74 -21.01
N ALA C 134 10.24 2.88 -21.82
CA ALA C 134 10.59 1.49 -21.44
C ALA C 134 11.42 1.47 -20.16
N ASP C 135 11.11 0.55 -19.24
CA ASP C 135 11.76 0.45 -17.91
C ASP C 135 12.99 -0.45 -17.93
N GLY C 136 13.17 -1.26 -18.99
CA GLY C 136 14.20 -2.31 -19.02
C GLY C 136 15.61 -1.76 -18.97
N MET C 137 15.88 -0.63 -19.63
CA MET C 137 17.27 -0.10 -19.65
C MET C 137 17.75 0.21 -18.25
N LEU C 138 17.01 1.03 -17.52
CA LEU C 138 17.43 1.36 -16.13
C LEU C 138 17.36 0.12 -15.26
N ASN C 139 16.36 -0.76 -15.44
CA ASN C 139 16.32 -2.00 -14.64
C ASN C 139 17.62 -2.81 -14.83
N LEU C 140 18.12 -2.91 -16.07
CA LEU C 140 19.32 -3.73 -16.34
C LEU C 140 20.59 -3.07 -15.78
N TYR C 141 20.73 -1.77 -15.96
CA TYR C 141 21.82 -0.95 -15.39
C TYR C 141 21.86 -1.18 -13.87
N ASN C 142 20.70 -1.07 -13.22
CA ASN C 142 20.61 -1.25 -11.75
C ASN C 142 20.97 -2.69 -11.38
N ALA C 143 20.56 -3.68 -12.17
CA ALA C 143 20.86 -5.07 -11.84
C ALA C 143 22.39 -5.26 -11.85
N VAL C 144 23.02 -4.72 -12.89
CA VAL C 144 24.49 -4.84 -13.01
C VAL C 144 25.16 -4.05 -11.90
N ALA C 145 24.63 -2.88 -11.52
CA ALA C 145 25.14 -2.09 -10.39
C ALA C 145 25.06 -2.90 -9.13
N VAL C 146 23.90 -3.51 -8.86
CA VAL C 146 23.73 -4.31 -7.62
C VAL C 146 24.62 -5.55 -7.68
N ALA C 147 24.74 -6.20 -8.84
CA ALA C 147 25.55 -7.44 -8.95
C ALA C 147 27.05 -7.14 -8.74
N SER C 148 27.44 -5.91 -8.98
CA SER C 148 28.87 -5.49 -8.86
CA SER C 148 28.85 -5.41 -8.88
C SER C 148 29.16 -4.87 -7.48
N ASP C 149 28.15 -4.76 -6.60
CA ASP C 149 28.27 -4.03 -5.31
C ASP C 149 28.69 -4.98 -4.19
N LYS C 150 29.75 -4.68 -3.44
CA LYS C 150 30.16 -5.48 -2.26
C LYS C 150 29.01 -5.61 -1.27
N GLN C 151 28.12 -4.60 -1.22
CA GLN C 151 26.99 -4.63 -0.23
C GLN C 151 26.02 -5.78 -0.55
N SER C 152 26.02 -6.28 -1.77
CA SER C 152 25.07 -7.33 -2.24
C SER C 152 25.55 -8.70 -1.77
N ARG C 153 26.84 -8.85 -1.42
CA ARG C 153 27.40 -10.17 -1.09
C ARG C 153 26.66 -10.73 0.13
N GLY C 154 26.24 -11.99 0.07
CA GLY C 154 25.66 -12.65 1.25
C GLY C 154 24.19 -12.30 1.51
N LYS C 155 23.53 -11.54 0.64
CA LYS C 155 22.17 -11.00 0.86
C LYS C 155 21.13 -11.93 0.24
N GLY C 156 21.59 -12.95 -0.50
CA GLY C 156 20.67 -13.86 -1.21
C GLY C 156 20.30 -13.26 -2.53
N VAL C 157 19.42 -13.91 -3.25
CA VAL C 157 19.07 -13.50 -4.61
C VAL C 157 18.24 -12.24 -4.49
N LEU C 158 18.55 -11.28 -5.35
CA LEU C 158 17.92 -9.95 -5.35
C LEU C 158 17.19 -9.75 -6.65
N VAL C 159 16.17 -8.89 -6.61
CA VAL C 159 15.41 -8.42 -7.78
C VAL C 159 15.38 -6.91 -7.81
N THR C 160 15.81 -6.30 -8.91
CA THR C 160 16.13 -4.86 -8.96
C THR C 160 15.25 -4.15 -9.97
N MET C 161 13.97 -4.06 -9.70
CA MET C 161 13.06 -3.29 -10.58
C MET C 161 12.52 -2.09 -9.81
N ASN C 162 12.04 -1.06 -10.50
CA ASN C 162 11.34 0.11 -9.90
C ASN C 162 12.29 0.77 -8.89
N ASP C 163 13.61 0.81 -9.16
CA ASP C 163 14.62 1.48 -8.28
C ASP C 163 14.76 0.77 -6.92
N GLU C 164 14.21 -0.44 -6.77
CA GLU C 164 14.16 -1.14 -5.48
C GLU C 164 15.13 -2.31 -5.49
N ILE C 165 15.60 -2.70 -4.32
CA ILE C 165 16.28 -3.98 -4.06
C ILE C 165 15.29 -4.82 -3.26
N GLN C 166 14.72 -5.82 -3.92
CA GLN C 166 13.71 -6.72 -3.35
C GLN C 166 14.36 -8.07 -3.12
N SER C 167 13.96 -8.75 -2.07
CA SER C 167 14.42 -10.12 -1.83
C SER C 167 13.78 -11.05 -2.86
N GLY C 168 14.59 -11.93 -3.44
CA GLY C 168 14.07 -13.00 -4.32
C GLY C 168 13.14 -13.97 -3.59
N ARG C 169 13.27 -14.06 -2.27
CA ARG C 169 12.41 -14.97 -1.50
C ARG C 169 10.95 -14.57 -1.70
N ASP C 170 10.60 -13.34 -1.35
CA ASP C 170 9.18 -13.01 -1.13
C ASP C 170 8.71 -11.83 -1.95
N VAL C 171 9.50 -11.35 -2.90
CA VAL C 171 8.97 -10.46 -3.93
C VAL C 171 8.05 -11.24 -4.87
N SER C 172 6.99 -10.60 -5.31
CA SER C 172 5.95 -11.24 -6.13
C SER C 172 5.46 -10.25 -7.14
N LYS C 173 5.07 -10.73 -8.31
CA LYS C 173 4.40 -9.86 -9.30
C LYS C 173 2.96 -9.63 -8.82
N ALA C 174 2.67 -8.42 -8.33
CA ALA C 174 1.45 -8.14 -7.55
C ALA C 174 0.60 -7.11 -8.28
N VAL C 175 1.19 -6.30 -9.15
CA VAL C 175 0.42 -5.30 -9.90
C VAL C 175 0.64 -5.50 -11.38
N ASN C 176 -0.45 -5.63 -12.14
CA ASN C 176 -0.32 -5.79 -13.61
C ASN C 176 -0.06 -4.42 -14.23
N ILE C 177 0.54 -4.45 -15.40
CA ILE C 177 0.74 -3.28 -16.30
C ILE C 177 1.84 -2.35 -15.79
N LYS C 178 1.74 -1.89 -14.55
CA LYS C 178 2.60 -0.79 -14.07
C LYS C 178 4.03 -1.24 -13.79
N THR C 179 4.98 -0.32 -13.79
CA THR C 179 6.41 -0.66 -13.57
C THR C 179 6.68 -1.03 -12.11
N GLU C 180 5.77 -0.68 -11.18
CA GLU C 180 5.92 -1.04 -9.74
C GLU C 180 5.30 -2.41 -9.48
N ALA C 181 5.27 -3.28 -10.48
CA ALA C 181 4.63 -4.59 -10.41
C ALA C 181 5.14 -5.44 -9.25
N PHE C 182 6.42 -5.40 -8.90
CA PHE C 182 7.04 -6.36 -7.96
C PHE C 182 7.00 -5.75 -6.56
N LYS C 183 6.31 -6.45 -5.65
CA LYS C 183 6.12 -6.04 -4.25
C LYS C 183 6.37 -7.21 -3.30
N SER C 184 6.80 -6.88 -2.09
CA SER C 184 6.89 -7.86 -1.01
C SER C 184 6.01 -7.41 0.14
N ALA C 185 5.37 -8.35 0.81
CA ALA C 185 4.65 -8.09 2.06
C ALA C 185 5.59 -7.47 3.09
N TRP C 186 6.87 -7.82 3.03
CA TRP C 186 7.83 -7.43 4.08
C TRP C 186 8.69 -6.24 3.62
N GLY C 187 8.31 -5.57 2.54
CA GLY C 187 8.99 -4.34 2.11
C GLY C 187 10.16 -4.63 1.18
N PRO C 188 10.58 -3.62 0.42
CA PRO C 188 11.87 -3.65 -0.22
C PRO C 188 12.94 -3.63 0.88
N MET C 189 14.08 -4.27 0.62
CA MET C 189 15.24 -4.24 1.54
C MET C 189 16.10 -3.01 1.28
N GLY C 190 16.02 -2.43 0.09
CA GLY C 190 16.84 -1.27 -0.25
C GLY C 190 16.38 -0.63 -1.51
N MET C 191 17.16 0.33 -1.97
CA MET C 191 16.89 1.00 -3.25
C MET C 191 18.20 1.15 -4.01
N VAL C 192 18.11 1.28 -5.31
CA VAL C 192 19.30 1.54 -6.15
C VAL C 192 19.02 2.80 -6.95
N VAL C 193 19.88 3.78 -6.80
CA VAL C 193 19.69 5.12 -7.41
C VAL C 193 21.05 5.63 -7.92
N GLU C 194 21.07 6.04 -9.18
CA GLU C 194 22.31 6.57 -9.83
C GLU C 194 23.45 5.58 -9.53
N GLY C 195 23.20 4.28 -9.74
CA GLY C 195 24.21 3.20 -9.59
C GLY C 195 24.55 2.81 -8.17
N LYS C 196 24.01 3.47 -7.15
CA LYS C 196 24.43 3.22 -5.78
C LYS C 196 23.30 2.52 -5.00
N SER C 197 23.70 1.65 -4.11
CA SER C 197 22.79 0.80 -3.31
C SER C 197 22.64 1.36 -1.90
N TYR C 198 21.39 1.48 -1.48
CA TYR C 198 21.05 2.01 -0.14
C TYR C 198 20.21 0.95 0.53
N TRP C 199 20.73 0.40 1.61
CA TRP C 199 20.07 -0.72 2.31
C TRP C 199 19.34 -0.21 3.56
N PHE C 200 18.22 -0.86 3.89
CA PHE C 200 17.38 -0.53 5.06
C PHE C 200 16.98 -1.74 5.87
N ARG C 201 17.02 -2.93 5.29
CA ARG C 201 16.68 -4.17 5.98
C ARG C 201 17.60 -5.28 5.49
N LEU C 202 17.71 -6.31 6.28
CA LEU C 202 18.42 -7.53 5.88
C LEU C 202 17.44 -8.68 5.86
N PRO C 203 17.76 -9.75 5.12
CA PRO C 203 16.99 -10.98 5.17
C PRO C 203 17.04 -11.67 6.54
N ALA C 204 15.95 -12.30 6.91
CA ALA C 204 15.89 -13.10 8.15
C ALA C 204 15.89 -14.60 7.83
N LYS C 205 15.46 -14.99 6.65
CA LYS C 205 15.23 -16.41 6.32
C LYS C 205 16.49 -17.04 5.76
N ARG C 206 16.53 -18.36 5.80
CA ARG C 206 17.67 -19.11 5.25
C ARG C 206 17.74 -18.96 3.73
N HIS C 207 18.96 -18.84 3.22
CA HIS C 207 19.20 -18.68 1.78
C HIS C 207 20.65 -19.04 1.43
N THR C 208 20.87 -19.28 0.14
CA THR C 208 22.17 -19.41 -0.58
C THR C 208 23.17 -20.14 0.35
N VAL C 209 24.17 -19.45 0.92
CA VAL C 209 25.27 -20.16 1.64
C VAL C 209 24.79 -20.87 2.90
N ASN C 210 23.68 -20.48 3.52
CA ASN C 210 23.13 -21.16 4.71
C ASN C 210 21.97 -22.09 4.34
N SER C 211 21.78 -22.38 3.05
CA SER C 211 20.72 -23.32 2.60
C SER C 211 21.19 -24.75 2.82
N GLU C 212 20.31 -25.64 3.24
CA GLU C 212 20.64 -27.09 3.28
C GLU C 212 20.56 -27.71 1.89
N PHE C 213 20.08 -26.99 0.86
CA PHE C 213 19.84 -27.52 -0.49
C PHE C 213 20.95 -27.03 -1.38
N ASP C 214 21.29 -27.79 -2.41
CA ASP C 214 22.36 -27.42 -3.36
C ASP C 214 22.04 -27.96 -4.73
N ILE C 215 22.05 -27.08 -5.70
CA ILE C 215 21.76 -27.44 -7.11
C ILE C 215 22.79 -28.49 -7.55
N LYS C 216 23.98 -28.50 -6.95
CA LYS C 216 25.02 -29.49 -7.39
C LYS C 216 24.59 -30.91 -7.09
N GLN C 217 23.67 -31.13 -6.16
CA GLN C 217 23.18 -32.49 -5.85
C GLN C 217 21.77 -32.71 -6.40
N ILE C 218 21.21 -31.81 -7.18
CA ILE C 218 19.83 -31.95 -7.74
C ILE C 218 19.89 -32.15 -9.24
N SER C 219 19.47 -33.32 -9.69
CA SER C 219 19.38 -33.66 -11.13
C SER C 219 17.90 -33.83 -11.51
N SER C 220 16.96 -33.88 -10.58
CA SER C 220 15.52 -33.88 -10.96
C SER C 220 14.67 -33.24 -9.86
N LEU C 221 13.51 -32.74 -10.23
CA LEU C 221 12.61 -32.03 -9.29
C LEU C 221 11.31 -32.78 -9.25
N PRO C 222 10.77 -33.08 -8.06
CA PRO C 222 9.47 -33.73 -7.94
C PRO C 222 8.37 -32.85 -8.54
N GLN C 223 7.37 -33.51 -9.15
CA GLN C 223 6.24 -32.79 -9.77
C GLN C 223 5.36 -32.26 -8.65
N VAL C 224 5.07 -30.95 -8.71
CA VAL C 224 4.20 -30.32 -7.67
C VAL C 224 3.19 -29.49 -8.45
N ASP C 225 1.93 -29.53 -8.02
CA ASP C 225 0.87 -28.78 -8.74
C ASP C 225 0.04 -27.96 -7.76
N ILE C 226 -0.76 -27.06 -8.31
CA ILE C 226 -1.49 -26.04 -7.48
C ILE C 226 -2.97 -26.11 -7.85
N ALA C 227 -3.85 -26.17 -6.83
CA ALA C 227 -5.32 -26.13 -7.03
C ALA C 227 -5.84 -24.91 -6.28
N TYR C 228 -6.88 -24.28 -6.79
CA TYR C 228 -7.45 -23.05 -6.23
C TYR C 228 -8.66 -23.37 -5.36
N GLY C 229 -8.83 -22.58 -4.33
CA GLY C 229 -10.01 -22.64 -3.44
C GLY C 229 -10.91 -21.43 -3.60
N TYR C 230 -12.20 -21.68 -3.63
CA TYR C 230 -13.24 -20.67 -3.92
C TYR C 230 -14.60 -21.23 -3.52
N GLY C 231 -15.67 -20.43 -3.61
CA GLY C 231 -17.02 -20.91 -3.27
C GLY C 231 -17.44 -22.01 -4.20
N ASN C 232 -17.99 -23.08 -3.62
CA ASN C 232 -18.53 -24.24 -4.36
C ASN C 232 -17.39 -25.03 -5.03
N VAL C 233 -16.15 -24.89 -4.60
CA VAL C 233 -15.05 -25.69 -5.19
C VAL C 233 -15.29 -27.17 -4.84
N THR C 234 -14.86 -28.05 -5.70
CA THR C 234 -14.93 -29.52 -5.45
C THR C 234 -13.53 -30.11 -5.39
N ASP C 235 -13.46 -31.40 -5.18
CA ASP C 235 -12.15 -32.08 -5.10
C ASP C 235 -11.60 -32.41 -6.49
N THR C 236 -12.31 -32.12 -7.58
CA THR C 236 -11.90 -32.53 -8.94
C THR C 236 -10.45 -32.18 -9.27
N ALA C 237 -10.02 -30.95 -9.12
CA ALA C 237 -8.69 -30.55 -9.63
C ALA C 237 -7.62 -31.26 -8.79
N TYR C 238 -7.88 -31.43 -7.50
CA TYR C 238 -6.90 -32.05 -6.56
C TYR C 238 -6.66 -33.49 -7.01
N LYS C 239 -7.76 -34.21 -7.20
CA LYS C 239 -7.69 -35.63 -7.60
C LYS C 239 -7.03 -35.76 -8.95
N ALA C 240 -7.44 -34.97 -9.95
CA ALA C 240 -6.86 -35.08 -11.29
C ALA C 240 -5.36 -34.79 -11.25
N LEU C 241 -4.93 -33.76 -10.52
CA LEU C 241 -3.50 -33.37 -10.51
C LEU C 241 -2.70 -34.54 -9.91
N ALA C 242 -3.18 -35.13 -8.83
CA ALA C 242 -2.46 -36.27 -8.20
C ALA C 242 -2.46 -37.47 -9.16
N GLN C 243 -3.56 -37.73 -9.84
CA GLN C 243 -3.66 -38.88 -10.81
C GLN C 243 -2.66 -38.71 -11.94
N ASN C 244 -2.23 -37.48 -12.22
N ASN C 244 -2.28 -37.48 -12.35
CA ASN C 244 -1.37 -37.12 -13.36
CA ASN C 244 -1.29 -37.23 -13.44
C ASN C 244 0.06 -36.79 -12.86
C ASN C 244 0.09 -36.85 -12.86
N GLY C 245 0.39 -37.25 -11.63
CA GLY C 245 1.78 -37.33 -11.13
C GLY C 245 2.17 -36.34 -10.05
N ALA C 246 1.26 -35.53 -9.50
CA ALA C 246 1.65 -34.57 -8.43
C ALA C 246 2.07 -35.31 -7.17
N LYS C 247 3.24 -34.97 -6.65
CA LYS C 247 3.79 -35.56 -5.44
C LYS C 247 3.44 -34.70 -4.24
N ALA C 248 3.16 -33.42 -4.50
CA ALA C 248 2.59 -32.49 -3.50
C ALA C 248 1.55 -31.64 -4.24
N LEU C 249 0.52 -31.26 -3.51
CA LEU C 249 -0.49 -30.28 -3.95
C LEU C 249 -0.39 -29.03 -3.09
N ILE C 250 -0.24 -27.91 -3.78
CA ILE C 250 -0.36 -26.59 -3.13
C ILE C 250 -1.83 -26.20 -3.22
N HIS C 251 -2.47 -26.10 -2.07
CA HIS C 251 -3.87 -25.63 -1.96
C HIS C 251 -3.85 -24.12 -1.83
N ALA C 252 -4.35 -23.41 -2.82
CA ALA C 252 -4.39 -21.93 -2.81
C ALA C 252 -5.74 -21.55 -2.22
N GLY C 253 -5.86 -21.73 -0.92
CA GLY C 253 -7.12 -21.55 -0.21
C GLY C 253 -7.63 -20.10 -0.14
N THR C 254 -8.91 -19.98 0.18
CA THR C 254 -9.49 -18.73 0.74
C THR C 254 -8.86 -18.47 2.10
N GLY C 255 -8.85 -17.22 2.53
CA GLY C 255 -8.44 -16.85 3.88
C GLY C 255 -7.16 -17.54 4.33
N ASN C 256 -7.22 -18.07 5.55
CA ASN C 256 -6.01 -18.61 6.22
C ASN C 256 -5.78 -20.06 5.76
N GLY C 257 -5.63 -20.24 4.45
CA GLY C 257 -5.47 -21.58 3.84
C GLY C 257 -6.65 -22.51 4.09
N SER C 258 -7.87 -21.97 4.18
CA SER C 258 -9.09 -22.71 4.55
C SER C 258 -9.45 -23.72 3.47
N VAL C 259 -10.03 -24.82 3.89
CA VAL C 259 -10.39 -25.94 2.97
C VAL C 259 -11.88 -26.22 3.12
N SER C 260 -12.58 -26.20 2.00
CA SER C 260 -14.01 -26.56 1.96
C SER C 260 -14.22 -27.94 2.57
N SER C 261 -15.31 -28.10 3.29
CA SER C 261 -15.77 -29.41 3.80
C SER C 261 -15.96 -30.40 2.65
N ARG C 262 -16.14 -29.94 1.42
CA ARG C 262 -16.34 -30.85 0.25
C ARG C 262 -14.98 -31.30 -0.31
N VAL C 263 -13.87 -30.74 0.18
CA VAL C 263 -12.52 -31.05 -0.34
C VAL C 263 -11.69 -31.78 0.73
N VAL C 264 -11.99 -31.60 2.02
CA VAL C 264 -11.20 -32.19 3.13
C VAL C 264 -11.07 -33.71 2.93
N PRO C 265 -12.18 -34.45 2.67
CA PRO C 265 -12.04 -35.91 2.59
C PRO C 265 -11.12 -36.39 1.46
N ALA C 266 -11.13 -35.70 0.30
CA ALA C 266 -10.20 -36.02 -0.80
C ALA C 266 -8.76 -35.79 -0.35
N LEU C 267 -8.49 -34.67 0.31
CA LEU C 267 -7.11 -34.37 0.72
C LEU C 267 -6.65 -35.38 1.76
N GLN C 268 -7.53 -35.87 2.62
CA GLN C 268 -7.13 -36.92 3.59
C GLN C 268 -6.76 -38.20 2.84
N GLU C 269 -7.56 -38.60 1.86
CA GLU C 269 -7.29 -39.82 1.08
C GLU C 269 -6.00 -39.61 0.30
N LEU C 270 -5.75 -38.41 -0.22
CA LEU C 270 -4.54 -38.14 -1.02
C LEU C 270 -3.33 -38.15 -0.09
N ARG C 271 -3.44 -37.60 1.12
CA ARG C 271 -2.29 -37.64 2.08
C ARG C 271 -2.00 -39.11 2.43
N LYS C 272 -3.01 -39.94 2.65
CA LYS C 272 -2.73 -41.35 2.97
C LYS C 272 -2.00 -42.02 1.79
N ASN C 273 -2.38 -41.68 0.56
CA ASN C 273 -1.70 -42.16 -0.65
C ASN C 273 -0.34 -41.53 -0.88
N GLY C 274 0.16 -40.66 0.03
CA GLY C 274 1.53 -40.16 -0.04
C GLY C 274 1.67 -38.82 -0.70
N VAL C 275 0.54 -38.15 -1.03
CA VAL C 275 0.62 -36.79 -1.62
C VAL C 275 0.74 -35.75 -0.51
N GLN C 276 1.81 -34.94 -0.51
CA GLN C 276 1.92 -33.89 0.51
C GLN C 276 0.83 -32.84 0.24
N ILE C 277 0.20 -32.38 1.32
CA ILE C 277 -0.85 -31.34 1.23
C ILE C 277 -0.29 -30.09 1.92
N ILE C 278 -0.10 -29.05 1.15
CA ILE C 278 0.49 -27.77 1.60
C ILE C 278 -0.58 -26.68 1.45
N ARG C 279 -0.95 -26.09 2.57
CA ARG C 279 -1.97 -25.04 2.60
C ARG C 279 -1.32 -23.66 2.45
N SER C 280 -1.49 -23.07 1.29
CA SER C 280 -1.17 -21.68 0.96
C SER C 280 -2.51 -20.95 0.82
N SER C 281 -2.53 -19.79 0.18
CA SER C 281 -3.75 -18.98 0.11
C SER C 281 -3.64 -18.07 -1.11
N HIS C 282 -4.78 -17.49 -1.51
CA HIS C 282 -4.78 -16.39 -2.49
C HIS C 282 -4.97 -15.06 -1.79
N VAL C 283 -4.44 -14.95 -0.58
CA VAL C 283 -4.53 -13.74 0.26
C VAL C 283 -3.08 -13.28 0.40
N ASN C 284 -2.60 -12.52 -0.58
CA ASN C 284 -1.13 -12.48 -0.84
C ASN C 284 -0.51 -11.12 -0.48
N GLN C 285 -1.26 -10.14 0.02
CA GLN C 285 -0.69 -8.81 0.35
CA GLN C 285 -0.67 -8.82 0.33
C GLN C 285 -0.06 -8.76 1.75
N GLY C 286 -0.41 -9.65 2.67
CA GLY C 286 0.23 -9.67 3.99
C GLY C 286 -0.29 -10.81 4.82
N GLY C 287 0.27 -10.99 5.99
CA GLY C 287 -0.09 -12.09 6.91
C GLY C 287 0.53 -13.42 6.49
N PHE C 288 0.05 -14.50 7.08
CA PHE C 288 0.54 -15.85 6.78
C PHE C 288 -0.49 -16.87 7.21
N VAL C 289 -0.33 -18.09 6.74
CA VAL C 289 -1.19 -19.26 7.05
C VAL C 289 -0.64 -19.94 8.30
N LEU C 290 -1.48 -19.94 9.31
CA LEU C 290 -1.18 -20.44 10.68
C LEU C 290 -1.48 -21.93 10.85
N ARG C 291 -0.49 -22.70 11.29
CA ARG C 291 -0.69 -24.15 11.50
C ARG C 291 -1.77 -24.41 12.56
N ASN C 292 -2.63 -25.40 12.29
CA ASN C 292 -3.65 -25.92 13.21
C ASN C 292 -4.79 -24.89 13.42
N ALA C 293 -4.83 -23.81 12.67
CA ALA C 293 -5.89 -22.81 12.90
C ALA C 293 -7.11 -23.23 12.09
N GLU C 294 -7.07 -23.10 10.76
CA GLU C 294 -8.31 -23.39 9.95
C GLU C 294 -8.50 -24.89 9.73
N GLN C 295 -7.47 -25.70 9.84
CA GLN C 295 -7.57 -27.17 9.67
C GLN C 295 -6.65 -27.81 10.71
N PRO C 296 -6.97 -29.06 11.10
CA PRO C 296 -6.12 -29.80 12.04
C PRO C 296 -4.95 -30.46 11.29
N ASP C 297 -3.90 -29.68 11.06
CA ASP C 297 -2.73 -30.08 10.26
C ASP C 297 -2.01 -31.23 10.98
N ASP C 298 -1.90 -31.19 12.31
CA ASP C 298 -1.23 -32.32 13.03
C ASP C 298 -2.00 -33.61 12.80
N LYS C 299 -3.31 -33.62 12.98
CA LYS C 299 -4.14 -34.85 12.84
C LYS C 299 -4.02 -35.36 11.40
N ASN C 300 -4.07 -34.49 10.40
CA ASN C 300 -4.13 -34.85 8.97
C ASN C 300 -2.72 -35.05 8.38
N ASP C 301 -1.65 -34.64 9.10
CA ASP C 301 -0.24 -34.60 8.62
C ASP C 301 -0.08 -33.77 7.36
N TRP C 302 -0.69 -32.58 7.40
CA TRP C 302 -0.60 -31.54 6.36
C TRP C 302 0.47 -30.53 6.76
N VAL C 303 0.80 -29.64 5.87
CA VAL C 303 1.83 -28.60 6.07
C VAL C 303 1.20 -27.23 5.76
N VAL C 304 1.56 -26.19 6.47
CA VAL C 304 1.16 -24.80 6.06
C VAL C 304 2.33 -24.10 5.38
N ALA C 305 2.03 -23.25 4.41
CA ALA C 305 3.05 -22.59 3.58
C ALA C 305 3.50 -21.28 4.24
N HIS C 306 3.09 -21.00 5.47
CA HIS C 306 3.54 -19.78 6.20
C HIS C 306 3.13 -18.56 5.35
N ASP C 307 4.02 -17.68 4.99
CA ASP C 307 3.64 -16.46 4.23
C ASP C 307 3.74 -16.69 2.71
N LEU C 308 4.16 -17.85 2.26
CA LEU C 308 4.52 -18.04 0.84
C LEU C 308 3.27 -18.22 0.00
N ASN C 309 3.19 -17.43 -1.06
CA ASN C 309 2.06 -17.55 -2.04
C ASN C 309 2.16 -18.89 -2.75
N PRO C 310 1.12 -19.30 -3.50
CA PRO C 310 1.04 -20.70 -3.99
C PRO C 310 2.22 -21.05 -4.90
N GLN C 311 2.59 -20.17 -5.82
CA GLN C 311 3.68 -20.47 -6.79
C GLN C 311 5.05 -20.48 -6.08
N LYS C 312 5.22 -19.71 -5.02
CA LYS C 312 6.46 -19.78 -4.21
C LYS C 312 6.47 -21.09 -3.42
N ALA C 313 5.34 -21.40 -2.78
CA ALA C 313 5.19 -22.63 -2.02
C ALA C 313 5.49 -23.82 -2.93
N ARG C 314 5.07 -23.78 -4.19
CA ARG C 314 5.36 -24.91 -5.10
C ARG C 314 6.89 -25.09 -5.19
N ILE C 315 7.60 -23.98 -5.36
CA ILE C 315 9.08 -24.01 -5.57
C ILE C 315 9.71 -24.62 -4.32
N LEU C 316 9.34 -24.12 -3.14
CA LEU C 316 9.96 -24.62 -1.90
C LEU C 316 9.62 -26.12 -1.74
N ALA C 317 8.38 -26.54 -1.97
CA ALA C 317 8.00 -27.97 -1.86
C ALA C 317 8.85 -28.84 -2.79
N MET C 318 8.99 -28.44 -4.04
CA MET C 318 9.74 -29.21 -5.06
C MET C 318 11.17 -29.39 -4.57
N VAL C 319 11.81 -28.32 -4.12
CA VAL C 319 13.21 -28.36 -3.64
C VAL C 319 13.28 -29.23 -2.39
N ALA C 320 12.39 -29.01 -1.44
CA ALA C 320 12.40 -29.67 -0.15
C ALA C 320 12.23 -31.19 -0.38
N MET C 321 11.37 -31.58 -1.31
CA MET C 321 11.10 -33.02 -1.48
C MET C 321 12.21 -33.70 -2.28
N THR C 322 13.25 -33.00 -2.72
CA THR C 322 14.50 -33.67 -3.18
C THR C 322 15.19 -34.32 -1.96
N LYS C 323 14.90 -33.87 -0.75
CA LYS C 323 15.62 -34.30 0.47
C LYS C 323 14.70 -35.10 1.40
N THR C 324 13.42 -34.75 1.57
CA THR C 324 12.62 -35.37 2.64
C THR C 324 11.16 -35.50 2.16
N GLN C 325 10.46 -36.49 2.69
CA GLN C 325 8.97 -36.58 2.54
C GLN C 325 8.36 -36.64 3.92
N ASP C 326 9.11 -36.35 4.97
CA ASP C 326 8.59 -36.26 6.35
C ASP C 326 7.87 -34.92 6.48
N SER C 327 6.55 -34.93 6.68
CA SER C 327 5.72 -33.70 6.77
C SER C 327 6.25 -32.76 7.86
N LYS C 328 6.80 -33.28 8.94
CA LYS C 328 7.32 -32.42 10.03
C LYS C 328 8.57 -31.70 9.55
N GLU C 329 9.43 -32.34 8.78
CA GLU C 329 10.63 -31.71 8.20
C GLU C 329 10.19 -30.69 7.15
N LEU C 330 9.16 -31.04 6.35
CA LEU C 330 8.72 -30.06 5.34
C LEU C 330 8.20 -28.84 6.09
N GLN C 331 7.46 -29.01 7.17
CA GLN C 331 6.91 -27.85 7.89
C GLN C 331 8.08 -27.01 8.44
N ARG C 332 9.12 -27.66 8.97
CA ARG C 332 10.30 -26.92 9.45
C ARG C 332 10.85 -26.07 8.32
N ILE C 333 10.95 -26.65 7.14
CA ILE C 333 11.53 -25.98 5.96
C ILE C 333 10.63 -24.78 5.60
N PHE C 334 9.31 -24.95 5.61
CA PHE C 334 8.34 -23.81 5.38
C PHE C 334 8.40 -22.73 6.45
N TRP C 335 8.96 -23.00 7.60
CA TRP C 335 9.16 -22.03 8.71
C TRP C 335 10.58 -21.40 8.71
N GLU C 336 11.53 -21.91 7.94
CA GLU C 336 12.94 -21.44 7.97
C GLU C 336 13.36 -20.78 6.67
N TYR C 337 12.70 -21.05 5.55
CA TYR C 337 13.09 -20.56 4.22
C TYR C 337 12.07 -19.56 3.68
N LYS D 8 -36.98 8.88 14.47
CA LYS D 8 -37.58 7.94 13.48
C LYS D 8 -36.46 7.10 12.85
N LEU D 9 -36.14 5.97 13.45
CA LEU D 9 -34.96 5.14 13.08
C LEU D 9 -35.29 4.23 11.90
N ALA D 10 -34.31 3.98 11.05
CA ALA D 10 -34.39 2.99 9.96
C ALA D 10 -34.68 1.60 10.50
N ASN D 11 -35.44 0.81 9.75
CA ASN D 11 -35.62 -0.63 10.02
C ASN D 11 -34.53 -1.40 9.25
N VAL D 12 -33.63 -2.01 9.97
CA VAL D 12 -32.53 -2.80 9.38
C VAL D 12 -32.73 -4.25 9.75
N VAL D 13 -32.64 -5.14 8.78
CA VAL D 13 -32.64 -6.59 9.02
C VAL D 13 -31.22 -7.14 8.85
N ILE D 14 -30.80 -7.84 9.86
CA ILE D 14 -29.50 -8.56 9.82
C ILE D 14 -29.79 -10.00 9.44
N LEU D 15 -29.22 -10.44 8.33
CA LEU D 15 -29.26 -11.84 7.86
C LEU D 15 -27.92 -12.50 8.18
N ALA D 16 -27.95 -13.43 9.11
CA ALA D 16 -26.73 -14.10 9.58
C ALA D 16 -26.46 -15.34 8.73
N THR D 17 -25.20 -15.58 8.39
CA THR D 17 -24.81 -16.78 7.58
C THR D 17 -23.70 -17.55 8.26
N GLY D 18 -23.18 -17.08 9.38
CA GLY D 18 -22.10 -17.77 10.15
C GLY D 18 -20.82 -16.96 10.19
N GLY D 19 -19.69 -17.61 10.02
CA GLY D 19 -18.39 -16.93 10.01
C GLY D 19 -17.74 -16.73 11.36
N THR D 20 -16.55 -16.16 11.32
CA THR D 20 -15.74 -15.78 12.49
C THR D 20 -16.50 -14.80 13.36
N ILE D 21 -17.28 -13.89 12.76
CA ILE D 21 -18.02 -12.88 13.56
C ILE D 21 -18.98 -13.59 14.55
N ALA D 22 -19.43 -14.81 14.22
CA ALA D 22 -20.31 -15.67 15.04
C ALA D 22 -19.48 -16.77 15.70
N GLY D 23 -18.16 -16.62 15.75
CA GLY D 23 -17.24 -17.67 16.19
C GLY D 23 -16.90 -17.57 17.67
N ALA D 24 -16.18 -18.56 18.18
CA ALA D 24 -15.73 -18.59 19.58
C ALA D 24 -14.36 -19.31 19.61
N GLY D 25 -13.38 -18.70 20.31
CA GLY D 25 -12.10 -19.33 20.66
C GLY D 25 -12.07 -19.80 22.12
N ALA D 26 -11.08 -20.65 22.46
CA ALA D 26 -10.91 -21.28 23.80
C ALA D 26 -10.64 -20.21 24.87
N SER D 27 -9.87 -19.18 24.53
CA SER D 27 -9.42 -18.10 25.45
C SER D 27 -9.40 -16.76 24.72
N ALA D 28 -9.35 -15.67 25.49
CA ALA D 28 -9.30 -14.26 25.00
C ALA D 28 -8.08 -14.08 24.05
N ALA D 29 -6.98 -14.82 24.21
CA ALA D 29 -5.74 -14.63 23.39
C ALA D 29 -5.85 -15.39 22.05
N ASN D 30 -6.93 -16.17 21.84
CA ASN D 30 -7.21 -16.90 20.57
C ASN D 30 -7.92 -15.96 19.59
N SER D 31 -7.14 -15.08 18.97
CA SER D 31 -7.57 -14.14 17.89
C SER D 31 -7.56 -14.85 16.51
N ALA D 32 -6.80 -15.97 16.36
CA ALA D 32 -6.59 -16.62 15.03
C ALA D 32 -7.02 -18.10 15.01
N THR D 33 -7.09 -18.76 16.16
CA THR D 33 -7.49 -20.20 16.31
C THR D 33 -8.86 -20.21 17.00
N TYR D 34 -9.95 -20.52 16.26
CA TYR D 34 -11.35 -20.44 16.78
C TYR D 34 -12.26 -21.40 15.99
N GLN D 35 -13.48 -21.59 16.48
CA GLN D 35 -14.55 -22.32 15.73
C GLN D 35 -15.51 -21.25 15.21
N ALA D 36 -15.76 -21.26 13.92
CA ALA D 36 -16.68 -20.30 13.26
C ALA D 36 -18.14 -20.78 13.48
N ALA D 37 -19.07 -19.87 13.31
CA ALA D 37 -20.50 -20.18 13.08
C ALA D 37 -21.06 -20.91 14.28
N LYS D 38 -20.78 -20.42 15.50
CA LYS D 38 -21.30 -21.03 16.75
C LYS D 38 -22.48 -20.22 17.28
N LEU D 39 -22.48 -18.90 17.14
CA LEU D 39 -23.46 -18.00 17.82
C LEU D 39 -24.58 -17.62 16.87
N GLY D 40 -25.82 -17.72 17.35
CA GLY D 40 -26.98 -17.27 16.58
C GLY D 40 -27.05 -15.75 16.49
N VAL D 41 -27.86 -15.29 15.55
CA VAL D 41 -27.94 -13.85 15.19
C VAL D 41 -28.43 -13.07 16.41
N ASP D 42 -29.32 -13.64 17.23
CA ASP D 42 -29.80 -12.87 18.42
C ASP D 42 -28.66 -12.61 19.40
N LYS D 43 -27.72 -13.53 19.58
CA LYS D 43 -26.57 -13.27 20.47
C LYS D 43 -25.67 -12.20 19.85
N LEU D 44 -25.50 -12.22 18.52
CA LEU D 44 -24.70 -11.15 17.88
C LEU D 44 -25.31 -9.81 18.18
N ILE D 45 -26.61 -9.69 17.95
CA ILE D 45 -27.35 -8.42 18.15
C ILE D 45 -27.20 -8.01 19.62
N ALA D 46 -27.49 -8.93 20.52
CA ALA D 46 -27.48 -8.59 21.97
C ALA D 46 -26.06 -8.20 22.40
N GLY D 47 -25.04 -8.65 21.68
CA GLY D 47 -23.64 -8.30 21.95
C GLY D 47 -23.29 -6.84 21.66
N VAL D 48 -24.14 -6.14 20.93
CA VAL D 48 -23.94 -4.71 20.57
C VAL D 48 -25.20 -3.95 20.96
N PRO D 49 -25.44 -3.71 22.29
CA PRO D 49 -26.64 -2.98 22.72
C PRO D 49 -26.77 -1.57 22.14
N GLU D 50 -25.66 -0.98 21.69
CA GLU D 50 -25.66 0.37 21.09
C GLU D 50 -26.39 0.36 19.76
N LEU D 51 -26.64 -0.79 19.13
CA LEU D 51 -27.42 -0.84 17.87
C LEU D 51 -28.79 -0.19 18.05
N ALA D 52 -29.38 -0.26 19.25
CA ALA D 52 -30.68 0.37 19.57
C ALA D 52 -30.65 1.88 19.31
N ASP D 53 -29.50 2.51 19.50
CA ASP D 53 -29.35 3.98 19.29
C ASP D 53 -29.45 4.38 17.82
N ILE D 54 -29.15 3.49 16.87
CA ILE D 54 -28.93 3.93 15.48
C ILE D 54 -29.97 3.33 14.53
N ALA D 55 -30.66 2.25 14.89
CA ALA D 55 -31.63 1.57 14.02
C ALA D 55 -32.56 0.70 14.85
N ASN D 56 -33.69 0.36 14.25
CA ASN D 56 -34.59 -0.72 14.72
C ASN D 56 -34.16 -2.00 14.02
N VAL D 57 -33.56 -2.92 14.75
CA VAL D 57 -32.81 -4.07 14.17
C VAL D 57 -33.58 -5.35 14.43
N ARG D 58 -33.70 -6.22 13.44
CA ARG D 58 -34.00 -7.62 13.79
C ARG D 58 -33.14 -8.55 12.97
N GLY D 59 -33.04 -9.77 13.47
CA GLY D 59 -32.12 -10.79 12.99
C GLY D 59 -32.85 -11.96 12.39
N GLU D 60 -32.31 -12.52 11.31
CA GLU D 60 -32.75 -13.83 10.81
C GLU D 60 -31.52 -14.69 10.63
N GLN D 61 -31.61 -15.95 10.99
CA GLN D 61 -30.52 -16.93 10.70
C GLN D 61 -30.79 -17.58 9.34
N VAL D 62 -30.08 -17.21 8.28
CA VAL D 62 -30.29 -17.76 6.92
C VAL D 62 -29.58 -19.13 6.82
N MET D 63 -28.41 -19.19 7.41
CA MET D 63 -27.57 -20.40 7.48
C MET D 63 -26.50 -20.19 8.53
N GLN D 64 -25.68 -21.22 8.79
CA GLN D 64 -24.73 -21.12 9.90
C GLN D 64 -23.47 -21.87 9.45
N ILE D 65 -22.66 -21.24 8.60
CA ILE D 65 -21.56 -21.95 7.90
C ILE D 65 -20.24 -21.20 8.09
N ALA D 66 -19.18 -21.95 7.96
CA ALA D 66 -17.85 -21.43 7.68
C ALA D 66 -17.86 -21.09 6.18
N SER D 67 -17.43 -19.89 5.80
CA SER D 67 -17.71 -19.38 4.44
C SER D 67 -16.78 -20.07 3.43
N GLU D 68 -15.75 -20.75 3.89
CA GLU D 68 -14.90 -21.47 2.91
C GLU D 68 -15.70 -22.62 2.28
N SER D 69 -16.82 -23.04 2.91
CA SER D 69 -17.64 -24.19 2.43
C SER D 69 -18.96 -23.70 1.80
N ILE D 70 -19.11 -22.42 1.50
CA ILE D 70 -20.36 -21.92 0.86
C ILE D 70 -20.58 -22.63 -0.47
N SER D 71 -21.83 -22.90 -0.78
CA SER D 71 -22.23 -23.47 -2.08
C SER D 71 -23.03 -22.45 -2.89
N ASN D 72 -23.20 -22.72 -4.18
CA ASN D 72 -24.09 -21.96 -5.06
C ASN D 72 -25.54 -22.02 -4.51
N ASP D 73 -25.95 -23.15 -3.95
CA ASP D 73 -27.29 -23.26 -3.28
C ASP D 73 -27.42 -22.22 -2.16
N ASP D 74 -26.37 -22.10 -1.32
CA ASP D 74 -26.35 -21.09 -0.23
C ASP D 74 -26.40 -19.69 -0.81
N LEU D 75 -25.61 -19.38 -1.84
CA LEU D 75 -25.64 -18.04 -2.46
C LEU D 75 -27.04 -17.70 -2.91
N LEU D 76 -27.69 -18.63 -3.59
CA LEU D 76 -29.02 -18.39 -4.14
C LEU D 76 -30.00 -18.21 -3.00
N LYS D 77 -29.95 -19.02 -1.97
CA LYS D 77 -30.87 -18.90 -0.81
C LYS D 77 -30.73 -17.48 -0.21
N LEU D 78 -29.50 -17.05 0.03
CA LEU D 78 -29.28 -15.69 0.58
C LEU D 78 -29.75 -14.64 -0.41
N GLY D 79 -29.45 -14.77 -1.70
CA GLY D 79 -29.84 -13.77 -2.71
C GLY D 79 -31.37 -13.63 -2.80
N LYS D 80 -32.08 -14.75 -2.69
CA LYS D 80 -33.57 -14.75 -2.79
C LYS D 80 -34.16 -14.11 -1.53
N ARG D 81 -33.58 -14.34 -0.35
CA ARG D 81 -34.08 -13.75 0.90
C ARG D 81 -33.77 -12.26 0.93
N VAL D 82 -32.59 -11.87 0.44
CA VAL D 82 -32.28 -10.42 0.29
C VAL D 82 -33.34 -9.73 -0.61
N ALA D 83 -33.72 -10.35 -1.73
CA ALA D 83 -34.71 -9.82 -2.68
C ALA D 83 -36.07 -9.66 -1.98
N GLU D 84 -36.46 -10.65 -1.19
CA GLU D 84 -37.78 -10.59 -0.52
C GLU D 84 -37.81 -9.41 0.43
N LEU D 85 -36.75 -9.25 1.21
CA LEU D 85 -36.64 -8.16 2.19
C LEU D 85 -36.55 -6.82 1.50
N ALA D 86 -35.83 -6.73 0.39
CA ALA D 86 -35.68 -5.46 -0.31
C ALA D 86 -37.08 -5.00 -0.81
N GLU D 87 -37.93 -5.96 -1.15
CA GLU D 87 -39.24 -5.67 -1.77
C GLU D 87 -40.23 -5.29 -0.68
N SER D 88 -39.90 -5.45 0.58
CA SER D 88 -40.80 -5.14 1.72
C SER D 88 -40.72 -3.66 2.11
N LYS D 89 -41.87 -2.99 2.18
CA LYS D 89 -41.99 -1.59 2.62
C LYS D 89 -41.41 -1.44 4.03
N ASP D 90 -41.39 -2.50 4.83
CA ASP D 90 -40.99 -2.43 6.26
C ASP D 90 -39.46 -2.55 6.43
N VAL D 91 -38.71 -2.60 5.33
CA VAL D 91 -37.23 -2.81 5.45
C VAL D 91 -36.56 -1.63 4.77
N ASP D 92 -35.69 -0.93 5.49
CA ASP D 92 -35.00 0.23 4.91
C ASP D 92 -33.59 -0.21 4.49
N GLY D 93 -33.00 -1.16 5.21
CA GLY D 93 -31.64 -1.61 4.87
C GLY D 93 -31.38 -3.01 5.38
N ILE D 94 -30.36 -3.63 4.80
CA ILE D 94 -30.01 -5.05 5.01
C ILE D 94 -28.53 -5.17 5.31
N VAL D 95 -28.25 -5.90 6.37
CA VAL D 95 -26.89 -6.26 6.79
C VAL D 95 -26.76 -7.77 6.72
N ILE D 96 -25.67 -8.26 6.14
CA ILE D 96 -25.41 -9.72 6.07
C ILE D 96 -24.12 -9.99 6.84
N THR D 97 -24.18 -10.77 7.92
CA THR D 97 -22.99 -11.18 8.69
C THR D 97 -22.48 -12.46 8.04
N HIS D 98 -21.18 -12.51 7.76
CA HIS D 98 -20.58 -13.50 6.83
C HIS D 98 -19.16 -13.82 7.30
N GLY D 99 -18.74 -15.03 7.03
CA GLY D 99 -17.33 -15.40 7.13
C GLY D 99 -16.54 -14.53 6.17
N THR D 100 -15.31 -14.27 6.53
CA THR D 100 -14.47 -13.42 5.67
C THR D 100 -13.95 -14.17 4.44
N ASP D 101 -13.75 -15.48 4.46
CA ASP D 101 -13.06 -16.19 3.35
C ASP D 101 -13.72 -15.93 1.98
N THR D 102 -15.04 -15.99 1.90
CA THR D 102 -15.76 -15.82 0.61
C THR D 102 -16.68 -14.62 0.66
N LEU D 103 -16.56 -13.75 1.67
CA LEU D 103 -17.39 -12.51 1.79
C LEU D 103 -17.35 -11.75 0.46
N GLU D 104 -16.18 -11.63 -0.14
CA GLU D 104 -15.99 -10.85 -1.38
C GLU D 104 -16.75 -11.44 -2.56
N GLU D 105 -16.97 -12.74 -2.54
CA GLU D 105 -17.73 -13.43 -3.58
C GLU D 105 -19.21 -13.10 -3.38
N THR D 106 -19.74 -13.36 -2.18
CA THR D 106 -21.13 -13.04 -1.88
C THR D 106 -21.41 -11.55 -2.17
N ALA D 107 -20.55 -10.66 -1.72
CA ALA D 107 -20.80 -9.20 -1.89
C ALA D 107 -20.90 -8.85 -3.38
N PHE D 108 -20.02 -9.41 -4.23
CA PHE D 108 -20.09 -9.13 -5.68
C PHE D 108 -21.37 -9.76 -6.25
N PHE D 109 -21.72 -10.97 -5.84
CA PHE D 109 -22.91 -11.68 -6.35
C PHE D 109 -24.12 -10.75 -6.10
N LEU D 110 -24.29 -10.28 -4.87
CA LEU D 110 -25.49 -9.49 -4.52
C LEU D 110 -25.46 -8.17 -5.30
N ASN D 111 -24.29 -7.64 -5.56
CA ASN D 111 -24.13 -6.37 -6.31
C ASN D 111 -24.66 -6.54 -7.74
N LEU D 112 -24.60 -7.74 -8.28
CA LEU D 112 -24.96 -8.03 -9.69
C LEU D 112 -26.45 -8.35 -9.80
N VAL D 113 -27.04 -8.95 -8.78
CA VAL D 113 -28.38 -9.59 -8.95
C VAL D 113 -29.48 -8.90 -8.14
N GLU D 114 -29.19 -7.99 -7.24
CA GLU D 114 -30.24 -7.36 -6.40
C GLU D 114 -30.65 -6.01 -7.01
N LYS D 115 -31.86 -5.92 -7.52
CA LYS D 115 -32.28 -4.75 -8.33
C LYS D 115 -33.00 -3.83 -7.35
N THR D 116 -32.23 -3.24 -6.45
CA THR D 116 -32.77 -2.39 -5.38
C THR D 116 -31.78 -1.28 -5.14
N ASP D 117 -32.27 -0.13 -4.71
CA ASP D 117 -31.34 0.91 -4.23
C ASP D 117 -31.32 0.92 -2.70
N LYS D 118 -31.98 0.01 -2.01
CA LYS D 118 -31.90 -0.03 -0.56
C LYS D 118 -30.49 -0.50 -0.16
N PRO D 119 -29.90 0.09 0.90
CA PRO D 119 -28.55 -0.31 1.31
C PRO D 119 -28.48 -1.81 1.62
N ILE D 120 -27.44 -2.45 1.08
CA ILE D 120 -27.07 -3.86 1.39
C ILE D 120 -25.61 -3.83 1.82
N VAL D 121 -25.37 -4.25 3.03
CA VAL D 121 -24.01 -4.22 3.62
C VAL D 121 -23.62 -5.64 4.01
N VAL D 122 -22.43 -6.09 3.62
CA VAL D 122 -21.90 -7.41 4.04
C VAL D 122 -20.75 -7.15 4.99
N VAL D 123 -20.71 -7.87 6.10
CA VAL D 123 -19.70 -7.62 7.17
C VAL D 123 -19.30 -8.91 7.88
N GLY D 124 -18.04 -8.96 8.23
CA GLY D 124 -17.46 -10.04 9.00
C GLY D 124 -16.53 -9.53 10.05
N SER D 125 -15.73 -10.43 10.56
CA SER D 125 -14.66 -10.06 11.49
C SER D 125 -13.45 -10.97 11.27
N MET D 126 -12.27 -10.42 11.51
CA MET D 126 -11.02 -11.22 11.44
C MET D 126 -10.73 -11.93 12.77
N ARG D 127 -11.33 -11.47 13.86
CA ARG D 127 -11.17 -12.14 15.18
C ARG D 127 -12.54 -12.56 15.67
N PRO D 128 -12.66 -13.68 16.41
CA PRO D 128 -13.96 -14.04 16.98
C PRO D 128 -14.33 -13.12 18.15
N GLY D 129 -15.61 -13.03 18.51
CA GLY D 129 -16.09 -12.10 19.56
C GLY D 129 -15.58 -12.44 20.94
N THR D 130 -15.01 -13.62 21.13
CA THR D 130 -14.37 -14.05 22.40
C THR D 130 -12.94 -13.52 22.57
N ALA D 131 -12.34 -13.01 21.50
CA ALA D 131 -10.93 -12.59 21.53
C ALA D 131 -10.80 -11.22 22.17
N MET D 132 -9.64 -10.99 22.75
CA MET D 132 -9.17 -9.65 23.13
C MET D 132 -9.23 -8.79 21.87
N SER D 133 -9.79 -7.58 22.01
CA SER D 133 -9.77 -6.57 20.92
C SER D 133 -10.47 -7.15 19.68
N ALA D 134 -11.51 -7.95 19.88
CA ALA D 134 -12.38 -8.44 18.78
C ALA D 134 -12.94 -7.28 17.95
N ASP D 135 -12.86 -7.40 16.64
CA ASP D 135 -13.26 -6.36 15.66
C ASP D 135 -14.74 -6.44 15.30
N GLY D 136 -15.45 -7.53 15.61
CA GLY D 136 -16.80 -7.75 15.13
C GLY D 136 -17.84 -6.78 15.66
N MET D 137 -17.69 -6.34 16.90
N MET D 137 -17.70 -6.34 16.91
CA MET D 137 -18.72 -5.46 17.52
CA MET D 137 -18.74 -5.47 17.52
C MET D 137 -18.79 -4.15 16.75
C MET D 137 -18.80 -4.14 16.76
N LEU D 138 -17.68 -3.46 16.58
CA LEU D 138 -17.67 -2.18 15.87
C LEU D 138 -17.95 -2.42 14.39
N ASN D 139 -17.47 -3.51 13.79
CA ASN D 139 -17.81 -3.79 12.39
C ASN D 139 -19.34 -3.92 12.21
N LEU D 140 -20.02 -4.61 13.13
CA LEU D 140 -21.48 -4.79 12.99
C LEU D 140 -22.20 -3.45 13.25
N TYR D 141 -21.77 -2.69 14.25
CA TYR D 141 -22.32 -1.34 14.52
C TYR D 141 -22.18 -0.47 13.26
N ASN D 142 -21.00 -0.50 12.64
CA ASN D 142 -20.72 0.31 11.43
C ASN D 142 -21.61 -0.20 10.29
N ALA D 143 -21.80 -1.52 10.15
CA ALA D 143 -22.61 -2.06 9.08
C ALA D 143 -24.05 -1.52 9.22
N VAL D 144 -24.60 -1.59 10.42
CA VAL D 144 -25.98 -1.11 10.70
C VAL D 144 -26.03 0.39 10.47
N ALA D 145 -25.01 1.17 10.86
CA ALA D 145 -24.99 2.62 10.66
C ALA D 145 -25.05 2.91 9.15
N VAL D 146 -24.24 2.21 8.39
CA VAL D 146 -24.18 2.41 6.92
C VAL D 146 -25.48 1.95 6.24
N ALA D 147 -26.08 0.86 6.71
CA ALA D 147 -27.32 0.31 6.11
C ALA D 147 -28.49 1.26 6.45
N SER D 148 -28.34 2.09 7.46
CA SER D 148 -29.43 3.02 7.87
CA SER D 148 -29.37 3.04 7.96
C SER D 148 -29.20 4.43 7.35
N ASP D 149 -28.16 4.65 6.56
CA ASP D 149 -27.74 5.99 6.14
C ASP D 149 -28.31 6.28 4.76
N LYS D 150 -28.97 7.42 4.58
CA LYS D 150 -29.50 7.83 3.26
C LYS D 150 -28.37 7.91 2.22
N GLN D 151 -27.15 8.21 2.65
CA GLN D 151 -25.97 8.30 1.73
C GLN D 151 -25.66 6.94 1.10
N SER D 152 -26.08 5.84 1.71
CA SER D 152 -25.79 4.48 1.19
C SER D 152 -26.76 4.10 0.06
N ARG D 153 -27.89 4.82 -0.08
CA ARG D 153 -28.85 4.45 -1.15
C ARG D 153 -28.21 4.62 -2.52
N GLY D 154 -28.40 3.61 -3.37
CA GLY D 154 -27.93 3.66 -4.76
C GLY D 154 -26.45 3.42 -4.97
N LYS D 155 -25.70 3.09 -3.93
CA LYS D 155 -24.23 2.97 -4.01
C LYS D 155 -23.78 1.54 -4.32
N GLY D 156 -24.75 0.63 -4.46
CA GLY D 156 -24.41 -0.80 -4.62
C GLY D 156 -24.05 -1.44 -3.31
N VAL D 157 -23.70 -2.70 -3.36
CA VAL D 157 -23.40 -3.46 -2.12
C VAL D 157 -22.12 -2.91 -1.50
N LEU D 158 -22.13 -2.75 -0.20
CA LEU D 158 -21.00 -2.16 0.55
C LEU D 158 -20.49 -3.17 1.58
N VAL D 159 -19.20 -3.02 1.91
CA VAL D 159 -18.48 -3.84 2.89
C VAL D 159 -17.89 -2.88 3.89
N THR D 160 -18.20 -3.08 5.16
CA THR D 160 -17.85 -2.05 6.18
C THR D 160 -16.98 -2.62 7.28
N MET D 161 -15.77 -2.97 6.95
CA MET D 161 -14.80 -3.45 7.97
C MET D 161 -13.67 -2.43 8.12
N ASN D 162 -13.01 -2.39 9.28
CA ASN D 162 -11.78 -1.61 9.48
C ASN D 162 -12.11 -0.11 9.27
N ASP D 163 -13.34 0.30 9.63
CA ASP D 163 -13.77 1.72 9.58
C ASP D 163 -13.89 2.21 8.14
N GLU D 164 -13.92 1.32 7.14
CA GLU D 164 -13.94 1.73 5.72
C GLU D 164 -15.28 1.36 5.12
N ILE D 165 -15.69 2.10 4.09
CA ILE D 165 -16.80 1.74 3.20
C ILE D 165 -16.16 1.29 1.91
N GLN D 166 -16.19 -0.02 1.67
CA GLN D 166 -15.60 -0.64 0.47
C GLN D 166 -16.73 -1.08 -0.48
N SER D 167 -16.49 -0.92 -1.77
CA SER D 167 -17.40 -1.45 -2.79
C SER D 167 -17.38 -2.98 -2.77
N GLY D 168 -18.54 -3.61 -2.69
CA GLY D 168 -18.68 -5.06 -2.81
C GLY D 168 -18.19 -5.59 -4.13
N ARG D 169 -18.15 -4.78 -5.15
CA ARG D 169 -17.65 -5.22 -6.45
C ARG D 169 -16.20 -5.68 -6.33
N ASP D 170 -15.28 -4.82 -5.87
CA ASP D 170 -13.82 -5.06 -6.10
C ASP D 170 -13.04 -5.10 -4.79
N VAL D 171 -13.68 -5.04 -3.64
CA VAL D 171 -12.97 -5.36 -2.38
C VAL D 171 -12.69 -6.86 -2.33
N SER D 172 -11.58 -7.20 -1.76
CA SER D 172 -11.05 -8.58 -1.71
C SER D 172 -10.33 -8.78 -0.40
N LYS D 173 -10.33 -10.03 0.07
CA LYS D 173 -9.55 -10.39 1.26
C LYS D 173 -8.12 -10.51 0.76
N ALA D 174 -7.28 -9.54 1.14
CA ALA D 174 -5.92 -9.36 0.57
C ALA D 174 -4.86 -9.53 1.66
N VAL D 175 -5.22 -9.41 2.94
CA VAL D 175 -4.25 -9.51 4.06
C VAL D 175 -4.81 -10.51 5.07
N ASN D 176 -4.01 -11.52 5.36
CA ASN D 176 -4.40 -12.55 6.32
C ASN D 176 -4.13 -12.00 7.73
N ILE D 177 -4.89 -12.54 8.67
CA ILE D 177 -4.72 -12.29 10.13
C ILE D 177 -5.23 -10.93 10.59
N LYS D 178 -4.75 -9.86 10.01
CA LYS D 178 -4.98 -8.51 10.49
C LYS D 178 -6.38 -7.99 10.13
N THR D 179 -6.83 -7.03 10.91
CA THR D 179 -8.20 -6.52 10.77
C THR D 179 -8.35 -5.68 9.50
N GLU D 180 -7.26 -5.24 8.90
CA GLU D 180 -7.28 -4.49 7.65
C GLU D 180 -7.28 -5.45 6.47
N ALA D 181 -7.84 -6.65 6.62
CA ALA D 181 -7.80 -7.72 5.60
C ALA D 181 -8.34 -7.27 4.23
N PHE D 182 -9.39 -6.46 4.20
CA PHE D 182 -10.18 -6.21 2.98
C PHE D 182 -9.66 -4.93 2.30
N LYS D 183 -9.19 -5.10 1.08
CA LYS D 183 -8.66 -3.97 0.28
C LYS D 183 -9.25 -3.98 -1.12
N SER D 184 -9.27 -2.80 -1.75
CA SER D 184 -9.62 -2.70 -3.17
C SER D 184 -8.43 -2.06 -3.87
N ALA D 185 -8.14 -2.49 -5.10
CA ALA D 185 -7.16 -1.79 -5.96
C ALA D 185 -7.57 -0.33 -6.21
N TRP D 186 -8.88 -0.05 -6.16
CA TRP D 186 -9.42 1.28 -6.56
C TRP D 186 -9.76 2.05 -5.28
N GLY D 187 -9.26 1.61 -4.13
CA GLY D 187 -9.39 2.40 -2.90
C GLY D 187 -10.73 2.18 -2.22
N PRO D 188 -10.82 2.50 -0.92
CA PRO D 188 -12.11 2.55 -0.26
C PRO D 188 -12.91 3.73 -0.84
N MET D 189 -14.23 3.64 -0.81
CA MET D 189 -15.07 4.74 -1.28
C MET D 189 -15.30 5.75 -0.16
N GLY D 190 -15.19 5.29 1.07
CA GLY D 190 -15.48 6.14 2.22
C GLY D 190 -15.00 5.55 3.50
N MET D 191 -15.37 6.20 4.61
CA MET D 191 -15.09 5.69 5.96
C MET D 191 -16.36 5.88 6.80
N VAL D 192 -16.46 5.05 7.84
CA VAL D 192 -17.53 5.15 8.85
C VAL D 192 -16.84 5.29 10.22
N VAL D 193 -17.14 6.38 10.88
CA VAL D 193 -16.54 6.79 12.18
C VAL D 193 -17.66 7.30 13.08
N GLU D 194 -17.72 6.77 14.30
CA GLU D 194 -18.72 7.19 15.34
C GLU D 194 -20.12 7.27 14.71
N GLY D 195 -20.46 6.24 13.96
CA GLY D 195 -21.77 6.05 13.29
C GLY D 195 -21.96 6.84 12.02
N LYS D 196 -21.01 7.69 11.63
CA LYS D 196 -21.22 8.65 10.55
C LYS D 196 -20.44 8.17 9.33
N SER D 197 -20.99 8.35 8.13
CA SER D 197 -20.41 7.94 6.85
C SER D 197 -19.83 9.16 6.16
N TYR D 198 -18.60 9.03 5.73
CA TYR D 198 -17.86 10.07 4.99
C TYR D 198 -17.45 9.50 3.64
N TRP D 199 -17.95 10.09 2.57
CA TRP D 199 -17.75 9.57 1.20
C TRP D 199 -16.70 10.40 0.47
N PHE D 200 -15.94 9.74 -0.39
CA PHE D 200 -14.82 10.34 -1.16
C PHE D 200 -14.84 9.92 -2.61
N ARG D 201 -15.52 8.82 -2.96
CA ARG D 201 -15.59 8.27 -4.33
C ARG D 201 -16.97 7.65 -4.50
N LEU D 202 -17.40 7.54 -5.74
CA LEU D 202 -18.64 6.87 -6.15
C LEU D 202 -18.28 5.70 -7.05
N PRO D 203 -19.13 4.68 -7.12
CA PRO D 203 -18.89 3.61 -8.09
C PRO D 203 -19.04 4.09 -9.53
N ALA D 204 -18.32 3.44 -10.44
CA ALA D 204 -18.36 3.74 -11.90
C ALA D 204 -18.97 2.56 -12.65
N LYS D 205 -18.95 1.38 -12.06
CA LYS D 205 -19.41 0.15 -12.76
C LYS D 205 -20.91 -0.08 -12.51
N ARG D 206 -21.53 -0.87 -13.38
CA ARG D 206 -22.96 -1.19 -13.27
C ARG D 206 -23.21 -2.06 -12.03
N HIS D 207 -24.31 -1.78 -11.37
CA HIS D 207 -24.72 -2.54 -10.19
C HIS D 207 -26.21 -2.38 -9.92
N THR D 208 -26.71 -3.26 -9.06
CA THR D 208 -28.02 -3.27 -8.38
C THR D 208 -29.07 -2.70 -9.34
N VAL D 209 -29.61 -1.49 -9.08
CA VAL D 209 -30.77 -0.99 -9.88
C VAL D 209 -30.42 -0.87 -11.36
N ASN D 210 -29.16 -0.68 -11.75
CA ASN D 210 -28.82 -0.52 -13.18
C ASN D 210 -28.27 -1.80 -13.81
N SER D 211 -28.34 -2.93 -13.10
CA SER D 211 -27.88 -4.24 -13.62
C SER D 211 -28.92 -4.83 -14.58
N GLU D 212 -28.47 -5.55 -15.58
CA GLU D 212 -29.32 -6.30 -16.51
C GLU D 212 -29.70 -7.62 -15.88
N PHE D 213 -29.10 -8.02 -14.75
CA PHE D 213 -29.35 -9.34 -14.09
C PHE D 213 -30.32 -9.14 -12.94
N ASP D 214 -31.08 -10.18 -12.60
CA ASP D 214 -32.06 -10.11 -11.49
C ASP D 214 -32.16 -11.50 -10.87
N ILE D 215 -31.88 -11.62 -9.58
CA ILE D 215 -31.98 -12.89 -8.84
C ILE D 215 -33.38 -13.48 -9.10
N LYS D 216 -34.40 -12.67 -9.34
CA LYS D 216 -35.79 -13.21 -9.38
C LYS D 216 -35.94 -14.17 -10.56
N GLN D 217 -35.12 -14.07 -11.60
CA GLN D 217 -35.20 -14.98 -12.77
C GLN D 217 -34.23 -16.17 -12.68
N ILE D 218 -33.32 -16.18 -11.72
CA ILE D 218 -32.28 -17.24 -11.61
C ILE D 218 -32.80 -18.38 -10.73
N SER D 219 -32.93 -19.61 -11.29
CA SER D 219 -33.36 -20.80 -10.53
C SER D 219 -32.14 -21.55 -9.98
N SER D 220 -31.07 -21.60 -10.76
CA SER D 220 -29.79 -22.25 -10.41
C SER D 220 -28.65 -21.63 -11.20
N LEU D 221 -27.44 -21.62 -10.63
CA LEU D 221 -26.28 -21.02 -11.30
C LEU D 221 -25.50 -22.06 -12.10
N PRO D 222 -24.87 -21.65 -13.19
CA PRO D 222 -24.04 -22.51 -14.01
C PRO D 222 -22.77 -22.89 -13.23
N GLN D 223 -22.27 -24.08 -13.47
CA GLN D 223 -21.03 -24.56 -12.86
C GLN D 223 -19.87 -23.82 -13.53
N VAL D 224 -19.03 -23.17 -12.74
CA VAL D 224 -17.80 -22.47 -13.25
C VAL D 224 -16.68 -22.82 -12.28
N ASP D 225 -15.55 -23.20 -12.80
CA ASP D 225 -14.40 -23.57 -11.93
C ASP D 225 -13.17 -22.75 -12.28
N ILE D 226 -12.13 -22.86 -11.43
CA ILE D 226 -10.93 -22.01 -11.51
C ILE D 226 -9.71 -22.94 -11.54
N ALA D 227 -8.78 -22.66 -12.44
CA ALA D 227 -7.49 -23.36 -12.49
C ALA D 227 -6.32 -22.37 -12.48
N TYR D 228 -5.24 -22.75 -11.83
CA TYR D 228 -4.10 -21.86 -11.56
C TYR D 228 -2.98 -21.98 -12.60
N GLY D 229 -2.32 -20.89 -12.89
CA GLY D 229 -1.18 -20.88 -13.83
C GLY D 229 0.08 -20.59 -13.05
N TYR D 230 1.18 -21.27 -13.40
CA TYR D 230 2.46 -21.30 -12.66
C TYR D 230 3.49 -21.98 -13.56
N GLY D 231 4.76 -21.89 -13.22
CA GLY D 231 5.81 -22.65 -13.93
C GLY D 231 5.52 -24.15 -14.04
N ASN D 232 5.70 -24.72 -15.22
CA ASN D 232 5.53 -26.17 -15.46
CA ASN D 232 5.52 -26.17 -15.51
C ASN D 232 4.07 -26.59 -15.31
N VAL D 233 3.12 -25.66 -15.37
CA VAL D 233 1.70 -26.09 -15.29
C VAL D 233 1.36 -26.89 -16.55
N THR D 234 0.41 -27.82 -16.39
CA THR D 234 -0.10 -28.65 -17.51
C THR D 234 -1.58 -28.35 -17.73
N ASP D 235 -2.14 -29.02 -18.71
CA ASP D 235 -3.57 -28.82 -19.01
C ASP D 235 -4.47 -29.67 -18.12
N THR D 236 -3.93 -30.44 -17.18
CA THR D 236 -4.68 -31.46 -16.42
C THR D 236 -5.87 -30.85 -15.68
N ALA D 237 -5.69 -29.77 -14.90
CA ALA D 237 -6.80 -29.27 -14.09
C ALA D 237 -7.92 -28.76 -15.00
N TYR D 238 -7.55 -28.09 -16.10
CA TYR D 238 -8.51 -27.49 -17.04
C TYR D 238 -9.40 -28.60 -17.57
N LYS D 239 -8.79 -29.65 -18.10
CA LYS D 239 -9.54 -30.77 -18.72
C LYS D 239 -10.39 -31.47 -17.68
N ALA D 240 -9.86 -31.71 -16.48
CA ALA D 240 -10.61 -32.43 -15.44
C ALA D 240 -11.83 -31.61 -15.02
N LEU D 241 -11.69 -30.27 -14.82
CA LEU D 241 -12.84 -29.47 -14.36
C LEU D 241 -13.94 -29.45 -15.44
N ALA D 242 -13.56 -29.37 -16.70
CA ALA D 242 -14.53 -29.41 -17.81
C ALA D 242 -15.20 -30.78 -17.90
N GLN D 243 -14.43 -31.83 -17.67
CA GLN D 243 -14.96 -33.22 -17.77
C GLN D 243 -15.95 -33.44 -16.62
N ASN D 244 -15.90 -32.66 -15.55
CA ASN D 244 -16.86 -32.86 -14.46
C ASN D 244 -17.81 -31.67 -14.40
N GLY D 245 -18.15 -31.07 -15.54
CA GLY D 245 -19.33 -30.19 -15.61
C GLY D 245 -19.04 -28.72 -15.87
N ALA D 246 -17.80 -28.23 -15.76
CA ALA D 246 -17.58 -26.77 -15.82
C ALA D 246 -18.07 -26.23 -17.16
N LYS D 247 -18.89 -25.18 -17.16
CA LYS D 247 -19.37 -24.49 -18.39
C LYS D 247 -18.50 -23.30 -18.73
N ALA D 248 -17.75 -22.81 -17.75
CA ALA D 248 -16.67 -21.84 -17.95
C ALA D 248 -15.49 -22.21 -17.06
N LEU D 249 -14.32 -21.86 -17.53
CA LEU D 249 -13.09 -22.00 -16.76
C LEU D 249 -12.49 -20.59 -16.59
N ILE D 250 -12.22 -20.25 -15.35
CA ILE D 250 -11.47 -19.02 -15.00
C ILE D 250 -10.01 -19.45 -14.93
N HIS D 251 -9.18 -18.89 -15.78
CA HIS D 251 -7.71 -19.16 -15.83
C HIS D 251 -7.08 -18.09 -14.94
N ALA D 252 -6.55 -18.51 -13.80
CA ALA D 252 -5.83 -17.61 -12.88
C ALA D 252 -4.37 -17.59 -13.31
N GLY D 253 -4.11 -16.87 -14.39
CA GLY D 253 -2.79 -16.90 -15.03
C GLY D 253 -1.70 -16.14 -14.25
N THR D 254 -0.46 -16.38 -14.60
CA THR D 254 0.67 -15.49 -14.28
C THR D 254 0.47 -14.18 -15.04
N GLY D 255 1.00 -13.08 -14.52
CA GLY D 255 1.04 -11.81 -15.25
C GLY D 255 -0.29 -11.41 -15.80
N ASN D 256 -0.29 -10.95 -17.05
CA ASN D 256 -1.49 -10.37 -17.67
C ASN D 256 -2.33 -11.51 -18.26
N GLY D 257 -2.83 -12.39 -17.40
CA GLY D 257 -3.63 -13.56 -17.79
C GLY D 257 -2.89 -14.50 -18.71
N SER D 258 -1.59 -14.55 -18.65
CA SER D 258 -0.75 -15.29 -19.61
C SER D 258 -1.05 -16.79 -19.53
N VAL D 259 -0.94 -17.47 -20.65
CA VAL D 259 -1.20 -18.93 -20.74
C VAL D 259 0.04 -19.61 -21.27
N SER D 260 0.45 -20.66 -20.57
CA SER D 260 1.57 -21.53 -20.99
C SER D 260 1.31 -22.10 -22.38
N SER D 261 2.34 -22.21 -23.20
CA SER D 261 2.24 -22.93 -24.50
C SER D 261 1.76 -24.38 -24.28
N ARG D 262 1.97 -24.99 -23.11
CA ARG D 262 1.49 -26.37 -22.81
C ARG D 262 -0.02 -26.42 -22.56
N VAL D 263 -0.68 -25.28 -22.35
CA VAL D 263 -2.10 -25.21 -21.94
C VAL D 263 -2.92 -24.63 -23.08
N VAL D 264 -2.37 -23.75 -23.95
CA VAL D 264 -3.15 -23.09 -25.02
C VAL D 264 -3.93 -24.14 -25.81
N PRO D 265 -3.33 -25.25 -26.28
CA PRO D 265 -4.12 -26.14 -27.15
C PRO D 265 -5.36 -26.71 -26.46
N ALA D 266 -5.21 -27.11 -25.19
CA ALA D 266 -6.35 -27.62 -24.41
C ALA D 266 -7.43 -26.54 -24.33
N LEU D 267 -7.08 -25.28 -24.09
CA LEU D 267 -8.13 -24.25 -23.92
C LEU D 267 -8.78 -23.98 -25.29
N GLN D 268 -8.04 -24.06 -26.38
CA GLN D 268 -8.66 -23.93 -27.72
C GLN D 268 -9.68 -25.05 -27.93
N GLU D 269 -9.30 -26.29 -27.65
CA GLU D 269 -10.22 -27.44 -27.79
C GLU D 269 -11.42 -27.26 -26.86
N LEU D 270 -11.21 -26.83 -25.60
CA LEU D 270 -12.35 -26.65 -24.68
C LEU D 270 -13.30 -25.56 -25.20
N ARG D 271 -12.78 -24.48 -25.76
CA ARG D 271 -13.67 -23.42 -26.27
C ARG D 271 -14.44 -23.97 -27.48
N LYS D 272 -13.75 -24.69 -28.35
CA LYS D 272 -14.41 -25.27 -29.54
C LYS D 272 -15.56 -26.17 -29.06
N ASN D 273 -15.42 -26.83 -27.92
CA ASN D 273 -16.47 -27.74 -27.41
C ASN D 273 -17.48 -27.02 -26.51
N GLY D 274 -17.50 -25.69 -26.45
CA GLY D 274 -18.57 -24.92 -25.82
C GLY D 274 -18.25 -24.43 -24.40
N VAL D 275 -17.03 -24.62 -23.93
CA VAL D 275 -16.60 -24.10 -22.60
C VAL D 275 -16.05 -22.67 -22.74
N GLN D 276 -16.61 -21.72 -22.01
CA GLN D 276 -16.09 -20.33 -21.99
C GLN D 276 -14.72 -20.31 -21.32
N ILE D 277 -13.81 -19.51 -21.84
CA ILE D 277 -12.40 -19.41 -21.33
C ILE D 277 -12.16 -17.95 -20.97
N ILE D 278 -12.01 -17.70 -19.66
CA ILE D 278 -11.92 -16.34 -19.11
C ILE D 278 -10.56 -16.19 -18.44
N ARG D 279 -9.75 -15.27 -18.95
CA ARG D 279 -8.37 -15.02 -18.48
C ARG D 279 -8.43 -14.00 -17.36
N SER D 280 -8.18 -14.49 -16.14
CA SER D 280 -7.90 -13.65 -14.97
C SER D 280 -6.43 -13.83 -14.64
N SER D 281 -6.05 -13.50 -13.43
CA SER D 281 -4.65 -13.59 -12.99
C SER D 281 -4.59 -13.74 -11.49
N HIS D 282 -3.42 -14.12 -11.02
CA HIS D 282 -3.06 -14.06 -9.57
C HIS D 282 -2.15 -12.88 -9.29
N VAL D 283 -2.33 -11.83 -10.03
CA VAL D 283 -1.63 -10.53 -9.84
C VAL D 283 -2.70 -9.54 -9.40
N ASN D 284 -3.01 -9.51 -8.10
CA ASN D 284 -4.34 -9.04 -7.70
C ASN D 284 -4.25 -7.69 -6.97
N GLN D 285 -3.08 -7.07 -6.83
CA GLN D 285 -3.04 -5.82 -6.04
CA GLN D 285 -3.02 -5.80 -6.04
C GLN D 285 -3.41 -4.63 -6.92
N GLY D 286 -3.25 -4.73 -8.25
CA GLY D 286 -3.67 -3.64 -9.15
C GLY D 286 -3.41 -3.98 -10.60
N GLY D 287 -3.87 -3.11 -11.50
CA GLY D 287 -3.87 -3.34 -12.95
C GLY D 287 -5.05 -4.18 -13.40
N PHE D 288 -4.98 -4.68 -14.62
CA PHE D 288 -6.06 -5.47 -15.22
C PHE D 288 -5.47 -6.30 -16.35
N VAL D 289 -6.22 -7.29 -16.79
CA VAL D 289 -5.92 -8.17 -17.92
C VAL D 289 -6.47 -7.51 -19.18
N LEU D 290 -5.57 -7.26 -20.12
CA LEU D 290 -5.83 -6.54 -21.40
C LEU D 290 -6.16 -7.54 -22.53
N ARG D 291 -7.28 -7.34 -23.19
CA ARG D 291 -7.70 -8.22 -24.32
C ARG D 291 -6.66 -8.16 -25.44
N ASN D 292 -6.39 -9.31 -26.05
CA ASN D 292 -5.47 -9.47 -27.21
C ASN D 292 -4.05 -9.10 -26.84
N ALA D 293 -3.66 -8.92 -25.55
CA ALA D 293 -2.27 -8.61 -25.25
C ALA D 293 -1.46 -9.91 -25.16
N GLU D 294 -1.70 -10.74 -24.13
CA GLU D 294 -0.87 -11.95 -23.92
C GLU D 294 -1.38 -13.08 -24.81
N GLN D 295 -2.65 -13.08 -25.19
CA GLN D 295 -3.18 -14.16 -26.03
C GLN D 295 -4.11 -13.56 -27.05
N PRO D 296 -4.30 -14.27 -28.20
CA PRO D 296 -5.20 -13.73 -29.24
C PRO D 296 -6.66 -14.07 -28.94
N ASP D 297 -7.28 -13.30 -28.05
CA ASP D 297 -8.63 -13.62 -27.55
C ASP D 297 -9.65 -13.56 -28.69
N ASP D 298 -9.51 -12.61 -29.63
CA ASP D 298 -10.48 -12.56 -30.76
C ASP D 298 -10.41 -13.85 -31.57
N LYS D 299 -9.20 -14.29 -31.93
CA LYS D 299 -8.98 -15.50 -32.75
C LYS D 299 -9.51 -16.71 -32.00
N ASN D 300 -9.32 -16.77 -30.68
CA ASN D 300 -9.67 -17.98 -29.91
C ASN D 300 -11.10 -17.89 -29.34
N ASP D 301 -11.75 -16.74 -29.42
CA ASP D 301 -13.09 -16.47 -28.83
C ASP D 301 -13.02 -16.69 -27.32
N TRP D 302 -11.99 -16.12 -26.73
CA TRP D 302 -11.85 -16.11 -25.25
C TRP D 302 -12.29 -14.75 -24.71
N VAL D 303 -12.33 -14.61 -23.39
CA VAL D 303 -12.78 -13.40 -22.67
C VAL D 303 -11.68 -13.02 -21.65
N VAL D 304 -11.40 -11.75 -21.47
CA VAL D 304 -10.51 -11.32 -20.36
C VAL D 304 -11.37 -10.83 -19.21
N ALA D 305 -10.92 -11.08 -18.00
CA ALA D 305 -11.69 -10.72 -16.77
C ALA D 305 -11.43 -9.28 -16.32
N HIS D 306 -10.69 -8.48 -17.10
CA HIS D 306 -10.45 -7.03 -16.77
C HIS D 306 -9.72 -7.01 -15.42
N ASP D 307 -10.17 -6.27 -14.44
CA ASP D 307 -9.44 -6.15 -13.14
C ASP D 307 -9.90 -7.21 -12.13
N LEU D 308 -10.81 -8.07 -12.52
CA LEU D 308 -11.48 -8.97 -11.52
C LEU D 308 -10.60 -10.19 -11.27
N ASN D 309 -10.36 -10.42 -10.01
CA ASN D 309 -9.57 -11.59 -9.52
C ASN D 309 -10.33 -12.87 -9.85
N PRO D 310 -9.69 -14.04 -9.71
CA PRO D 310 -10.32 -15.27 -10.23
C PRO D 310 -11.68 -15.54 -9.61
N GLN D 311 -11.80 -15.45 -8.30
CA GLN D 311 -13.04 -15.80 -7.57
C GLN D 311 -14.13 -14.77 -7.88
N LYS D 312 -13.78 -13.51 -8.08
CA LYS D 312 -14.76 -12.53 -8.58
C LYS D 312 -15.18 -12.84 -10.03
N ALA D 313 -14.24 -13.19 -10.89
CA ALA D 313 -14.51 -13.49 -12.31
C ALA D 313 -15.45 -14.71 -12.39
N ARG D 314 -15.27 -15.68 -11.53
CA ARG D 314 -16.20 -16.82 -11.46
C ARG D 314 -17.64 -16.31 -11.20
N ILE D 315 -17.83 -15.46 -10.21
CA ILE D 315 -19.16 -14.96 -9.83
C ILE D 315 -19.78 -14.25 -11.04
N LEU D 316 -19.02 -13.38 -11.68
CA LEU D 316 -19.61 -12.61 -12.81
C LEU D 316 -19.89 -13.58 -13.94
N ALA D 317 -19.00 -14.53 -14.22
CA ALA D 317 -19.24 -15.51 -15.32
C ALA D 317 -20.52 -16.28 -15.04
N MET D 318 -20.74 -16.78 -13.84
CA MET D 318 -21.96 -17.53 -13.48
CA MET D 318 -21.96 -17.52 -13.46
C MET D 318 -23.19 -16.67 -13.77
N VAL D 319 -23.20 -15.42 -13.32
CA VAL D 319 -24.38 -14.55 -13.52
C VAL D 319 -24.54 -14.28 -15.01
N ALA D 320 -23.46 -13.95 -15.71
CA ALA D 320 -23.52 -13.55 -17.14
C ALA D 320 -24.08 -14.69 -17.95
N MET D 321 -23.71 -15.92 -17.60
CA MET D 321 -24.08 -17.09 -18.42
C MET D 321 -25.51 -17.47 -18.16
N THR D 322 -26.21 -16.89 -17.18
CA THR D 322 -27.68 -17.09 -17.09
C THR D 322 -28.41 -16.32 -18.22
N LYS D 323 -27.73 -15.42 -18.90
CA LYS D 323 -28.33 -14.57 -19.94
C LYS D 323 -27.76 -14.93 -21.29
N THR D 324 -26.48 -15.27 -21.40
CA THR D 324 -25.85 -15.32 -22.75
C THR D 324 -24.77 -16.41 -22.83
N GLN D 325 -24.57 -16.98 -24.03
CA GLN D 325 -23.45 -17.90 -24.35
C GLN D 325 -22.53 -17.23 -25.35
N ASP D 326 -22.83 -15.99 -25.70
CA ASP D 326 -22.05 -15.22 -26.70
C ASP D 326 -20.80 -14.62 -26.04
N SER D 327 -19.62 -15.00 -26.50
CA SER D 327 -18.35 -14.57 -25.85
C SER D 327 -18.18 -13.04 -25.98
N LYS D 328 -18.67 -12.43 -27.06
CA LYS D 328 -18.64 -10.95 -27.19
C LYS D 328 -19.49 -10.26 -26.12
N GLU D 329 -20.68 -10.77 -25.85
CA GLU D 329 -21.55 -10.26 -24.80
C GLU D 329 -20.89 -10.50 -23.44
N LEU D 330 -20.31 -11.68 -23.22
CA LEU D 330 -19.57 -11.93 -21.95
C LEU D 330 -18.42 -10.92 -21.81
N GLN D 331 -17.74 -10.55 -22.87
CA GLN D 331 -16.62 -9.60 -22.73
C GLN D 331 -17.20 -8.21 -22.36
N ARG D 332 -18.29 -7.79 -23.01
CA ARG D 332 -18.96 -6.52 -22.70
C ARG D 332 -19.25 -6.49 -21.20
N ILE D 333 -19.83 -7.57 -20.71
CA ILE D 333 -20.25 -7.69 -19.29
C ILE D 333 -18.99 -7.55 -18.42
N PHE D 334 -17.89 -8.21 -18.77
CA PHE D 334 -16.63 -8.11 -18.01
C PHE D 334 -16.05 -6.68 -18.10
N TRP D 335 -16.50 -5.87 -19.05
CA TRP D 335 -16.07 -4.47 -19.16
C TRP D 335 -17.04 -3.47 -18.55
N GLU D 336 -18.25 -3.87 -18.18
CA GLU D 336 -19.25 -2.93 -17.62
C GLU D 336 -19.53 -3.15 -16.13
N TYR D 337 -19.25 -4.35 -15.60
CA TYR D 337 -19.63 -4.73 -14.21
C TYR D 337 -18.37 -4.89 -13.36
C1 CIT E . 12.16 21.11 -7.73
O1 CIT E . 11.31 22.12 -7.83
O2 CIT E . 13.25 21.17 -7.12
C2 CIT E . 11.87 19.72 -8.20
C3 CIT E . 11.37 19.51 -9.63
O7 CIT E . 12.36 19.84 -10.58
C4 CIT E . 11.15 17.99 -9.79
C5 CIT E . 10.78 17.58 -11.20
O3 CIT E . 9.62 17.78 -11.57
C6 CIT E . 10.10 20.38 -9.86
O5 CIT E . 10.11 21.25 -10.78
O6 CIT E . 9.17 20.23 -9.07
C1 CIT F . -3.21 13.49 21.53
O1 CIT F . -4.03 14.44 21.29
O2 CIT F . -2.09 13.65 22.16
C2 CIT F . -3.57 12.20 20.86
C3 CIT F . -3.47 10.93 21.71
O7 CIT F . -4.36 10.92 22.79
C4 CIT F . -3.85 9.76 20.81
C5 CIT F . -3.98 8.47 21.60
O3 CIT F . -2.99 7.86 21.83
C6 CIT F . -2.01 10.83 22.26
O5 CIT F . -1.82 10.77 23.53
O6 CIT F . -1.14 10.79 21.36
C1 CIT G . 4.50 -14.02 -20.91
O1 CIT G . 3.44 -14.16 -21.53
O2 CIT G . 5.27 -15.01 -20.59
C2 CIT G . 4.70 -12.63 -20.41
C3 CIT G . 6.11 -12.02 -20.52
O7 CIT G . 6.46 -11.81 -21.86
C4 CIT G . 6.07 -10.66 -19.81
C5 CIT G . 7.33 -9.82 -19.98
O3 CIT G . 8.28 -10.10 -19.30
C6 CIT G . 7.11 -12.96 -19.85
O5 CIT G . 6.90 -13.23 -18.65
O6 CIT G . 8.07 -13.42 -20.56
C1 CIT H . -13.32 -20.47 7.21
O1 CIT H . -14.40 -20.62 6.55
O2 CIT H . -12.46 -21.43 7.39
C2 CIT H . -12.88 -19.14 7.76
C3 CIT H . -13.90 -18.23 8.45
O7 CIT H . -14.32 -18.77 9.69
C4 CIT H . -13.16 -16.93 8.83
C5 CIT H . -13.97 -15.97 9.71
O3 CIT H . -14.87 -15.32 9.17
C6 CIT H . -15.10 -18.01 7.49
O5 CIT H . -14.84 -17.40 6.40
O6 CIT H . -16.26 -18.36 7.90
#